data_1TWU
# 
_entry.id   1TWU 
# 
_audit_conform.dict_name       mmcif_pdbx.dic 
_audit_conform.dict_version    5.386 
_audit_conform.dict_location   http://mmcif.pdb.org/dictionaries/ascii/mmcif_pdbx.dic 
# 
loop_
_database_2.database_id 
_database_2.database_code 
_database_2.pdbx_database_accession 
_database_2.pdbx_DOI 
PDB   1TWU         pdb_00001twu 10.2210/pdb1twu/pdb 
RCSB  RCSB022982   ?            ?                   
WWPDB D_1000022982 ?            ?                   
# 
loop_
_pdbx_audit_revision_history.ordinal 
_pdbx_audit_revision_history.data_content_type 
_pdbx_audit_revision_history.major_revision 
_pdbx_audit_revision_history.minor_revision 
_pdbx_audit_revision_history.revision_date 
1 'Structure model' 1 0 2004-08-17 
2 'Structure model' 1 1 2008-04-30 
3 'Structure model' 1 2 2011-07-13 
4 'Structure model' 1 3 2024-02-14 
# 
_pdbx_audit_revision_details.ordinal             1 
_pdbx_audit_revision_details.revision_ordinal    1 
_pdbx_audit_revision_details.data_content_type   'Structure model' 
_pdbx_audit_revision_details.provider            repository 
_pdbx_audit_revision_details.type                'Initial release' 
_pdbx_audit_revision_details.description         ? 
_pdbx_audit_revision_details.details             ? 
# 
loop_
_pdbx_audit_revision_group.ordinal 
_pdbx_audit_revision_group.revision_ordinal 
_pdbx_audit_revision_group.data_content_type 
_pdbx_audit_revision_group.group 
1 2 'Structure model' 'Version format compliance' 
2 3 'Structure model' 'Derived calculations'      
3 3 'Structure model' 'Version format compliance' 
4 4 'Structure model' 'Data collection'           
5 4 'Structure model' 'Database references'       
# 
loop_
_pdbx_audit_revision_category.ordinal 
_pdbx_audit_revision_category.revision_ordinal 
_pdbx_audit_revision_category.data_content_type 
_pdbx_audit_revision_category.category 
1 4 'Structure model' chem_comp_atom 
2 4 'Structure model' chem_comp_bond 
3 4 'Structure model' database_2     
# 
loop_
_pdbx_audit_revision_item.ordinal 
_pdbx_audit_revision_item.revision_ordinal 
_pdbx_audit_revision_item.data_content_type 
_pdbx_audit_revision_item.item 
1 4 'Structure model' '_database_2.pdbx_DOI'                
2 4 'Structure model' '_database_2.pdbx_database_accession' 
# 
_pdbx_database_status.status_code                     REL 
_pdbx_database_status.entry_id                        1TWU 
_pdbx_database_status.recvd_initial_deposition_date   2004-07-01 
_pdbx_database_status.deposit_site                    RCSB 
_pdbx_database_status.process_site                    RCSB 
_pdbx_database_status.SG_entry                        Y 
_pdbx_database_status.status_code_sf                  REL 
_pdbx_database_status.status_code_mr                  ? 
_pdbx_database_status.pdb_format_compatible           Y 
_pdbx_database_status.status_code_cs                  ? 
_pdbx_database_status.status_code_nmr_data            ? 
_pdbx_database_status.methods_development_category    ? 
# 
_pdbx_database_related.db_name        TargetDB 
_pdbx_database_related.db_id          APC1848 
_pdbx_database_related.details        . 
_pdbx_database_related.content_type   unspecified 
# 
loop_
_audit_author.name 
_audit_author.pdbx_ordinal 
'Zhang, R.'                                     1 
'Quartey, P.'                                   2 
'Collart, F.'                                   3 
'Joachimiak, A.'                                4 
'Midwest Center for Structural Genomics (MCSG)' 5 
# 
_citation.id                        primary 
_citation.title                     '2.0 A crystal structure of a hypothetical protein yycE from Bacillus subtilis' 
_citation.journal_abbrev            'To be Published' 
_citation.journal_volume            ? 
_citation.page_first                ? 
_citation.page_last                 ? 
_citation.year                      ? 
_citation.journal_id_ASTM           ? 
_citation.country                   ? 
_citation.journal_id_ISSN           ? 
_citation.journal_id_CSD            0353 
_citation.book_publisher            ? 
_citation.pdbx_database_id_PubMed   ? 
_citation.pdbx_database_id_DOI      ? 
# 
loop_
_citation_author.citation_id 
_citation_author.name 
_citation_author.ordinal 
_citation_author.identifier_ORCID 
primary 'Zhang, R.'      1 ? 
primary 'Quartey, P.'    2 ? 
primary 'Collart, F.'    3 ? 
primary 'Joachimiak, A.' 4 ? 
# 
loop_
_entity.id 
_entity.type 
_entity.src_method 
_entity.pdbx_description 
_entity.formula_weight 
_entity.pdbx_number_of_molecules 
_entity.pdbx_ec 
_entity.pdbx_mutation 
_entity.pdbx_fragment 
_entity.details 
1 polymer man 'Hypothetical protein yycE' 15604.514 1  ? ? ? ? 
2 water   nat water                       18.015    79 ? ? ? ? 
# 
_entity_poly.entity_id                      1 
_entity_poly.type                           'polypeptide(L)' 
_entity_poly.nstd_linkage                   no 
_entity_poly.nstd_monomer                   no 
_entity_poly.pdbx_seq_one_letter_code       
;MGKRFSSFQAAQIRIARPTGQLDEIIRFYEEGLCLKRIGEFSQHNGYDGVMFGLPHADYHLEFTQYEGGSTAPVPHPDSL
LVFYVPNAVELAAITSKLKHMGYQEVESENPYWSNGGVTIEDPDGWRIVFMNSKGISGK
;
_entity_poly.pdbx_seq_one_letter_code_can   
;MGKRFSSFQAAQIRIARPTGQLDEIIRFYEEGLCLKRIGEFSQHNGYDGVMFGLPHADYHLEFTQYEGGSTAPVPHPDSL
LVFYVPNAVELAAITSKLKHMGYQEVESENPYWSNGGVTIEDPDGWRIVFMNSKGISGK
;
_entity_poly.pdbx_strand_id                 A 
_entity_poly.pdbx_target_identifier         APC1848 
# 
_pdbx_entity_nonpoly.entity_id   2 
_pdbx_entity_nonpoly.name        water 
_pdbx_entity_nonpoly.comp_id     HOH 
# 
loop_
_entity_poly_seq.entity_id 
_entity_poly_seq.num 
_entity_poly_seq.mon_id 
_entity_poly_seq.hetero 
1 1   MET n 
1 2   GLY n 
1 3   LYS n 
1 4   ARG n 
1 5   PHE n 
1 6   SER n 
1 7   SER n 
1 8   PHE n 
1 9   GLN n 
1 10  ALA n 
1 11  ALA n 
1 12  GLN n 
1 13  ILE n 
1 14  ARG n 
1 15  ILE n 
1 16  ALA n 
1 17  ARG n 
1 18  PRO n 
1 19  THR n 
1 20  GLY n 
1 21  GLN n 
1 22  LEU n 
1 23  ASP n 
1 24  GLU n 
1 25  ILE n 
1 26  ILE n 
1 27  ARG n 
1 28  PHE n 
1 29  TYR n 
1 30  GLU n 
1 31  GLU n 
1 32  GLY n 
1 33  LEU n 
1 34  CYS n 
1 35  LEU n 
1 36  LYS n 
1 37  ARG n 
1 38  ILE n 
1 39  GLY n 
1 40  GLU n 
1 41  PHE n 
1 42  SER n 
1 43  GLN n 
1 44  HIS n 
1 45  ASN n 
1 46  GLY n 
1 47  TYR n 
1 48  ASP n 
1 49  GLY n 
1 50  VAL n 
1 51  MET n 
1 52  PHE n 
1 53  GLY n 
1 54  LEU n 
1 55  PRO n 
1 56  HIS n 
1 57  ALA n 
1 58  ASP n 
1 59  TYR n 
1 60  HIS n 
1 61  LEU n 
1 62  GLU n 
1 63  PHE n 
1 64  THR n 
1 65  GLN n 
1 66  TYR n 
1 67  GLU n 
1 68  GLY n 
1 69  GLY n 
1 70  SER n 
1 71  THR n 
1 72  ALA n 
1 73  PRO n 
1 74  VAL n 
1 75  PRO n 
1 76  HIS n 
1 77  PRO n 
1 78  ASP n 
1 79  SER n 
1 80  LEU n 
1 81  LEU n 
1 82  VAL n 
1 83  PHE n 
1 84  TYR n 
1 85  VAL n 
1 86  PRO n 
1 87  ASN n 
1 88  ALA n 
1 89  VAL n 
1 90  GLU n 
1 91  LEU n 
1 92  ALA n 
1 93  ALA n 
1 94  ILE n 
1 95  THR n 
1 96  SER n 
1 97  LYS n 
1 98  LEU n 
1 99  LYS n 
1 100 HIS n 
1 101 MET n 
1 102 GLY n 
1 103 TYR n 
1 104 GLN n 
1 105 GLU n 
1 106 VAL n 
1 107 GLU n 
1 108 SER n 
1 109 GLU n 
1 110 ASN n 
1 111 PRO n 
1 112 TYR n 
1 113 TRP n 
1 114 SER n 
1 115 ASN n 
1 116 GLY n 
1 117 GLY n 
1 118 VAL n 
1 119 THR n 
1 120 ILE n 
1 121 GLU n 
1 122 ASP n 
1 123 PRO n 
1 124 ASP n 
1 125 GLY n 
1 126 TRP n 
1 127 ARG n 
1 128 ILE n 
1 129 VAL n 
1 130 PHE n 
1 131 MET n 
1 132 ASN n 
1 133 SER n 
1 134 LYS n 
1 135 GLY n 
1 136 ILE n 
1 137 SER n 
1 138 GLY n 
1 139 LYS n 
# 
_entity_src_gen.entity_id                          1 
_entity_src_gen.pdbx_src_id                        1 
_entity_src_gen.pdbx_alt_source_flag               sample 
_entity_src_gen.pdbx_seq_type                      ? 
_entity_src_gen.pdbx_beg_seq_num                   ? 
_entity_src_gen.pdbx_end_seq_num                   ? 
_entity_src_gen.gene_src_common_name               ? 
_entity_src_gen.gene_src_genus                     Bacillus 
_entity_src_gen.pdbx_gene_src_gene                 'YYCE or BSU40430' 
_entity_src_gen.gene_src_species                   ? 
_entity_src_gen.gene_src_strain                    168 
_entity_src_gen.gene_src_tissue                    ? 
_entity_src_gen.gene_src_tissue_fraction           ? 
_entity_src_gen.gene_src_details                   ? 
_entity_src_gen.pdbx_gene_src_fragment             ? 
_entity_src_gen.pdbx_gene_src_scientific_name      'Bacillus subtilis' 
_entity_src_gen.pdbx_gene_src_ncbi_taxonomy_id     1423 
_entity_src_gen.pdbx_gene_src_variant              ? 
_entity_src_gen.pdbx_gene_src_cell_line            ? 
_entity_src_gen.pdbx_gene_src_atcc                 ? 
_entity_src_gen.pdbx_gene_src_organ                ? 
_entity_src_gen.pdbx_gene_src_organelle            ? 
_entity_src_gen.pdbx_gene_src_cell                 ? 
_entity_src_gen.pdbx_gene_src_cellular_location    ? 
_entity_src_gen.host_org_common_name               ? 
_entity_src_gen.pdbx_host_org_scientific_name      'Escherichia coli BL21(DE3)' 
_entity_src_gen.pdbx_host_org_ncbi_taxonomy_id     469008 
_entity_src_gen.host_org_genus                     Escherichia 
_entity_src_gen.pdbx_host_org_gene                 ? 
_entity_src_gen.pdbx_host_org_organ                ? 
_entity_src_gen.host_org_species                   'Escherichia coli' 
_entity_src_gen.pdbx_host_org_tissue               ? 
_entity_src_gen.pdbx_host_org_tissue_fraction      ? 
_entity_src_gen.pdbx_host_org_strain               'BL21(DE3)' 
_entity_src_gen.pdbx_host_org_variant              ? 
_entity_src_gen.pdbx_host_org_cell_line            ? 
_entity_src_gen.pdbx_host_org_atcc                 ? 
_entity_src_gen.pdbx_host_org_culture_collection   ? 
_entity_src_gen.pdbx_host_org_cell                 ? 
_entity_src_gen.pdbx_host_org_organelle            ? 
_entity_src_gen.pdbx_host_org_cellular_location    ? 
_entity_src_gen.pdbx_host_org_vector_type          PLASMID 
_entity_src_gen.pdbx_host_org_vector               ? 
_entity_src_gen.host_org_details                   ? 
_entity_src_gen.expression_system_id               ? 
_entity_src_gen.plasmid_name                       PDM68 
_entity_src_gen.plasmid_details                    ? 
_entity_src_gen.pdbx_description                   ? 
# 
loop_
_chem_comp.id 
_chem_comp.type 
_chem_comp.mon_nstd_flag 
_chem_comp.name 
_chem_comp.pdbx_synonyms 
_chem_comp.formula 
_chem_comp.formula_weight 
ALA 'L-peptide linking' y ALANINE         ? 'C3 H7 N O2'     89.093  
ARG 'L-peptide linking' y ARGININE        ? 'C6 H15 N4 O2 1' 175.209 
ASN 'L-peptide linking' y ASPARAGINE      ? 'C4 H8 N2 O3'    132.118 
ASP 'L-peptide linking' y 'ASPARTIC ACID' ? 'C4 H7 N O4'     133.103 
CYS 'L-peptide linking' y CYSTEINE        ? 'C3 H7 N O2 S'   121.158 
GLN 'L-peptide linking' y GLUTAMINE       ? 'C5 H10 N2 O3'   146.144 
GLU 'L-peptide linking' y 'GLUTAMIC ACID' ? 'C5 H9 N O4'     147.129 
GLY 'peptide linking'   y GLYCINE         ? 'C2 H5 N O2'     75.067  
HIS 'L-peptide linking' y HISTIDINE       ? 'C6 H10 N3 O2 1' 156.162 
HOH non-polymer         . WATER           ? 'H2 O'           18.015  
ILE 'L-peptide linking' y ISOLEUCINE      ? 'C6 H13 N O2'    131.173 
LEU 'L-peptide linking' y LEUCINE         ? 'C6 H13 N O2'    131.173 
LYS 'L-peptide linking' y LYSINE          ? 'C6 H15 N2 O2 1' 147.195 
MET 'L-peptide linking' y METHIONINE      ? 'C5 H11 N O2 S'  149.211 
PHE 'L-peptide linking' y PHENYLALANINE   ? 'C9 H11 N O2'    165.189 
PRO 'L-peptide linking' y PROLINE         ? 'C5 H9 N O2'     115.130 
SER 'L-peptide linking' y SERINE          ? 'C3 H7 N O3'     105.093 
THR 'L-peptide linking' y THREONINE       ? 'C4 H9 N O3'     119.119 
TRP 'L-peptide linking' y TRYPTOPHAN      ? 'C11 H12 N2 O2'  204.225 
TYR 'L-peptide linking' y TYROSINE        ? 'C9 H11 N O3'    181.189 
VAL 'L-peptide linking' y VALINE          ? 'C5 H11 N O2'    117.146 
# 
loop_
_pdbx_poly_seq_scheme.asym_id 
_pdbx_poly_seq_scheme.entity_id 
_pdbx_poly_seq_scheme.seq_id 
_pdbx_poly_seq_scheme.mon_id 
_pdbx_poly_seq_scheme.ndb_seq_num 
_pdbx_poly_seq_scheme.pdb_seq_num 
_pdbx_poly_seq_scheme.auth_seq_num 
_pdbx_poly_seq_scheme.pdb_mon_id 
_pdbx_poly_seq_scheme.auth_mon_id 
_pdbx_poly_seq_scheme.pdb_strand_id 
_pdbx_poly_seq_scheme.pdb_ins_code 
_pdbx_poly_seq_scheme.hetero 
A 1 1   MET 1   1   ?   ?   ?   A . n 
A 1 2   GLY 2   2   ?   ?   ?   A . n 
A 1 3   LYS 3   3   3   LYS LYS A . n 
A 1 4   ARG 4   4   4   ARG ARG A . n 
A 1 5   PHE 5   5   5   PHE PHE A . n 
A 1 6   SER 6   6   6   SER SER A . n 
A 1 7   SER 7   7   7   SER SER A . n 
A 1 8   PHE 8   8   8   PHE PHE A . n 
A 1 9   GLN 9   9   9   GLN GLN A . n 
A 1 10  ALA 10  10  10  ALA ALA A . n 
A 1 11  ALA 11  11  11  ALA ALA A . n 
A 1 12  GLN 12  12  12  GLN GLN A . n 
A 1 13  ILE 13  13  13  ILE ILE A . n 
A 1 14  ARG 14  14  14  ARG ARG A . n 
A 1 15  ILE 15  15  15  ILE ILE A . n 
A 1 16  ALA 16  16  16  ALA ALA A . n 
A 1 17  ARG 17  17  17  ARG ARG A . n 
A 1 18  PRO 18  18  18  PRO PRO A . n 
A 1 19  THR 19  19  19  THR THR A . n 
A 1 20  GLY 20  20  20  GLY GLY A . n 
A 1 21  GLN 21  21  21  GLN GLN A . n 
A 1 22  LEU 22  22  22  LEU LEU A . n 
A 1 23  ASP 23  23  23  ASP ASP A . n 
A 1 24  GLU 24  24  24  GLU GLU A . n 
A 1 25  ILE 25  25  25  ILE ILE A . n 
A 1 26  ILE 26  26  26  ILE ILE A . n 
A 1 27  ARG 27  27  27  ARG ARG A . n 
A 1 28  PHE 28  28  28  PHE PHE A . n 
A 1 29  TYR 29  29  29  TYR TYR A . n 
A 1 30  GLU 30  30  30  GLU GLU A . n 
A 1 31  GLU 31  31  31  GLU GLU A . n 
A 1 32  GLY 32  32  32  GLY GLY A . n 
A 1 33  LEU 33  33  33  LEU LEU A . n 
A 1 34  CYS 34  34  34  CYS CYS A . n 
A 1 35  LEU 35  35  35  LEU LEU A . n 
A 1 36  LYS 36  36  36  LYS LYS A . n 
A 1 37  ARG 37  37  37  ARG ARG A . n 
A 1 38  ILE 38  38  38  ILE ILE A . n 
A 1 39  GLY 39  39  39  GLY GLY A . n 
A 1 40  GLU 40  40  40  GLU GLU A . n 
A 1 41  PHE 41  41  41  PHE PHE A . n 
A 1 42  SER 42  42  42  SER SER A . n 
A 1 43  GLN 43  43  43  GLN GLN A . n 
A 1 44  HIS 44  44  44  HIS HIS A . n 
A 1 45  ASN 45  45  45  ASN ASN A . n 
A 1 46  GLY 46  46  46  GLY GLY A . n 
A 1 47  TYR 47  47  47  TYR TYR A . n 
A 1 48  ASP 48  48  48  ASP ASP A . n 
A 1 49  GLY 49  49  49  GLY GLY A . n 
A 1 50  VAL 50  50  50  VAL VAL A . n 
A 1 51  MET 51  51  51  MET MET A . n 
A 1 52  PHE 52  52  52  PHE PHE A . n 
A 1 53  GLY 53  53  53  GLY GLY A . n 
A 1 54  LEU 54  54  54  LEU LEU A . n 
A 1 55  PRO 55  55  55  PRO PRO A . n 
A 1 56  HIS 56  56  56  HIS HIS A . n 
A 1 57  ALA 57  57  57  ALA ALA A . n 
A 1 58  ASP 58  58  58  ASP ASP A . n 
A 1 59  TYR 59  59  59  TYR TYR A . n 
A 1 60  HIS 60  60  60  HIS HIS A . n 
A 1 61  LEU 61  61  61  LEU LEU A . n 
A 1 62  GLU 62  62  62  GLU GLU A . n 
A 1 63  PHE 63  63  63  PHE PHE A . n 
A 1 64  THR 64  64  64  THR THR A . n 
A 1 65  GLN 65  65  65  GLN GLN A . n 
A 1 66  TYR 66  66  66  TYR TYR A . n 
A 1 67  GLU 67  67  67  GLU GLU A . n 
A 1 68  GLY 68  68  68  GLY GLY A . n 
A 1 69  GLY 69  69  69  GLY GLY A . n 
A 1 70  SER 70  70  70  SER SER A . n 
A 1 71  THR 71  71  71  THR THR A . n 
A 1 72  ALA 72  72  72  ALA ALA A . n 
A 1 73  PRO 73  73  73  PRO PRO A . n 
A 1 74  VAL 74  74  74  VAL VAL A . n 
A 1 75  PRO 75  75  75  PRO PRO A . n 
A 1 76  HIS 76  76  76  HIS HIS A . n 
A 1 77  PRO 77  77  77  PRO PRO A . n 
A 1 78  ASP 78  78  78  ASP ASP A . n 
A 1 79  SER 79  79  79  SER SER A . n 
A 1 80  LEU 80  80  80  LEU LEU A . n 
A 1 81  LEU 81  81  81  LEU LEU A . n 
A 1 82  VAL 82  82  82  VAL VAL A . n 
A 1 83  PHE 83  83  83  PHE PHE A . n 
A 1 84  TYR 84  84  84  TYR TYR A . n 
A 1 85  VAL 85  85  85  VAL VAL A . n 
A 1 86  PRO 86  86  86  PRO PRO A . n 
A 1 87  ASN 87  87  87  ASN ASN A . n 
A 1 88  ALA 88  88  88  ALA ALA A . n 
A 1 89  VAL 89  89  89  VAL VAL A . n 
A 1 90  GLU 90  90  90  GLU GLU A . n 
A 1 91  LEU 91  91  91  LEU LEU A . n 
A 1 92  ALA 92  92  92  ALA ALA A . n 
A 1 93  ALA 93  93  93  ALA ALA A . n 
A 1 94  ILE 94  94  94  ILE ILE A . n 
A 1 95  THR 95  95  95  THR THR A . n 
A 1 96  SER 96  96  96  SER SER A . n 
A 1 97  LYS 97  97  97  LYS LYS A . n 
A 1 98  LEU 98  98  98  LEU LEU A . n 
A 1 99  LYS 99  99  99  LYS LYS A . n 
A 1 100 HIS 100 100 100 HIS HIS A . n 
A 1 101 MET 101 101 101 MET MET A . n 
A 1 102 GLY 102 102 102 GLY GLY A . n 
A 1 103 TYR 103 103 103 TYR TYR A . n 
A 1 104 GLN 104 104 104 GLN GLN A . n 
A 1 105 GLU 105 105 105 GLU GLU A . n 
A 1 106 VAL 106 106 106 VAL VAL A . n 
A 1 107 GLU 107 107 107 GLU GLU A . n 
A 1 108 SER 108 108 108 SER SER A . n 
A 1 109 GLU 109 109 109 GLU GLU A . n 
A 1 110 ASN 110 110 110 ASN ASN A . n 
A 1 111 PRO 111 111 111 PRO PRO A . n 
A 1 112 TYR 112 112 112 TYR TYR A . n 
A 1 113 TRP 113 113 113 TRP TRP A . n 
A 1 114 SER 114 114 114 SER SER A . n 
A 1 115 ASN 115 115 115 ASN ASN A . n 
A 1 116 GLY 116 116 116 GLY GLY A . n 
A 1 117 GLY 117 117 117 GLY GLY A . n 
A 1 118 VAL 118 118 118 VAL VAL A . n 
A 1 119 THR 119 119 119 THR THR A . n 
A 1 120 ILE 120 120 120 ILE ILE A . n 
A 1 121 GLU 121 121 121 GLU GLU A . n 
A 1 122 ASP 122 122 122 ASP ASP A . n 
A 1 123 PRO 123 123 123 PRO PRO A . n 
A 1 124 ASP 124 124 124 ASP ASP A . n 
A 1 125 GLY 125 125 125 GLY GLY A . n 
A 1 126 TRP 126 126 126 TRP TRP A . n 
A 1 127 ARG 127 127 127 ARG ARG A . n 
A 1 128 ILE 128 128 128 ILE ILE A . n 
A 1 129 VAL 129 129 129 VAL VAL A . n 
A 1 130 PHE 130 130 130 PHE PHE A . n 
A 1 131 MET 131 131 131 MET MET A . n 
A 1 132 ASN 132 132 132 ASN ASN A . n 
A 1 133 SER 133 133 133 SER SER A . n 
A 1 134 LYS 134 134 134 LYS LYS A . n 
A 1 135 GLY 135 135 135 GLY GLY A . n 
A 1 136 ILE 136 136 136 ILE ILE A . n 
A 1 137 SER 137 137 137 SER SER A . n 
A 1 138 GLY 138 138 138 GLY GLY A . n 
A 1 139 LYS 139 139 139 LYS LYS A . n 
# 
loop_
_pdbx_nonpoly_scheme.asym_id 
_pdbx_nonpoly_scheme.entity_id 
_pdbx_nonpoly_scheme.mon_id 
_pdbx_nonpoly_scheme.ndb_seq_num 
_pdbx_nonpoly_scheme.pdb_seq_num 
_pdbx_nonpoly_scheme.auth_seq_num 
_pdbx_nonpoly_scheme.pdb_mon_id 
_pdbx_nonpoly_scheme.auth_mon_id 
_pdbx_nonpoly_scheme.pdb_strand_id 
_pdbx_nonpoly_scheme.pdb_ins_code 
B 2 HOH 1  301 301 HOH TIP A . 
B 2 HOH 2  302 302 HOH TIP A . 
B 2 HOH 3  303 303 HOH TIP A . 
B 2 HOH 4  304 304 HOH TIP A . 
B 2 HOH 5  305 305 HOH TIP A . 
B 2 HOH 6  306 306 HOH TIP A . 
B 2 HOH 7  307 307 HOH TIP A . 
B 2 HOH 8  308 308 HOH TIP A . 
B 2 HOH 9  309 309 HOH TIP A . 
B 2 HOH 10 310 310 HOH TIP A . 
B 2 HOH 11 311 311 HOH TIP A . 
B 2 HOH 12 312 312 HOH TIP A . 
B 2 HOH 13 313 313 HOH TIP A . 
B 2 HOH 14 314 314 HOH TIP A . 
B 2 HOH 15 315 315 HOH TIP A . 
B 2 HOH 16 316 316 HOH TIP A . 
B 2 HOH 17 317 317 HOH TIP A . 
B 2 HOH 18 318 318 HOH TIP A . 
B 2 HOH 19 319 319 HOH TIP A . 
B 2 HOH 20 320 320 HOH TIP A . 
B 2 HOH 21 321 321 HOH TIP A . 
B 2 HOH 22 322 322 HOH TIP A . 
B 2 HOH 23 323 323 HOH TIP A . 
B 2 HOH 24 324 324 HOH TIP A . 
B 2 HOH 25 325 325 HOH TIP A . 
B 2 HOH 26 326 326 HOH TIP A . 
B 2 HOH 27 327 327 HOH TIP A . 
B 2 HOH 28 328 328 HOH TIP A . 
B 2 HOH 29 329 329 HOH TIP A . 
B 2 HOH 30 330 330 HOH TIP A . 
B 2 HOH 31 331 331 HOH TIP A . 
B 2 HOH 32 332 332 HOH TIP A . 
B 2 HOH 33 333 333 HOH TIP A . 
B 2 HOH 34 334 334 HOH TIP A . 
B 2 HOH 35 335 335 HOH TIP A . 
B 2 HOH 36 336 336 HOH TIP A . 
B 2 HOH 37 337 337 HOH TIP A . 
B 2 HOH 38 338 338 HOH TIP A . 
B 2 HOH 39 339 339 HOH TIP A . 
B 2 HOH 40 340 340 HOH TIP A . 
B 2 HOH 41 341 341 HOH TIP A . 
B 2 HOH 42 342 342 HOH TIP A . 
B 2 HOH 43 343 343 HOH TIP A . 
B 2 HOH 44 344 344 HOH TIP A . 
B 2 HOH 45 345 345 HOH TIP A . 
B 2 HOH 46 346 346 HOH TIP A . 
B 2 HOH 47 347 347 HOH TIP A . 
B 2 HOH 48 348 348 HOH TIP A . 
B 2 HOH 49 349 349 HOH TIP A . 
B 2 HOH 50 350 350 HOH TIP A . 
B 2 HOH 51 351 351 HOH TIP A . 
B 2 HOH 52 352 352 HOH TIP A . 
B 2 HOH 53 353 353 HOH TIP A . 
B 2 HOH 54 354 354 HOH TIP A . 
B 2 HOH 55 355 355 HOH TIP A . 
B 2 HOH 56 356 356 HOH TIP A . 
B 2 HOH 57 357 357 HOH TIP A . 
B 2 HOH 58 358 358 HOH TIP A . 
B 2 HOH 59 359 359 HOH TIP A . 
B 2 HOH 60 360 360 HOH TIP A . 
B 2 HOH 61 361 361 HOH TIP A . 
B 2 HOH 62 362 362 HOH TIP A . 
B 2 HOH 63 363 363 HOH TIP A . 
B 2 HOH 64 364 364 HOH TIP A . 
B 2 HOH 65 365 365 HOH TIP A . 
B 2 HOH 66 366 366 HOH TIP A . 
B 2 HOH 67 367 367 HOH TIP A . 
B 2 HOH 68 368 368 HOH TIP A . 
B 2 HOH 69 369 369 HOH TIP A . 
B 2 HOH 70 370 370 HOH TIP A . 
B 2 HOH 71 371 371 HOH TIP A . 
B 2 HOH 72 372 372 HOH TIP A . 
B 2 HOH 73 373 373 HOH TIP A . 
B 2 HOH 74 374 374 HOH TIP A . 
B 2 HOH 75 375 375 HOH TIP A . 
B 2 HOH 76 376 376 HOH TIP A . 
B 2 HOH 77 377 377 HOH TIP A . 
B 2 HOH 78 378 378 HOH TIP A . 
B 2 HOH 79 379 379 HOH TIP A . 
# 
loop_
_software.name 
_software.classification 
_software.version 
_software.citation_id 
_software.pdbx_ordinal 
CNS         refinement        1.1 ? 1 
SBC-Collect 'data collection' .   ? 2 
HKL-2000    'data scaling'    .   ? 3 
CNS         phasing           .   ? 4 
# 
_cell.entry_id           1TWU 
_cell.length_a           59.773 
_cell.length_b           59.773 
_cell.length_c           112.208 
_cell.angle_alpha        90.00 
_cell.angle_beta         90.00 
_cell.angle_gamma        90.00 
_cell.Z_PDB              8 
_cell.pdbx_unique_axis   ? 
# 
_symmetry.entry_id                         1TWU 
_symmetry.space_group_name_H-M             'P 43 21 2' 
_symmetry.pdbx_full_space_group_name_H-M   ? 
_symmetry.cell_setting                     ? 
_symmetry.Int_Tables_number                96 
_symmetry.space_group_name_Hall            ? 
# 
_exptl.entry_id          1TWU 
_exptl.method            'X-RAY DIFFRACTION' 
_exptl.crystals_number   1 
# 
_exptl_crystal.id                    1 
_exptl_crystal.density_meas          ? 
_exptl_crystal.density_Matthews      3.215 
_exptl_crystal.density_percent_sol   60.27 
_exptl_crystal.description           ? 
_exptl_crystal.F_000                 ? 
_exptl_crystal.preparation           ? 
# 
_exptl_crystal_grow.crystal_id      1 
_exptl_crystal_grow.method          'VAPOR DIFFUSION, SITTING DROP' 
_exptl_crystal_grow.temp            ? 
_exptl_crystal_grow.temp_details    ? 
_exptl_crystal_grow.pH              ? 
_exptl_crystal_grow.pdbx_details    'VAPOR DIFFUSION, SITTING DROP' 
_exptl_crystal_grow.pdbx_pH_range   . 
# 
_diffrn.id                     1 
_diffrn.ambient_temp           100 
_diffrn.ambient_temp_details   ? 
_diffrn.crystal_id             1 
# 
_diffrn_detector.diffrn_id              1 
_diffrn_detector.detector               CCD 
_diffrn_detector.type                   SBC-3 
_diffrn_detector.pdbx_collection_date   2004-06-18 
_diffrn_detector.details                mirrors 
# 
_diffrn_radiation.diffrn_id                        1 
_diffrn_radiation.wavelength_id                    1 
_diffrn_radiation.pdbx_monochromatic_or_laue_m_l   M 
_diffrn_radiation.monochromator                    'Si 111 channel' 
_diffrn_radiation.pdbx_diffrn_protocol             'SINGLE WAVELENGTH' 
_diffrn_radiation.pdbx_scattering_type             x-ray 
# 
_diffrn_radiation_wavelength.id           1 
_diffrn_radiation_wavelength.wavelength   0.9795 
_diffrn_radiation_wavelength.wt           1.0 
# 
_diffrn_source.diffrn_id                   1 
_diffrn_source.source                      SYNCHROTRON 
_diffrn_source.type                        'APS BEAMLINE 19-BM' 
_diffrn_source.pdbx_synchrotron_site       APS 
_diffrn_source.pdbx_synchrotron_beamline   19-BM 
_diffrn_source.pdbx_wavelength             ? 
_diffrn_source.pdbx_wavelength_list        0.9795 
# 
_reflns.entry_id                     1TWU 
_reflns.observed_criterion_sigma_I   4.0 
_reflns.observed_criterion_sigma_F   4.0 
_reflns.d_resolution_low             50.0 
_reflns.d_resolution_high            2.0 
_reflns.number_obs                   25357 
_reflns.number_all                   26277 
_reflns.percent_possible_obs         96.5 
_reflns.pdbx_Rmerge_I_obs            0.062 
_reflns.pdbx_Rsym_value              ? 
_reflns.pdbx_netI_over_sigmaI        23.7 
_reflns.B_iso_Wilson_estimate        16.4 
_reflns.pdbx_redundancy              5.2 
_reflns.R_free_details               ? 
_reflns.limit_h_max                  ? 
_reflns.limit_h_min                  ? 
_reflns.limit_k_max                  ? 
_reflns.limit_k_min                  ? 
_reflns.limit_l_max                  ? 
_reflns.limit_l_min                  ? 
_reflns.observed_criterion_F_max     ? 
_reflns.observed_criterion_F_min     ? 
_reflns.pdbx_chi_squared             ? 
_reflns.pdbx_scaling_rejects         ? 
_reflns.pdbx_ordinal                 1 
_reflns.pdbx_diffrn_id               1 
# 
_reflns_shell.d_res_high             2.0 
_reflns_shell.d_res_low              2.07 
_reflns_shell.percent_possible_all   75.6 
_reflns_shell.Rmerge_I_obs           0.287 
_reflns_shell.pdbx_Rsym_value        ? 
_reflns_shell.meanI_over_sigI_obs    2.90 
_reflns_shell.pdbx_redundancy        3.6 
_reflns_shell.percent_possible_obs   ? 
_reflns_shell.number_unique_all      2631 
_reflns_shell.number_measured_all    ? 
_reflns_shell.number_measured_obs    ? 
_reflns_shell.number_unique_obs      ? 
_reflns_shell.pdbx_chi_squared       ? 
_reflns_shell.pdbx_ordinal           1 
_reflns_shell.pdbx_diffrn_id         1 
# 
_refine.entry_id                                 1TWU 
_refine.ls_number_reflns_obs                     24172 
_refine.ls_number_reflns_all                     26274 
_refine.pdbx_ls_sigma_I                          ? 
_refine.pdbx_ls_sigma_F                          0.0 
_refine.pdbx_data_cutoff_high_absF               269090.61 
_refine.pdbx_data_cutoff_low_absF                0.000000 
_refine.pdbx_data_cutoff_high_rms_absF           ? 
_refine.ls_d_res_low                             39.55 
_refine.ls_d_res_high                            2.00 
_refine.ls_percent_reflns_obs                    92.0 
_refine.ls_R_factor_obs                          0.207 
_refine.ls_R_factor_all                          0.212 
_refine.ls_R_factor_R_work                       0.207 
_refine.ls_R_factor_R_free                       0.233 
_refine.ls_R_factor_R_free_error                 0.007 
_refine.ls_R_factor_R_free_error_details         ? 
_refine.ls_percent_reflns_R_free                 4.8 
_refine.ls_number_reflns_R_free                  1155 
_refine.ls_number_parameters                     ? 
_refine.ls_number_restraints                     ? 
_refine.occupancy_min                            ? 
_refine.occupancy_max                            ? 
_refine.correlation_coeff_Fo_to_Fc               ? 
_refine.correlation_coeff_Fo_to_Fc_free          ? 
_refine.B_iso_mean                               33.9 
_refine.aniso_B[1][1]                            5.58 
_refine.aniso_B[2][2]                            5.58 
_refine.aniso_B[3][3]                            -11.15 
_refine.aniso_B[1][2]                            0.00 
_refine.aniso_B[1][3]                            0.00 
_refine.aniso_B[2][3]                            0.00 
_refine.solvent_model_details                    'FLAT MODEL' 
_refine.solvent_model_param_ksol                 0.361403 
_refine.solvent_model_param_bsol                 52.1179 
_refine.pdbx_solvent_vdw_probe_radii             ? 
_refine.pdbx_solvent_ion_probe_radii             ? 
_refine.pdbx_solvent_shrinkage_radii             ? 
_refine.pdbx_ls_cross_valid_method               THROUGHOUT 
_refine.details                                  ? 
_refine.pdbx_starting_model                      ? 
_refine.pdbx_method_to_determine_struct          SAD 
_refine.pdbx_isotropic_thermal_model             RESTRAINED 
_refine.pdbx_stereochemistry_target_values       'Engh & Huber' 
_refine.pdbx_stereochem_target_val_spec_case     ? 
_refine.pdbx_R_Free_selection_details            RANDOM 
_refine.pdbx_overall_ESU_R                       ? 
_refine.pdbx_overall_ESU_R_Free                  ? 
_refine.overall_SU_ML                            ? 
_refine.overall_SU_B                             ? 
_refine.ls_redundancy_reflns_obs                 ? 
_refine.B_iso_min                                ? 
_refine.B_iso_max                                ? 
_refine.overall_SU_R_Cruickshank_DPI             ? 
_refine.overall_SU_R_free                        ? 
_refine.ls_wR_factor_R_free                      ? 
_refine.ls_wR_factor_R_work                      ? 
_refine.overall_FOM_free_R_set                   ? 
_refine.overall_FOM_work_R_set                   ? 
_refine.pdbx_refine_id                           'X-RAY DIFFRACTION' 
_refine.pdbx_diffrn_id                           1 
_refine.pdbx_TLS_residual_ADP_flag               ? 
_refine.pdbx_overall_phase_error                 ? 
_refine.pdbx_overall_SU_R_free_Cruickshank_DPI   ? 
_refine.pdbx_overall_SU_R_Blow_DPI               ? 
_refine.pdbx_overall_SU_R_free_Blow_DPI          ? 
# 
_refine_analyze.entry_id                        1TWU 
_refine_analyze.Luzzati_coordinate_error_obs    0.26 
_refine_analyze.Luzzati_sigma_a_obs             0.29 
_refine_analyze.Luzzati_d_res_low_obs           5.00 
_refine_analyze.Luzzati_coordinate_error_free   0.28 
_refine_analyze.Luzzati_sigma_a_free            0.24 
_refine_analyze.Luzzati_d_res_low_free          ? 
_refine_analyze.number_disordered_residues      ? 
_refine_analyze.occupancy_sum_hydrogen          ? 
_refine_analyze.occupancy_sum_non_hydrogen      ? 
_refine_analyze.pdbx_Luzzati_d_res_high_obs     ? 
_refine_analyze.pdbx_refine_id                  'X-RAY DIFFRACTION' 
# 
_refine_hist.pdbx_refine_id                   'X-RAY DIFFRACTION' 
_refine_hist.cycle_id                         LAST 
_refine_hist.pdbx_number_atoms_protein        1089 
_refine_hist.pdbx_number_atoms_nucleic_acid   0 
_refine_hist.pdbx_number_atoms_ligand         0 
_refine_hist.number_atoms_solvent             79 
_refine_hist.number_atoms_total               1168 
_refine_hist.d_res_high                       2.00 
_refine_hist.d_res_low                        39.55 
# 
loop_
_refine_ls_restr.type 
_refine_ls_restr.dev_ideal 
_refine_ls_restr.dev_ideal_target 
_refine_ls_restr.weight 
_refine_ls_restr.number 
_refine_ls_restr.pdbx_refine_id 
_refine_ls_restr.pdbx_restraint_function 
c_bond_d           0.007 ? ? ? 'X-RAY DIFFRACTION' ? 
c_angle_deg        1.4   ? ? ? 'X-RAY DIFFRACTION' ? 
c_dihedral_angle_d 24.7  ? ? ? 'X-RAY DIFFRACTION' ? 
c_improper_angle_d 0.80  ? ? ? 'X-RAY DIFFRACTION' ? 
# 
_refine_ls_shell.pdbx_total_number_of_bins_used   6 
_refine_ls_shell.d_res_high                       2.00 
_refine_ls_shell.d_res_low                        2.13 
_refine_ls_shell.number_reflns_R_work             3080 
_refine_ls_shell.R_factor_R_work                  0.298 
_refine_ls_shell.percent_reflns_obs               73.6 
_refine_ls_shell.R_factor_R_free                  0.33 
_refine_ls_shell.R_factor_R_free_error            0.027 
_refine_ls_shell.percent_reflns_R_free            4.8 
_refine_ls_shell.number_reflns_R_free             154 
_refine_ls_shell.number_reflns_obs                2615 
_refine_ls_shell.redundancy_reflns_obs            ? 
_refine_ls_shell.number_reflns_all                ? 
_refine_ls_shell.pdbx_refine_id                   'X-RAY DIFFRACTION' 
_refine_ls_shell.R_factor_all                     ? 
# 
loop_
_pdbx_xplor_file.serial_no 
_pdbx_xplor_file.param_file 
_pdbx_xplor_file.topol_file 
_pdbx_xplor_file.pdbx_refine_id 
1 PROTEIN_REP.PARAM PROTEIN.TOP 'X-RAY DIFFRACTION' 
2 WATER_REP.PARAM   ?           'X-RAY DIFFRACTION' 
3 ION.PARAM         ?           'X-RAY DIFFRACTION' 
# 
_struct.entry_id                  1TWU 
_struct.title                     
;2.0 A Crystal Structure of a YycE Protein of Unknown Function from Bacillus subtilis, Putative Glyoxalase/Fosfomycin Resistance Protein
;
_struct.pdbx_model_details        ? 
_struct.pdbx_CASP_flag            ? 
_struct.pdbx_model_type_details   ? 
# 
_struct_keywords.entry_id        1TWU 
_struct_keywords.pdbx_keywords   'STRUCTURAL GENOMICS, UNKNOWN FUNCTION' 
_struct_keywords.text            
;Structural genomics, Protein structure initiative, MCSG, duplication of the alpha-beta sandwichs. Bacillus subtilis, PSI, Midwest Center for Structural Genomics, UNKNOWN FUNCTION
;
# 
loop_
_struct_asym.id 
_struct_asym.pdbx_blank_PDB_chainid_flag 
_struct_asym.pdbx_modified 
_struct_asym.entity_id 
_struct_asym.details 
A N N 1 ? 
B N N 2 ? 
# 
_struct_ref.id                         1 
_struct_ref.db_name                    UNP 
_struct_ref.db_code                    YYCE_BACSU 
_struct_ref.pdbx_db_accession          P37479 
_struct_ref.entity_id                  1 
_struct_ref.pdbx_seq_one_letter_code   
;MGKRFSSFQAAQIRIARPTGQLDEIIRFYEEGLCLKRIGEFSQHNGYDGVMFGLPHADYHLEFTQYEGGSTAPVPHPDSL
LVFYVPNAVELAAITSKLKHMGYQEVESENPYWSNGGVTIEDPDGWRIVFMNSKGISGK
;
_struct_ref.pdbx_align_begin           1 
_struct_ref.pdbx_db_isoform            ? 
# 
_struct_ref_seq.align_id                      1 
_struct_ref_seq.ref_id                        1 
_struct_ref_seq.pdbx_PDB_id_code              1TWU 
_struct_ref_seq.pdbx_strand_id                A 
_struct_ref_seq.seq_align_beg                 1 
_struct_ref_seq.pdbx_seq_align_beg_ins_code   ? 
_struct_ref_seq.seq_align_end                 139 
_struct_ref_seq.pdbx_seq_align_end_ins_code   ? 
_struct_ref_seq.pdbx_db_accession             P37479 
_struct_ref_seq.db_align_beg                  1 
_struct_ref_seq.pdbx_db_align_beg_ins_code    ? 
_struct_ref_seq.db_align_end                  139 
_struct_ref_seq.pdbx_db_align_end_ins_code    ? 
_struct_ref_seq.pdbx_auth_seq_align_beg       1 
_struct_ref_seq.pdbx_auth_seq_align_end       139 
# 
_pdbx_struct_assembly.id                   1 
_pdbx_struct_assembly.details              author_and_software_defined_assembly 
_pdbx_struct_assembly.method_details       PISA,PQS 
_pdbx_struct_assembly.oligomeric_details   dimeric 
_pdbx_struct_assembly.oligomeric_count     2 
# 
loop_
_pdbx_struct_assembly_prop.biol_id 
_pdbx_struct_assembly_prop.type 
_pdbx_struct_assembly_prop.value 
_pdbx_struct_assembly_prop.details 
1 'ABSA (A^2)' 5000  ? 
1 MORE         -31   ? 
1 'SSA (A^2)'  11940 ? 
# 
_pdbx_struct_assembly_gen.assembly_id       1 
_pdbx_struct_assembly_gen.oper_expression   1,2 
_pdbx_struct_assembly_gen.asym_id_list      A,B 
# 
loop_
_pdbx_struct_oper_list.id 
_pdbx_struct_oper_list.type 
_pdbx_struct_oper_list.name 
_pdbx_struct_oper_list.symmetry_operation 
_pdbx_struct_oper_list.matrix[1][1] 
_pdbx_struct_oper_list.matrix[1][2] 
_pdbx_struct_oper_list.matrix[1][3] 
_pdbx_struct_oper_list.vector[1] 
_pdbx_struct_oper_list.matrix[2][1] 
_pdbx_struct_oper_list.matrix[2][2] 
_pdbx_struct_oper_list.matrix[2][3] 
_pdbx_struct_oper_list.vector[2] 
_pdbx_struct_oper_list.matrix[3][1] 
_pdbx_struct_oper_list.matrix[3][2] 
_pdbx_struct_oper_list.matrix[3][3] 
_pdbx_struct_oper_list.vector[3] 
1 'identity operation'         1_555 x,y,z  1.0000000000  0.0000000000 0.0000000000  0.0000000000  0.0000000000 1.0000000000  0.0000000000  0.0000000000  0.0000000000  0.0000000000  1.0000000000 0.0000000000 
2 'crystal symmetry operation' 7_555 y,x,-z -0.9688410536 0.1713463840 -0.1788502991 -6.0236225929 0.1713463840 -0.0577478790 -0.9835169542 10.9929176584 -0.1788502991 -0.9835169542 0.0265889326 9.4822707329 
# 
_struct_biol.id                    1 
_struct_biol.details               
;This protein exists as dimer.The second part of the biological assembly is generated 
by the two fold axis:-x,-y,-z
;
_struct_biol.pdbx_parent_biol_id   ? 
# 
loop_
_struct_conf.conf_type_id 
_struct_conf.id 
_struct_conf.pdbx_PDB_helix_id 
_struct_conf.beg_label_comp_id 
_struct_conf.beg_label_asym_id 
_struct_conf.beg_label_seq_id 
_struct_conf.pdbx_beg_PDB_ins_code 
_struct_conf.end_label_comp_id 
_struct_conf.end_label_asym_id 
_struct_conf.end_label_seq_id 
_struct_conf.pdbx_end_PDB_ins_code 
_struct_conf.beg_auth_comp_id 
_struct_conf.beg_auth_asym_id 
_struct_conf.beg_auth_seq_id 
_struct_conf.end_auth_comp_id 
_struct_conf.end_auth_asym_id 
_struct_conf.end_auth_seq_id 
_struct_conf.pdbx_PDB_helix_class 
_struct_conf.details 
_struct_conf.pdbx_PDB_helix_length 
HELX_P HELX_P1 1 GLN A 21  ? GLU A 30  ? GLN A 21  GLU A 30  1 ? 10 
HELX_P HELX_P2 2 ASN A 87  ? MET A 101 ? ASN A 87  MET A 101 1 ? 15 
HELX_P HELX_P3 3 ASN A 110 ? ASN A 115 ? ASN A 110 ASN A 115 1 ? 6  
# 
_struct_conf_type.id          HELX_P 
_struct_conf_type.criteria    ? 
_struct_conf_type.reference   ? 
# 
_struct_mon_prot_cis.pdbx_id                1 
_struct_mon_prot_cis.label_comp_id          LEU 
_struct_mon_prot_cis.label_seq_id           54 
_struct_mon_prot_cis.label_asym_id          A 
_struct_mon_prot_cis.label_alt_id           . 
_struct_mon_prot_cis.pdbx_PDB_ins_code      ? 
_struct_mon_prot_cis.auth_comp_id           LEU 
_struct_mon_prot_cis.auth_seq_id            54 
_struct_mon_prot_cis.auth_asym_id           A 
_struct_mon_prot_cis.pdbx_label_comp_id_2   PRO 
_struct_mon_prot_cis.pdbx_label_seq_id_2    55 
_struct_mon_prot_cis.pdbx_label_asym_id_2   A 
_struct_mon_prot_cis.pdbx_PDB_ins_code_2    ? 
_struct_mon_prot_cis.pdbx_auth_comp_id_2    PRO 
_struct_mon_prot_cis.pdbx_auth_seq_id_2     55 
_struct_mon_prot_cis.pdbx_auth_asym_id_2    A 
_struct_mon_prot_cis.pdbx_PDB_model_num     1 
_struct_mon_prot_cis.pdbx_omega_angle       -0.01 
# 
loop_
_struct_sheet.id 
_struct_sheet.type 
_struct_sheet.number_strands 
_struct_sheet.details 
A ? 4 ? 
B ? 4 ? 
# 
loop_
_struct_sheet_order.sheet_id 
_struct_sheet_order.range_id_1 
_struct_sheet_order.range_id_2 
_struct_sheet_order.offset 
_struct_sheet_order.sense 
A 1 2 ? parallel      
A 2 3 ? anti-parallel 
A 3 4 ? anti-parallel 
B 1 2 ? parallel      
B 2 3 ? anti-parallel 
B 3 4 ? anti-parallel 
# 
loop_
_struct_sheet_range.sheet_id 
_struct_sheet_range.id 
_struct_sheet_range.beg_label_comp_id 
_struct_sheet_range.beg_label_asym_id 
_struct_sheet_range.beg_label_seq_id 
_struct_sheet_range.pdbx_beg_PDB_ins_code 
_struct_sheet_range.end_label_comp_id 
_struct_sheet_range.end_label_asym_id 
_struct_sheet_range.end_label_seq_id 
_struct_sheet_range.pdbx_end_PDB_ins_code 
_struct_sheet_range.beg_auth_comp_id 
_struct_sheet_range.beg_auth_asym_id 
_struct_sheet_range.beg_auth_seq_id 
_struct_sheet_range.end_auth_comp_id 
_struct_sheet_range.end_auth_asym_id 
_struct_sheet_range.end_auth_seq_id 
A 1 ILE A 13  ? PRO A 18  ? ILE A 13  PRO A 18  
A 2 TYR A 59  ? TYR A 66  ? TYR A 59  TYR A 66  
A 3 TYR A 47  ? GLY A 53  ? TYR A 47  GLY A 53  
A 4 ARG A 37  ? HIS A 44  ? ARG A 37  HIS A 44  
B 1 LEU A 80  ? TYR A 84  ? LEU A 80  TYR A 84  
B 2 ARG A 127 ? MET A 131 ? ARG A 127 MET A 131 
B 3 GLY A 117 ? GLU A 121 ? GLY A 117 GLU A 121 
B 4 GLU A 105 ? VAL A 106 ? GLU A 105 VAL A 106 
# 
loop_
_pdbx_struct_sheet_hbond.sheet_id 
_pdbx_struct_sheet_hbond.range_id_1 
_pdbx_struct_sheet_hbond.range_id_2 
_pdbx_struct_sheet_hbond.range_1_label_atom_id 
_pdbx_struct_sheet_hbond.range_1_label_comp_id 
_pdbx_struct_sheet_hbond.range_1_label_asym_id 
_pdbx_struct_sheet_hbond.range_1_label_seq_id 
_pdbx_struct_sheet_hbond.range_1_PDB_ins_code 
_pdbx_struct_sheet_hbond.range_1_auth_atom_id 
_pdbx_struct_sheet_hbond.range_1_auth_comp_id 
_pdbx_struct_sheet_hbond.range_1_auth_asym_id 
_pdbx_struct_sheet_hbond.range_1_auth_seq_id 
_pdbx_struct_sheet_hbond.range_2_label_atom_id 
_pdbx_struct_sheet_hbond.range_2_label_comp_id 
_pdbx_struct_sheet_hbond.range_2_label_asym_id 
_pdbx_struct_sheet_hbond.range_2_label_seq_id 
_pdbx_struct_sheet_hbond.range_2_PDB_ins_code 
_pdbx_struct_sheet_hbond.range_2_auth_atom_id 
_pdbx_struct_sheet_hbond.range_2_auth_comp_id 
_pdbx_struct_sheet_hbond.range_2_auth_asym_id 
_pdbx_struct_sheet_hbond.range_2_auth_seq_id 
A 1 2 N ARG A 17  ? N ARG A 17  O GLU A 62  ? O GLU A 62  
A 2 3 O LEU A 61  ? O LEU A 61  N PHE A 52  ? N PHE A 52  
A 3 4 O MET A 51  ? O MET A 51  N GLY A 39  ? N GLY A 39  
B 1 2 N PHE A 83  ? N PHE A 83  O VAL A 129 ? O VAL A 129 
B 2 3 O ILE A 128 ? O ILE A 128 N ILE A 120 ? N ILE A 120 
B 3 4 O THR A 119 ? O THR A 119 N VAL A 106 ? N VAL A 106 
# 
_pdbx_validate_torsion.id              1 
_pdbx_validate_torsion.PDB_model_num   1 
_pdbx_validate_torsion.auth_comp_id    HIS 
_pdbx_validate_torsion.auth_asym_id    A 
_pdbx_validate_torsion.auth_seq_id     56 
_pdbx_validate_torsion.PDB_ins_code    ? 
_pdbx_validate_torsion.label_alt_id    ? 
_pdbx_validate_torsion.phi             -113.35 
_pdbx_validate_torsion.psi             -155.15 
# 
_pdbx_SG_project.id                    1 
_pdbx_SG_project.project_name          'PSI, Protein Structure Initiative' 
_pdbx_SG_project.full_name_of_center   'Midwest Center for Structural Genomics' 
_pdbx_SG_project.initial_of_center     MCSG 
# 
loop_
_pdbx_unobs_or_zero_occ_residues.id 
_pdbx_unobs_or_zero_occ_residues.PDB_model_num 
_pdbx_unobs_or_zero_occ_residues.polymer_flag 
_pdbx_unobs_or_zero_occ_residues.occupancy_flag 
_pdbx_unobs_or_zero_occ_residues.auth_asym_id 
_pdbx_unobs_or_zero_occ_residues.auth_comp_id 
_pdbx_unobs_or_zero_occ_residues.auth_seq_id 
_pdbx_unobs_or_zero_occ_residues.PDB_ins_code 
_pdbx_unobs_or_zero_occ_residues.label_asym_id 
_pdbx_unobs_or_zero_occ_residues.label_comp_id 
_pdbx_unobs_or_zero_occ_residues.label_seq_id 
1 1 Y 1 A MET 1 ? A MET 1 
2 1 Y 1 A GLY 2 ? A GLY 2 
# 
loop_
_chem_comp_atom.comp_id 
_chem_comp_atom.atom_id 
_chem_comp_atom.type_symbol 
_chem_comp_atom.pdbx_aromatic_flag 
_chem_comp_atom.pdbx_stereo_config 
_chem_comp_atom.pdbx_ordinal 
ALA N    N N N 1   
ALA CA   C N S 2   
ALA C    C N N 3   
ALA O    O N N 4   
ALA CB   C N N 5   
ALA OXT  O N N 6   
ALA H    H N N 7   
ALA H2   H N N 8   
ALA HA   H N N 9   
ALA HB1  H N N 10  
ALA HB2  H N N 11  
ALA HB3  H N N 12  
ALA HXT  H N N 13  
ARG N    N N N 14  
ARG CA   C N S 15  
ARG C    C N N 16  
ARG O    O N N 17  
ARG CB   C N N 18  
ARG CG   C N N 19  
ARG CD   C N N 20  
ARG NE   N N N 21  
ARG CZ   C N N 22  
ARG NH1  N N N 23  
ARG NH2  N N N 24  
ARG OXT  O N N 25  
ARG H    H N N 26  
ARG H2   H N N 27  
ARG HA   H N N 28  
ARG HB2  H N N 29  
ARG HB3  H N N 30  
ARG HG2  H N N 31  
ARG HG3  H N N 32  
ARG HD2  H N N 33  
ARG HD3  H N N 34  
ARG HE   H N N 35  
ARG HH11 H N N 36  
ARG HH12 H N N 37  
ARG HH21 H N N 38  
ARG HH22 H N N 39  
ARG HXT  H N N 40  
ASN N    N N N 41  
ASN CA   C N S 42  
ASN C    C N N 43  
ASN O    O N N 44  
ASN CB   C N N 45  
ASN CG   C N N 46  
ASN OD1  O N N 47  
ASN ND2  N N N 48  
ASN OXT  O N N 49  
ASN H    H N N 50  
ASN H2   H N N 51  
ASN HA   H N N 52  
ASN HB2  H N N 53  
ASN HB3  H N N 54  
ASN HD21 H N N 55  
ASN HD22 H N N 56  
ASN HXT  H N N 57  
ASP N    N N N 58  
ASP CA   C N S 59  
ASP C    C N N 60  
ASP O    O N N 61  
ASP CB   C N N 62  
ASP CG   C N N 63  
ASP OD1  O N N 64  
ASP OD2  O N N 65  
ASP OXT  O N N 66  
ASP H    H N N 67  
ASP H2   H N N 68  
ASP HA   H N N 69  
ASP HB2  H N N 70  
ASP HB3  H N N 71  
ASP HD2  H N N 72  
ASP HXT  H N N 73  
CYS N    N N N 74  
CYS CA   C N R 75  
CYS C    C N N 76  
CYS O    O N N 77  
CYS CB   C N N 78  
CYS SG   S N N 79  
CYS OXT  O N N 80  
CYS H    H N N 81  
CYS H2   H N N 82  
CYS HA   H N N 83  
CYS HB2  H N N 84  
CYS HB3  H N N 85  
CYS HG   H N N 86  
CYS HXT  H N N 87  
GLN N    N N N 88  
GLN CA   C N S 89  
GLN C    C N N 90  
GLN O    O N N 91  
GLN CB   C N N 92  
GLN CG   C N N 93  
GLN CD   C N N 94  
GLN OE1  O N N 95  
GLN NE2  N N N 96  
GLN OXT  O N N 97  
GLN H    H N N 98  
GLN H2   H N N 99  
GLN HA   H N N 100 
GLN HB2  H N N 101 
GLN HB3  H N N 102 
GLN HG2  H N N 103 
GLN HG3  H N N 104 
GLN HE21 H N N 105 
GLN HE22 H N N 106 
GLN HXT  H N N 107 
GLU N    N N N 108 
GLU CA   C N S 109 
GLU C    C N N 110 
GLU O    O N N 111 
GLU CB   C N N 112 
GLU CG   C N N 113 
GLU CD   C N N 114 
GLU OE1  O N N 115 
GLU OE2  O N N 116 
GLU OXT  O N N 117 
GLU H    H N N 118 
GLU H2   H N N 119 
GLU HA   H N N 120 
GLU HB2  H N N 121 
GLU HB3  H N N 122 
GLU HG2  H N N 123 
GLU HG3  H N N 124 
GLU HE2  H N N 125 
GLU HXT  H N N 126 
GLY N    N N N 127 
GLY CA   C N N 128 
GLY C    C N N 129 
GLY O    O N N 130 
GLY OXT  O N N 131 
GLY H    H N N 132 
GLY H2   H N N 133 
GLY HA2  H N N 134 
GLY HA3  H N N 135 
GLY HXT  H N N 136 
HIS N    N N N 137 
HIS CA   C N S 138 
HIS C    C N N 139 
HIS O    O N N 140 
HIS CB   C N N 141 
HIS CG   C Y N 142 
HIS ND1  N Y N 143 
HIS CD2  C Y N 144 
HIS CE1  C Y N 145 
HIS NE2  N Y N 146 
HIS OXT  O N N 147 
HIS H    H N N 148 
HIS H2   H N N 149 
HIS HA   H N N 150 
HIS HB2  H N N 151 
HIS HB3  H N N 152 
HIS HD1  H N N 153 
HIS HD2  H N N 154 
HIS HE1  H N N 155 
HIS HE2  H N N 156 
HIS HXT  H N N 157 
HOH O    O N N 158 
HOH H1   H N N 159 
HOH H2   H N N 160 
ILE N    N N N 161 
ILE CA   C N S 162 
ILE C    C N N 163 
ILE O    O N N 164 
ILE CB   C N S 165 
ILE CG1  C N N 166 
ILE CG2  C N N 167 
ILE CD1  C N N 168 
ILE OXT  O N N 169 
ILE H    H N N 170 
ILE H2   H N N 171 
ILE HA   H N N 172 
ILE HB   H N N 173 
ILE HG12 H N N 174 
ILE HG13 H N N 175 
ILE HG21 H N N 176 
ILE HG22 H N N 177 
ILE HG23 H N N 178 
ILE HD11 H N N 179 
ILE HD12 H N N 180 
ILE HD13 H N N 181 
ILE HXT  H N N 182 
LEU N    N N N 183 
LEU CA   C N S 184 
LEU C    C N N 185 
LEU O    O N N 186 
LEU CB   C N N 187 
LEU CG   C N N 188 
LEU CD1  C N N 189 
LEU CD2  C N N 190 
LEU OXT  O N N 191 
LEU H    H N N 192 
LEU H2   H N N 193 
LEU HA   H N N 194 
LEU HB2  H N N 195 
LEU HB3  H N N 196 
LEU HG   H N N 197 
LEU HD11 H N N 198 
LEU HD12 H N N 199 
LEU HD13 H N N 200 
LEU HD21 H N N 201 
LEU HD22 H N N 202 
LEU HD23 H N N 203 
LEU HXT  H N N 204 
LYS N    N N N 205 
LYS CA   C N S 206 
LYS C    C N N 207 
LYS O    O N N 208 
LYS CB   C N N 209 
LYS CG   C N N 210 
LYS CD   C N N 211 
LYS CE   C N N 212 
LYS NZ   N N N 213 
LYS OXT  O N N 214 
LYS H    H N N 215 
LYS H2   H N N 216 
LYS HA   H N N 217 
LYS HB2  H N N 218 
LYS HB3  H N N 219 
LYS HG2  H N N 220 
LYS HG3  H N N 221 
LYS HD2  H N N 222 
LYS HD3  H N N 223 
LYS HE2  H N N 224 
LYS HE3  H N N 225 
LYS HZ1  H N N 226 
LYS HZ2  H N N 227 
LYS HZ3  H N N 228 
LYS HXT  H N N 229 
MET N    N N N 230 
MET CA   C N S 231 
MET C    C N N 232 
MET O    O N N 233 
MET CB   C N N 234 
MET CG   C N N 235 
MET SD   S N N 236 
MET CE   C N N 237 
MET OXT  O N N 238 
MET H    H N N 239 
MET H2   H N N 240 
MET HA   H N N 241 
MET HB2  H N N 242 
MET HB3  H N N 243 
MET HG2  H N N 244 
MET HG3  H N N 245 
MET HE1  H N N 246 
MET HE2  H N N 247 
MET HE3  H N N 248 
MET HXT  H N N 249 
PHE N    N N N 250 
PHE CA   C N S 251 
PHE C    C N N 252 
PHE O    O N N 253 
PHE CB   C N N 254 
PHE CG   C Y N 255 
PHE CD1  C Y N 256 
PHE CD2  C Y N 257 
PHE CE1  C Y N 258 
PHE CE2  C Y N 259 
PHE CZ   C Y N 260 
PHE OXT  O N N 261 
PHE H    H N N 262 
PHE H2   H N N 263 
PHE HA   H N N 264 
PHE HB2  H N N 265 
PHE HB3  H N N 266 
PHE HD1  H N N 267 
PHE HD2  H N N 268 
PHE HE1  H N N 269 
PHE HE2  H N N 270 
PHE HZ   H N N 271 
PHE HXT  H N N 272 
PRO N    N N N 273 
PRO CA   C N S 274 
PRO C    C N N 275 
PRO O    O N N 276 
PRO CB   C N N 277 
PRO CG   C N N 278 
PRO CD   C N N 279 
PRO OXT  O N N 280 
PRO H    H N N 281 
PRO HA   H N N 282 
PRO HB2  H N N 283 
PRO HB3  H N N 284 
PRO HG2  H N N 285 
PRO HG3  H N N 286 
PRO HD2  H N N 287 
PRO HD3  H N N 288 
PRO HXT  H N N 289 
SER N    N N N 290 
SER CA   C N S 291 
SER C    C N N 292 
SER O    O N N 293 
SER CB   C N N 294 
SER OG   O N N 295 
SER OXT  O N N 296 
SER H    H N N 297 
SER H2   H N N 298 
SER HA   H N N 299 
SER HB2  H N N 300 
SER HB3  H N N 301 
SER HG   H N N 302 
SER HXT  H N N 303 
THR N    N N N 304 
THR CA   C N S 305 
THR C    C N N 306 
THR O    O N N 307 
THR CB   C N R 308 
THR OG1  O N N 309 
THR CG2  C N N 310 
THR OXT  O N N 311 
THR H    H N N 312 
THR H2   H N N 313 
THR HA   H N N 314 
THR HB   H N N 315 
THR HG1  H N N 316 
THR HG21 H N N 317 
THR HG22 H N N 318 
THR HG23 H N N 319 
THR HXT  H N N 320 
TRP N    N N N 321 
TRP CA   C N S 322 
TRP C    C N N 323 
TRP O    O N N 324 
TRP CB   C N N 325 
TRP CG   C Y N 326 
TRP CD1  C Y N 327 
TRP CD2  C Y N 328 
TRP NE1  N Y N 329 
TRP CE2  C Y N 330 
TRP CE3  C Y N 331 
TRP CZ2  C Y N 332 
TRP CZ3  C Y N 333 
TRP CH2  C Y N 334 
TRP OXT  O N N 335 
TRP H    H N N 336 
TRP H2   H N N 337 
TRP HA   H N N 338 
TRP HB2  H N N 339 
TRP HB3  H N N 340 
TRP HD1  H N N 341 
TRP HE1  H N N 342 
TRP HE3  H N N 343 
TRP HZ2  H N N 344 
TRP HZ3  H N N 345 
TRP HH2  H N N 346 
TRP HXT  H N N 347 
TYR N    N N N 348 
TYR CA   C N S 349 
TYR C    C N N 350 
TYR O    O N N 351 
TYR CB   C N N 352 
TYR CG   C Y N 353 
TYR CD1  C Y N 354 
TYR CD2  C Y N 355 
TYR CE1  C Y N 356 
TYR CE2  C Y N 357 
TYR CZ   C Y N 358 
TYR OH   O N N 359 
TYR OXT  O N N 360 
TYR H    H N N 361 
TYR H2   H N N 362 
TYR HA   H N N 363 
TYR HB2  H N N 364 
TYR HB3  H N N 365 
TYR HD1  H N N 366 
TYR HD2  H N N 367 
TYR HE1  H N N 368 
TYR HE2  H N N 369 
TYR HH   H N N 370 
TYR HXT  H N N 371 
VAL N    N N N 372 
VAL CA   C N S 373 
VAL C    C N N 374 
VAL O    O N N 375 
VAL CB   C N N 376 
VAL CG1  C N N 377 
VAL CG2  C N N 378 
VAL OXT  O N N 379 
VAL H    H N N 380 
VAL H2   H N N 381 
VAL HA   H N N 382 
VAL HB   H N N 383 
VAL HG11 H N N 384 
VAL HG12 H N N 385 
VAL HG13 H N N 386 
VAL HG21 H N N 387 
VAL HG22 H N N 388 
VAL HG23 H N N 389 
VAL HXT  H N N 390 
# 
loop_
_chem_comp_bond.comp_id 
_chem_comp_bond.atom_id_1 
_chem_comp_bond.atom_id_2 
_chem_comp_bond.value_order 
_chem_comp_bond.pdbx_aromatic_flag 
_chem_comp_bond.pdbx_stereo_config 
_chem_comp_bond.pdbx_ordinal 
ALA N   CA   sing N N 1   
ALA N   H    sing N N 2   
ALA N   H2   sing N N 3   
ALA CA  C    sing N N 4   
ALA CA  CB   sing N N 5   
ALA CA  HA   sing N N 6   
ALA C   O    doub N N 7   
ALA C   OXT  sing N N 8   
ALA CB  HB1  sing N N 9   
ALA CB  HB2  sing N N 10  
ALA CB  HB3  sing N N 11  
ALA OXT HXT  sing N N 12  
ARG N   CA   sing N N 13  
ARG N   H    sing N N 14  
ARG N   H2   sing N N 15  
ARG CA  C    sing N N 16  
ARG CA  CB   sing N N 17  
ARG CA  HA   sing N N 18  
ARG C   O    doub N N 19  
ARG C   OXT  sing N N 20  
ARG CB  CG   sing N N 21  
ARG CB  HB2  sing N N 22  
ARG CB  HB3  sing N N 23  
ARG CG  CD   sing N N 24  
ARG CG  HG2  sing N N 25  
ARG CG  HG3  sing N N 26  
ARG CD  NE   sing N N 27  
ARG CD  HD2  sing N N 28  
ARG CD  HD3  sing N N 29  
ARG NE  CZ   sing N N 30  
ARG NE  HE   sing N N 31  
ARG CZ  NH1  sing N N 32  
ARG CZ  NH2  doub N N 33  
ARG NH1 HH11 sing N N 34  
ARG NH1 HH12 sing N N 35  
ARG NH2 HH21 sing N N 36  
ARG NH2 HH22 sing N N 37  
ARG OXT HXT  sing N N 38  
ASN N   CA   sing N N 39  
ASN N   H    sing N N 40  
ASN N   H2   sing N N 41  
ASN CA  C    sing N N 42  
ASN CA  CB   sing N N 43  
ASN CA  HA   sing N N 44  
ASN C   O    doub N N 45  
ASN C   OXT  sing N N 46  
ASN CB  CG   sing N N 47  
ASN CB  HB2  sing N N 48  
ASN CB  HB3  sing N N 49  
ASN CG  OD1  doub N N 50  
ASN CG  ND2  sing N N 51  
ASN ND2 HD21 sing N N 52  
ASN ND2 HD22 sing N N 53  
ASN OXT HXT  sing N N 54  
ASP N   CA   sing N N 55  
ASP N   H    sing N N 56  
ASP N   H2   sing N N 57  
ASP CA  C    sing N N 58  
ASP CA  CB   sing N N 59  
ASP CA  HA   sing N N 60  
ASP C   O    doub N N 61  
ASP C   OXT  sing N N 62  
ASP CB  CG   sing N N 63  
ASP CB  HB2  sing N N 64  
ASP CB  HB3  sing N N 65  
ASP CG  OD1  doub N N 66  
ASP CG  OD2  sing N N 67  
ASP OD2 HD2  sing N N 68  
ASP OXT HXT  sing N N 69  
CYS N   CA   sing N N 70  
CYS N   H    sing N N 71  
CYS N   H2   sing N N 72  
CYS CA  C    sing N N 73  
CYS CA  CB   sing N N 74  
CYS CA  HA   sing N N 75  
CYS C   O    doub N N 76  
CYS C   OXT  sing N N 77  
CYS CB  SG   sing N N 78  
CYS CB  HB2  sing N N 79  
CYS CB  HB3  sing N N 80  
CYS SG  HG   sing N N 81  
CYS OXT HXT  sing N N 82  
GLN N   CA   sing N N 83  
GLN N   H    sing N N 84  
GLN N   H2   sing N N 85  
GLN CA  C    sing N N 86  
GLN CA  CB   sing N N 87  
GLN CA  HA   sing N N 88  
GLN C   O    doub N N 89  
GLN C   OXT  sing N N 90  
GLN CB  CG   sing N N 91  
GLN CB  HB2  sing N N 92  
GLN CB  HB3  sing N N 93  
GLN CG  CD   sing N N 94  
GLN CG  HG2  sing N N 95  
GLN CG  HG3  sing N N 96  
GLN CD  OE1  doub N N 97  
GLN CD  NE2  sing N N 98  
GLN NE2 HE21 sing N N 99  
GLN NE2 HE22 sing N N 100 
GLN OXT HXT  sing N N 101 
GLU N   CA   sing N N 102 
GLU N   H    sing N N 103 
GLU N   H2   sing N N 104 
GLU CA  C    sing N N 105 
GLU CA  CB   sing N N 106 
GLU CA  HA   sing N N 107 
GLU C   O    doub N N 108 
GLU C   OXT  sing N N 109 
GLU CB  CG   sing N N 110 
GLU CB  HB2  sing N N 111 
GLU CB  HB3  sing N N 112 
GLU CG  CD   sing N N 113 
GLU CG  HG2  sing N N 114 
GLU CG  HG3  sing N N 115 
GLU CD  OE1  doub N N 116 
GLU CD  OE2  sing N N 117 
GLU OE2 HE2  sing N N 118 
GLU OXT HXT  sing N N 119 
GLY N   CA   sing N N 120 
GLY N   H    sing N N 121 
GLY N   H2   sing N N 122 
GLY CA  C    sing N N 123 
GLY CA  HA2  sing N N 124 
GLY CA  HA3  sing N N 125 
GLY C   O    doub N N 126 
GLY C   OXT  sing N N 127 
GLY OXT HXT  sing N N 128 
HIS N   CA   sing N N 129 
HIS N   H    sing N N 130 
HIS N   H2   sing N N 131 
HIS CA  C    sing N N 132 
HIS CA  CB   sing N N 133 
HIS CA  HA   sing N N 134 
HIS C   O    doub N N 135 
HIS C   OXT  sing N N 136 
HIS CB  CG   sing N N 137 
HIS CB  HB2  sing N N 138 
HIS CB  HB3  sing N N 139 
HIS CG  ND1  sing Y N 140 
HIS CG  CD2  doub Y N 141 
HIS ND1 CE1  doub Y N 142 
HIS ND1 HD1  sing N N 143 
HIS CD2 NE2  sing Y N 144 
HIS CD2 HD2  sing N N 145 
HIS CE1 NE2  sing Y N 146 
HIS CE1 HE1  sing N N 147 
HIS NE2 HE2  sing N N 148 
HIS OXT HXT  sing N N 149 
HOH O   H1   sing N N 150 
HOH O   H2   sing N N 151 
ILE N   CA   sing N N 152 
ILE N   H    sing N N 153 
ILE N   H2   sing N N 154 
ILE CA  C    sing N N 155 
ILE CA  CB   sing N N 156 
ILE CA  HA   sing N N 157 
ILE C   O    doub N N 158 
ILE C   OXT  sing N N 159 
ILE CB  CG1  sing N N 160 
ILE CB  CG2  sing N N 161 
ILE CB  HB   sing N N 162 
ILE CG1 CD1  sing N N 163 
ILE CG1 HG12 sing N N 164 
ILE CG1 HG13 sing N N 165 
ILE CG2 HG21 sing N N 166 
ILE CG2 HG22 sing N N 167 
ILE CG2 HG23 sing N N 168 
ILE CD1 HD11 sing N N 169 
ILE CD1 HD12 sing N N 170 
ILE CD1 HD13 sing N N 171 
ILE OXT HXT  sing N N 172 
LEU N   CA   sing N N 173 
LEU N   H    sing N N 174 
LEU N   H2   sing N N 175 
LEU CA  C    sing N N 176 
LEU CA  CB   sing N N 177 
LEU CA  HA   sing N N 178 
LEU C   O    doub N N 179 
LEU C   OXT  sing N N 180 
LEU CB  CG   sing N N 181 
LEU CB  HB2  sing N N 182 
LEU CB  HB3  sing N N 183 
LEU CG  CD1  sing N N 184 
LEU CG  CD2  sing N N 185 
LEU CG  HG   sing N N 186 
LEU CD1 HD11 sing N N 187 
LEU CD1 HD12 sing N N 188 
LEU CD1 HD13 sing N N 189 
LEU CD2 HD21 sing N N 190 
LEU CD2 HD22 sing N N 191 
LEU CD2 HD23 sing N N 192 
LEU OXT HXT  sing N N 193 
LYS N   CA   sing N N 194 
LYS N   H    sing N N 195 
LYS N   H2   sing N N 196 
LYS CA  C    sing N N 197 
LYS CA  CB   sing N N 198 
LYS CA  HA   sing N N 199 
LYS C   O    doub N N 200 
LYS C   OXT  sing N N 201 
LYS CB  CG   sing N N 202 
LYS CB  HB2  sing N N 203 
LYS CB  HB3  sing N N 204 
LYS CG  CD   sing N N 205 
LYS CG  HG2  sing N N 206 
LYS CG  HG3  sing N N 207 
LYS CD  CE   sing N N 208 
LYS CD  HD2  sing N N 209 
LYS CD  HD3  sing N N 210 
LYS CE  NZ   sing N N 211 
LYS CE  HE2  sing N N 212 
LYS CE  HE3  sing N N 213 
LYS NZ  HZ1  sing N N 214 
LYS NZ  HZ2  sing N N 215 
LYS NZ  HZ3  sing N N 216 
LYS OXT HXT  sing N N 217 
MET N   CA   sing N N 218 
MET N   H    sing N N 219 
MET N   H2   sing N N 220 
MET CA  C    sing N N 221 
MET CA  CB   sing N N 222 
MET CA  HA   sing N N 223 
MET C   O    doub N N 224 
MET C   OXT  sing N N 225 
MET CB  CG   sing N N 226 
MET CB  HB2  sing N N 227 
MET CB  HB3  sing N N 228 
MET CG  SD   sing N N 229 
MET CG  HG2  sing N N 230 
MET CG  HG3  sing N N 231 
MET SD  CE   sing N N 232 
MET CE  HE1  sing N N 233 
MET CE  HE2  sing N N 234 
MET CE  HE3  sing N N 235 
MET OXT HXT  sing N N 236 
PHE N   CA   sing N N 237 
PHE N   H    sing N N 238 
PHE N   H2   sing N N 239 
PHE CA  C    sing N N 240 
PHE CA  CB   sing N N 241 
PHE CA  HA   sing N N 242 
PHE C   O    doub N N 243 
PHE C   OXT  sing N N 244 
PHE CB  CG   sing N N 245 
PHE CB  HB2  sing N N 246 
PHE CB  HB3  sing N N 247 
PHE CG  CD1  doub Y N 248 
PHE CG  CD2  sing Y N 249 
PHE CD1 CE1  sing Y N 250 
PHE CD1 HD1  sing N N 251 
PHE CD2 CE2  doub Y N 252 
PHE CD2 HD2  sing N N 253 
PHE CE1 CZ   doub Y N 254 
PHE CE1 HE1  sing N N 255 
PHE CE2 CZ   sing Y N 256 
PHE CE2 HE2  sing N N 257 
PHE CZ  HZ   sing N N 258 
PHE OXT HXT  sing N N 259 
PRO N   CA   sing N N 260 
PRO N   CD   sing N N 261 
PRO N   H    sing N N 262 
PRO CA  C    sing N N 263 
PRO CA  CB   sing N N 264 
PRO CA  HA   sing N N 265 
PRO C   O    doub N N 266 
PRO C   OXT  sing N N 267 
PRO CB  CG   sing N N 268 
PRO CB  HB2  sing N N 269 
PRO CB  HB3  sing N N 270 
PRO CG  CD   sing N N 271 
PRO CG  HG2  sing N N 272 
PRO CG  HG3  sing N N 273 
PRO CD  HD2  sing N N 274 
PRO CD  HD3  sing N N 275 
PRO OXT HXT  sing N N 276 
SER N   CA   sing N N 277 
SER N   H    sing N N 278 
SER N   H2   sing N N 279 
SER CA  C    sing N N 280 
SER CA  CB   sing N N 281 
SER CA  HA   sing N N 282 
SER C   O    doub N N 283 
SER C   OXT  sing N N 284 
SER CB  OG   sing N N 285 
SER CB  HB2  sing N N 286 
SER CB  HB3  sing N N 287 
SER OG  HG   sing N N 288 
SER OXT HXT  sing N N 289 
THR N   CA   sing N N 290 
THR N   H    sing N N 291 
THR N   H2   sing N N 292 
THR CA  C    sing N N 293 
THR CA  CB   sing N N 294 
THR CA  HA   sing N N 295 
THR C   O    doub N N 296 
THR C   OXT  sing N N 297 
THR CB  OG1  sing N N 298 
THR CB  CG2  sing N N 299 
THR CB  HB   sing N N 300 
THR OG1 HG1  sing N N 301 
THR CG2 HG21 sing N N 302 
THR CG2 HG22 sing N N 303 
THR CG2 HG23 sing N N 304 
THR OXT HXT  sing N N 305 
TRP N   CA   sing N N 306 
TRP N   H    sing N N 307 
TRP N   H2   sing N N 308 
TRP CA  C    sing N N 309 
TRP CA  CB   sing N N 310 
TRP CA  HA   sing N N 311 
TRP C   O    doub N N 312 
TRP C   OXT  sing N N 313 
TRP CB  CG   sing N N 314 
TRP CB  HB2  sing N N 315 
TRP CB  HB3  sing N N 316 
TRP CG  CD1  doub Y N 317 
TRP CG  CD2  sing Y N 318 
TRP CD1 NE1  sing Y N 319 
TRP CD1 HD1  sing N N 320 
TRP CD2 CE2  doub Y N 321 
TRP CD2 CE3  sing Y N 322 
TRP NE1 CE2  sing Y N 323 
TRP NE1 HE1  sing N N 324 
TRP CE2 CZ2  sing Y N 325 
TRP CE3 CZ3  doub Y N 326 
TRP CE3 HE3  sing N N 327 
TRP CZ2 CH2  doub Y N 328 
TRP CZ2 HZ2  sing N N 329 
TRP CZ3 CH2  sing Y N 330 
TRP CZ3 HZ3  sing N N 331 
TRP CH2 HH2  sing N N 332 
TRP OXT HXT  sing N N 333 
TYR N   CA   sing N N 334 
TYR N   H    sing N N 335 
TYR N   H2   sing N N 336 
TYR CA  C    sing N N 337 
TYR CA  CB   sing N N 338 
TYR CA  HA   sing N N 339 
TYR C   O    doub N N 340 
TYR C   OXT  sing N N 341 
TYR CB  CG   sing N N 342 
TYR CB  HB2  sing N N 343 
TYR CB  HB3  sing N N 344 
TYR CG  CD1  doub Y N 345 
TYR CG  CD2  sing Y N 346 
TYR CD1 CE1  sing Y N 347 
TYR CD1 HD1  sing N N 348 
TYR CD2 CE2  doub Y N 349 
TYR CD2 HD2  sing N N 350 
TYR CE1 CZ   doub Y N 351 
TYR CE1 HE1  sing N N 352 
TYR CE2 CZ   sing Y N 353 
TYR CE2 HE2  sing N N 354 
TYR CZ  OH   sing N N 355 
TYR OH  HH   sing N N 356 
TYR OXT HXT  sing N N 357 
VAL N   CA   sing N N 358 
VAL N   H    sing N N 359 
VAL N   H2   sing N N 360 
VAL CA  C    sing N N 361 
VAL CA  CB   sing N N 362 
VAL CA  HA   sing N N 363 
VAL C   O    doub N N 364 
VAL C   OXT  sing N N 365 
VAL CB  CG1  sing N N 366 
VAL CB  CG2  sing N N 367 
VAL CB  HB   sing N N 368 
VAL CG1 HG11 sing N N 369 
VAL CG1 HG12 sing N N 370 
VAL CG1 HG13 sing N N 371 
VAL CG2 HG21 sing N N 372 
VAL CG2 HG22 sing N N 373 
VAL CG2 HG23 sing N N 374 
VAL OXT HXT  sing N N 375 
# 
_atom_sites.entry_id                    1TWU 
_atom_sites.fract_transf_matrix[1][1]   0.00974554 
_atom_sites.fract_transf_matrix[1][2]   -0.01159974 
_atom_sites.fract_transf_matrix[1][3]   0.00709671 
_atom_sites.fract_transf_matrix[2][1]   -0.01269870 
_atom_sites.fract_transf_matrix[2][2]   -0.00464001 
_atom_sites.fract_transf_matrix[2][3]   0.00985424 
_atom_sites.fract_transf_matrix[3][1]   -0.00259113 
_atom_sites.fract_transf_matrix[3][2]   -0.00592728 
_atom_sites.fract_transf_matrix[3][3]   -0.00613002 
_atom_sites.fract_transf_vector[1]      0.246199 
_atom_sites.fract_transf_vector[2]      0.127273 
_atom_sites.fract_transf_vector[3]      0.053838 
# 
loop_
_atom_type.symbol 
C 
N 
O 
S 
# 
loop_
_atom_site.group_PDB 
_atom_site.id 
_atom_site.type_symbol 
_atom_site.label_atom_id 
_atom_site.label_alt_id 
_atom_site.label_comp_id 
_atom_site.label_asym_id 
_atom_site.label_entity_id 
_atom_site.label_seq_id 
_atom_site.pdbx_PDB_ins_code 
_atom_site.Cartn_x 
_atom_site.Cartn_y 
_atom_site.Cartn_z 
_atom_site.occupancy 
_atom_site.B_iso_or_equiv 
_atom_site.pdbx_formal_charge 
_atom_site.auth_seq_id 
_atom_site.auth_comp_id 
_atom_site.auth_asym_id 
_atom_site.auth_atom_id 
_atom_site.pdbx_PDB_model_num 
ATOM   1    N N   . LYS A 1 3   ? -2.204  20.572  -2.347  1.00 56.37 ? 3   LYS A N   1 
ATOM   2    C CA  . LYS A 1 3   ? -2.100  20.178  -0.899  1.00 56.68 ? 3   LYS A CA  1 
ATOM   3    C C   . LYS A 1 3   ? -2.216  21.346  0.086   1.00 57.47 ? 3   LYS A C   1 
ATOM   4    O O   . LYS A 1 3   ? -1.397  21.486  1.023   1.00 56.86 ? 3   LYS A O   1 
ATOM   5    C CB  . LYS A 1 3   ? -0.790  19.414  -0.641  1.00 56.07 ? 3   LYS A CB  1 
ATOM   6    C CG  . LYS A 1 3   ? 0.496   20.172  -1.027  1.00 54.30 ? 3   LYS A CG  1 
ATOM   7    C CD  . LYS A 1 3   ? 1.502   19.218  -1.716  1.00 51.75 ? 3   LYS A CD  1 
ATOM   8    C CE  . LYS A 1 3   ? 1.861   18.032  -0.821  1.00 49.56 ? 3   LYS A CE  1 
ATOM   9    N NZ  . LYS A 1 3   ? 0.661   17.201  -0.506  1.00 46.41 ? 3   LYS A NZ  1 
ATOM   10   N N   . ARG A 1 4   ? -3.230  22.181  -0.120  1.00 58.37 ? 4   ARG A N   1 
ATOM   11   C CA  . ARG A 1 4   ? -3.470  23.301  0.774   1.00 58.48 ? 4   ARG A CA  1 
ATOM   12   C C   . ARG A 1 4   ? -4.703  22.955  1.603   1.00 57.42 ? 4   ARG A C   1 
ATOM   13   O O   . ARG A 1 4   ? -5.828  22.991  1.100   1.00 56.19 ? 4   ARG A O   1 
ATOM   14   C CB  . ARG A 1 4   ? -3.725  24.581  -0.016  1.00 60.89 ? 4   ARG A CB  1 
ATOM   15   C CG  . ARG A 1 4   ? -3.546  25.841  0.813   1.00 63.49 ? 4   ARG A CG  1 
ATOM   16   C CD  . ARG A 1 4   ? -3.816  27.079  -0.021  1.00 67.52 ? 4   ARG A CD  1 
ATOM   17   N NE  . ARG A 1 4   ? -5.226  27.462  0.001   1.00 70.69 ? 4   ARG A NE  1 
ATOM   18   C CZ  . ARG A 1 4   ? -5.842  28.114  -0.984  1.00 72.35 ? 4   ARG A CZ  1 
ATOM   19   N NH1 . ARG A 1 4   ? -5.174  28.451  -2.082  1.00 72.29 ? 4   ARG A NH1 1 
ATOM   20   N NH2 . ARG A 1 4   ? -7.126  28.442  -0.867  1.00 72.64 ? 4   ARG A NH2 1 
ATOM   21   N N   . PHE A 1 5   ? -4.485  22.594  2.865   1.00 55.80 ? 5   PHE A N   1 
ATOM   22   C CA  . PHE A 1 5   ? -5.586  22.252  3.758   1.00 54.63 ? 5   PHE A CA  1 
ATOM   23   C C   . PHE A 1 5   ? -6.172  23.530  4.351   1.00 54.43 ? 5   PHE A C   1 
ATOM   24   O O   . PHE A 1 5   ? -5.542  24.589  4.310   1.00 54.45 ? 5   PHE A O   1 
ATOM   25   C CB  . PHE A 1 5   ? -5.097  21.326  4.881   1.00 53.76 ? 5   PHE A CB  1 
ATOM   26   C CG  . PHE A 1 5   ? -4.715  19.947  4.412   1.00 51.82 ? 5   PHE A CG  1 
ATOM   27   C CD1 . PHE A 1 5   ? -3.633  19.759  3.556   1.00 51.12 ? 5   PHE A CD1 1 
ATOM   28   C CD2 . PHE A 1 5   ? -5.460  18.835  4.804   1.00 50.41 ? 5   PHE A CD2 1 
ATOM   29   C CE1 . PHE A 1 5   ? -3.301  18.484  3.092   1.00 50.39 ? 5   PHE A CE1 1 
ATOM   30   C CE2 . PHE A 1 5   ? -5.137  17.556  4.347   1.00 48.91 ? 5   PHE A CE2 1 
ATOM   31   C CZ  . PHE A 1 5   ? -4.057  17.380  3.489   1.00 48.95 ? 5   PHE A CZ  1 
ATOM   32   N N   . SER A 1 6   ? -7.377  23.427  4.902   1.00 53.79 ? 6   SER A N   1 
ATOM   33   C CA  . SER A 1 6   ? -8.052  24.577  5.500   1.00 52.37 ? 6   SER A CA  1 
ATOM   34   C C   . SER A 1 6   ? -7.329  25.109  6.737   1.00 52.31 ? 6   SER A C   1 
ATOM   35   O O   . SER A 1 6   ? -7.207  26.319  6.923   1.00 52.01 ? 6   SER A O   1 
ATOM   36   C CB  . SER A 1 6   ? -9.485  24.200  5.890   1.00 50.82 ? 6   SER A CB  1 
ATOM   37   O OG  . SER A 1 6   ? -10.215 23.731  4.775   1.00 52.02 ? 6   SER A OG  1 
ATOM   38   N N   . SER A 1 7   ? -6.849  24.197  7.575   1.00 51.81 ? 7   SER A N   1 
ATOM   39   C CA  . SER A 1 7   ? -6.171  24.568  8.807   1.00 50.77 ? 7   SER A CA  1 
ATOM   40   C C   . SER A 1 7   ? -4.666  24.772  8.675   1.00 50.00 ? 7   SER A C   1 
ATOM   41   O O   . SER A 1 7   ? -4.043  25.339  9.568   1.00 49.76 ? 7   SER A O   1 
ATOM   42   C CB  . SER A 1 7   ? -6.434  23.504  9.875   1.00 51.74 ? 7   SER A CB  1 
ATOM   43   O OG  . SER A 1 7   ? -7.823  23.321  10.082  1.00 52.78 ? 7   SER A OG  1 
ATOM   44   N N   . PHE A 1 8   ? -4.076  24.322  7.574   1.00 48.45 ? 8   PHE A N   1 
ATOM   45   C CA  . PHE A 1 8   ? -2.633  24.461  7.421   1.00 46.69 ? 8   PHE A CA  1 
ATOM   46   C C   . PHE A 1 8   ? -2.121  24.064  6.052   1.00 46.41 ? 8   PHE A C   1 
ATOM   47   O O   . PHE A 1 8   ? -2.831  23.458  5.251   1.00 46.02 ? 8   PHE A O   1 
ATOM   48   C CB  . PHE A 1 8   ? -1.932  23.608  8.473   1.00 46.83 ? 8   PHE A CB  1 
ATOM   49   C CG  . PHE A 1 8   ? -2.344  22.164  8.440   1.00 46.36 ? 8   PHE A CG  1 
ATOM   50   C CD1 . PHE A 1 8   ? -1.811  21.295  7.496   1.00 46.62 ? 8   PHE A CD1 1 
ATOM   51   C CD2 . PHE A 1 8   ? -3.302  21.683  9.327   1.00 46.61 ? 8   PHE A CD2 1 
ATOM   52   C CE1 . PHE A 1 8   ? -2.221  19.967  7.435   1.00 45.60 ? 8   PHE A CE1 1 
ATOM   53   C CE2 . PHE A 1 8   ? -3.719  20.358  9.274   1.00 46.59 ? 8   PHE A CE2 1 
ATOM   54   C CZ  . PHE A 1 8   ? -3.178  19.500  8.325   1.00 45.71 ? 8   PHE A CZ  1 
ATOM   55   N N   . GLN A 1 9   ? -0.867  24.406  5.797   1.00 46.10 ? 9   GLN A N   1 
ATOM   56   C CA  . GLN A 1 9   ? -0.232  24.079  4.532   1.00 45.84 ? 9   GLN A CA  1 
ATOM   57   C C   . GLN A 1 9   ? 0.631   22.842  4.755   1.00 43.39 ? 9   GLN A C   1 
ATOM   58   O O   . GLN A 1 9   ? 1.591   22.871  5.527   1.00 42.76 ? 9   GLN A O   1 
ATOM   59   C CB  . GLN A 1 9   ? 0.629   25.259  4.053   1.00 48.39 ? 9   GLN A CB  1 
ATOM   60   C CG  . GLN A 1 9   ? 1.380   25.021  2.738   1.00 51.63 ? 9   GLN A CG  1 
ATOM   61   C CD  . GLN A 1 9   ? 0.451   24.712  1.573   1.00 53.79 ? 9   GLN A CD  1 
ATOM   62   O OE1 . GLN A 1 9   ? -0.517  25.438  1.331   1.00 56.33 ? 9   GLN A OE1 1 
ATOM   63   N NE2 . GLN A 1 9   ? 0.746   23.635  0.840   1.00 53.69 ? 9   GLN A NE2 1 
ATOM   64   N N   . ALA A 1 10  ? 0.271   21.749  4.092   1.00 41.50 ? 10  ALA A N   1 
ATOM   65   C CA  . ALA A 1 10  ? 1.025   20.509  4.223   1.00 39.15 ? 10  ALA A CA  1 
ATOM   66   C C   . ALA A 1 10  ? 2.024   20.395  3.090   1.00 36.33 ? 10  ALA A C   1 
ATOM   67   O O   . ALA A 1 10  ? 1.663   20.503  1.921   1.00 37.03 ? 10  ALA A O   1 
ATOM   68   C CB  . ALA A 1 10  ? 0.082   19.311  4.207   1.00 40.33 ? 10  ALA A CB  1 
ATOM   69   N N   . ALA A 1 11  ? 3.285   20.184  3.438   1.00 33.57 ? 11  ALA A N   1 
ATOM   70   C CA  . ALA A 1 11  ? 4.327   20.034  2.437   1.00 32.25 ? 11  ALA A CA  1 
ATOM   71   C C   . ALA A 1 11  ? 4.293   18.610  1.875   1.00 32.72 ? 11  ALA A C   1 
ATOM   72   O O   . ALA A 1 11  ? 4.491   18.385  0.678   1.00 32.92 ? 11  ALA A O   1 
ATOM   73   C CB  . ALA A 1 11  ? 5.688   20.313  3.064   1.00 30.20 ? 11  ALA A CB  1 
ATOM   74   N N   . GLN A 1 12  ? 3.999   17.653  2.745   1.00 32.54 ? 12  GLN A N   1 
ATOM   75   C CA  . GLN A 1 12  ? 3.990   16.253  2.351   1.00 32.66 ? 12  GLN A CA  1 
ATOM   76   C C   . GLN A 1 12  ? 3.064   15.471  3.266   1.00 31.49 ? 12  GLN A C   1 
ATOM   77   O O   . GLN A 1 12  ? 2.662   15.969  4.314   1.00 31.64 ? 12  GLN A O   1 
ATOM   78   C CB  . GLN A 1 12  ? 5.404   15.707  2.502   1.00 33.93 ? 12  GLN A CB  1 
ATOM   79   C CG  . GLN A 1 12  ? 5.942   14.965  1.328   1.00 35.51 ? 12  GLN A CG  1 
ATOM   80   C CD  . GLN A 1 12  ? 7.418   14.674  1.483   1.00 36.01 ? 12  GLN A CD  1 
ATOM   81   O OE1 . GLN A 1 12  ? 7.843   14.010  2.436   1.00 35.98 ? 12  GLN A OE1 1 
ATOM   82   N NE2 . GLN A 1 12  ? 8.214   15.173  0.546   1.00 37.97 ? 12  GLN A NE2 1 
ATOM   83   N N   . ILE A 1 13  ? 2.732   14.249  2.867   1.00 29.38 ? 13  ILE A N   1 
ATOM   84   C CA  . ILE A 1 13  ? 1.885   13.380  3.675   1.00 28.86 ? 13  ILE A CA  1 
ATOM   85   C C   . ILE A 1 13  ? 2.453   11.968  3.622   1.00 28.25 ? 13  ILE A C   1 
ATOM   86   O O   . ILE A 1 13  ? 2.791   11.456  2.549   1.00 26.82 ? 13  ILE A O   1 
ATOM   87   C CB  . ILE A 1 13  ? 0.418   13.365  3.189   1.00 29.33 ? 13  ILE A CB  1 
ATOM   88   C CG1 . ILE A 1 13  ? -0.186  14.757  3.341   1.00 30.21 ? 13  ILE A CG1 1 
ATOM   89   C CG2 . ILE A 1 13  ? -0.403  12.378  4.024   1.00 27.27 ? 13  ILE A CG2 1 
ATOM   90   C CD1 . ILE A 1 13  ? -1.631  14.829  2.938   1.00 32.56 ? 13  ILE A CD1 1 
ATOM   91   N N   . ARG A 1 14  ? 2.565   11.355  4.795   1.00 25.88 ? 14  ARG A N   1 
ATOM   92   C CA  . ARG A 1 14  ? 3.106   10.015  4.919   1.00 25.25 ? 14  ARG A CA  1 
ATOM   93   C C   . ARG A 1 14  ? 2.205   9.075   5.713   1.00 26.10 ? 14  ARG A C   1 
ATOM   94   O O   . ARG A 1 14  ? 1.656   9.449   6.752   1.00 24.36 ? 14  ARG A O   1 
ATOM   95   C CB  . ARG A 1 14  ? 4.483   10.068  5.595   1.00 24.84 ? 14  ARG A CB  1 
ATOM   96   C CG  . ARG A 1 14  ? 5.054   8.695   5.953   1.00 25.92 ? 14  ARG A CG  1 
ATOM   97   C CD  . ARG A 1 14  ? 6.363   8.788   6.716   1.00 26.44 ? 14  ARG A CD  1 
ATOM   98   N NE  . ARG A 1 14  ? 7.452   9.290   5.878   1.00 29.05 ? 14  ARG A NE  1 
ATOM   99   C CZ  . ARG A 1 14  ? 8.701   9.491   6.295   1.00 29.02 ? 14  ARG A CZ  1 
ATOM   100  N NH1 . ARG A 1 14  ? 9.038   9.234   7.551   1.00 28.11 ? 14  ARG A NH1 1 
ATOM   101  N NH2 . ARG A 1 14  ? 9.617   9.951   5.453   1.00 28.81 ? 14  ARG A NH2 1 
ATOM   102  N N   . ILE A 1 15  ? 2.048   7.858   5.196   1.00 26.60 ? 15  ILE A N   1 
ATOM   103  C CA  . ILE A 1 15  ? 1.288   6.805   5.865   1.00 25.56 ? 15  ILE A CA  1 
ATOM   104  C C   . ILE A 1 15  ? 2.402   5.876   6.327   1.00 24.15 ? 15  ILE A C   1 
ATOM   105  O O   . ILE A 1 15  ? 3.095   5.282   5.494   1.00 22.29 ? 15  ILE A O   1 
ATOM   106  C CB  . ILE A 1 15  ? 0.391   6.023   4.894   1.00 27.74 ? 15  ILE A CB  1 
ATOM   107  C CG1 . ILE A 1 15  ? -0.686  6.939   4.321   1.00 29.08 ? 15  ILE A CG1 1 
ATOM   108  C CG2 . ILE A 1 15  ? -0.257  4.856   5.618   1.00 27.60 ? 15  ILE A CG2 1 
ATOM   109  C CD1 . ILE A 1 15  ? -1.684  7.428   5.358   1.00 32.24 ? 15  ILE A CD1 1 
ATOM   110  N N   . ALA A 1 16  ? 2.599   5.773   7.639   1.00 23.06 ? 16  ALA A N   1 
ATOM   111  C CA  . ALA A 1 16  ? 3.654   4.921   8.190   1.00 21.80 ? 16  ALA A CA  1 
ATOM   112  C C   . ALA A 1 16  ? 3.061   3.720   8.906   1.00 20.72 ? 16  ALA A C   1 
ATOM   113  O O   . ALA A 1 16  ? 2.172   3.863   9.739   1.00 20.61 ? 16  ALA A O   1 
ATOM   114  C CB  . ALA A 1 16  ? 4.528   5.719   9.145   1.00 20.04 ? 16  ALA A CB  1 
ATOM   115  N N   . ARG A 1 17  ? 3.562   2.538   8.562   1.00 21.10 ? 17  ARG A N   1 
ATOM   116  C CA  . ARG A 1 17  ? 3.102   1.284   9.150   1.00 21.50 ? 17  ARG A CA  1 
ATOM   117  C C   . ARG A 1 17  ? 4.284   0.435   9.602   1.00 21.87 ? 17  ARG A C   1 
ATOM   118  O O   . ARG A 1 17  ? 5.331   0.413   8.956   1.00 21.71 ? 17  ARG A O   1 
ATOM   119  C CB  . ARG A 1 17  ? 2.279   0.488   8.131   1.00 20.44 ? 17  ARG A CB  1 
ATOM   120  C CG  . ARG A 1 17  ? 1.011   1.191   7.656   1.00 21.81 ? 17  ARG A CG  1 
ATOM   121  C CD  . ARG A 1 17  ? 0.410   0.495   6.436   1.00 24.29 ? 17  ARG A CD  1 
ATOM   122  N NE  . ARG A 1 17  ? 0.103   -0.911  6.689   1.00 24.48 ? 17  ARG A NE  1 
ATOM   123  C CZ  . ARG A 1 17  ? -0.964  -1.341  7.358   1.00 27.03 ? 17  ARG A CZ  1 
ATOM   124  N NH1 . ARG A 1 17  ? -1.844  -0.470  7.844   1.00 25.52 ? 17  ARG A NH1 1 
ATOM   125  N NH2 . ARG A 1 17  ? -1.146  -2.646  7.547   1.00 26.68 ? 17  ARG A NH2 1 
ATOM   126  N N   . PRO A 1 18  ? 4.130   -0.282  10.723  1.00 22.97 ? 18  PRO A N   1 
ATOM   127  C CA  . PRO A 1 18  ? 5.184   -1.146  11.263  1.00 22.57 ? 18  PRO A CA  1 
ATOM   128  C C   . PRO A 1 18  ? 5.170   -2.533  10.614  1.00 22.78 ? 18  PRO A C   1 
ATOM   129  O O   . PRO A 1 18  ? 4.143   -2.973  10.100  1.00 22.68 ? 18  PRO A O   1 
ATOM   130  C CB  . PRO A 1 18  ? 4.830   -1.213  12.733  1.00 23.02 ? 18  PRO A CB  1 
ATOM   131  C CG  . PRO A 1 18  ? 3.325   -1.260  12.678  1.00 22.72 ? 18  PRO A CG  1 
ATOM   132  C CD  . PRO A 1 18  ? 2.999   -0.184  11.666  1.00 22.22 ? 18  PRO A CD  1 
ATOM   133  N N   . THR A 1 19  ? 6.304   -3.224  10.640  1.00 23.95 ? 19  THR A N   1 
ATOM   134  C CA  . THR A 1 19  ? 6.376   -4.565  10.063  1.00 24.34 ? 19  THR A CA  1 
ATOM   135  C C   . THR A 1 19  ? 7.451   -5.402  10.738  1.00 24.60 ? 19  THR A C   1 
ATOM   136  O O   . THR A 1 19  ? 8.384   -4.872  11.331  1.00 25.55 ? 19  THR A O   1 
ATOM   137  C CB  . THR A 1 19  ? 6.676   -4.531  8.524   1.00 24.70 ? 19  THR A CB  1 
ATOM   138  O OG1 . THR A 1 19  ? 6.587   -5.860  7.995   1.00 23.05 ? 19  THR A OG1 1 
ATOM   139  C CG2 . THR A 1 19  ? 8.077   -3.978  8.243   1.00 21.33 ? 19  THR A CG2 1 
ATOM   140  N N   . GLY A 1 20  ? 7.303   -6.716  10.660  1.00 25.26 ? 20  GLY A N   1 
ATOM   141  C CA  . GLY A 1 20  ? 8.296   -7.600  11.231  1.00 25.32 ? 20  GLY A CA  1 
ATOM   142  C C   . GLY A 1 20  ? 9.026   -8.291  10.089  1.00 27.48 ? 20  GLY A C   1 
ATOM   143  O O   . GLY A 1 20  ? 9.905   -9.124  10.309  1.00 28.99 ? 20  GLY A O   1 
ATOM   144  N N   . GLN A 1 21  ? 8.660   -7.949  8.856   1.00 27.18 ? 21  GLN A N   1 
ATOM   145  C CA  . GLN A 1 21  ? 9.283   -8.549  7.682   1.00 27.11 ? 21  GLN A CA  1 
ATOM   146  C C   . GLN A 1 21  ? 9.419   -7.496  6.587   1.00 27.44 ? 21  GLN A C   1 
ATOM   147  O O   . GLN A 1 21  ? 8.706   -7.523  5.586   1.00 27.11 ? 21  GLN A O   1 
ATOM   148  C CB  . GLN A 1 21  ? 8.437   -9.734  7.200   1.00 27.27 ? 21  GLN A CB  1 
ATOM   149  C CG  . GLN A 1 21  ? 6.971   -9.396  6.934   1.00 26.16 ? 21  GLN A CG  1 
ATOM   150  C CD  . GLN A 1 21  ? 6.173   -10.602 6.478   1.00 28.58 ? 21  GLN A CD  1 
ATOM   151  O OE1 . GLN A 1 21  ? 6.736   -11.580 5.984   1.00 31.59 ? 21  GLN A OE1 1 
ATOM   152  N NE2 . GLN A 1 21  ? 4.857   -10.536 6.625   1.00 26.24 ? 21  GLN A NE2 1 
ATOM   153  N N   . LEU A 1 22  ? 10.353  -6.569  6.790   1.00 28.23 ? 22  LEU A N   1 
ATOM   154  C CA  . LEU A 1 22  ? 10.591  -5.475  5.849   1.00 28.84 ? 22  LEU A CA  1 
ATOM   155  C C   . LEU A 1 22  ? 11.049  -5.936  4.463   1.00 29.28 ? 22  LEU A C   1 
ATOM   156  O O   . LEU A 1 22  ? 10.829  -5.246  3.470   1.00 29.13 ? 22  LEU A O   1 
ATOM   157  C CB  . LEU A 1 22  ? 11.612  -4.488  6.442   1.00 27.58 ? 22  LEU A CB  1 
ATOM   158  C CG  . LEU A 1 22  ? 11.792  -3.112  5.783   1.00 26.32 ? 22  LEU A CG  1 
ATOM   159  C CD1 . LEU A 1 22  ? 10.493  -2.330  5.801   1.00 24.68 ? 22  LEU A CD1 1 
ATOM   160  C CD2 . LEU A 1 22  ? 12.863  -2.345  6.532   1.00 24.96 ? 22  LEU A CD2 1 
ATOM   161  N N   . ASP A 1 23  ? 11.684  -7.096  4.384   1.00 29.98 ? 23  ASP A N   1 
ATOM   162  C CA  . ASP A 1 23  ? 12.118  -7.581  3.086   1.00 31.05 ? 23  ASP A CA  1 
ATOM   163  C C   . ASP A 1 23  ? 10.922  -8.051  2.273   1.00 30.54 ? 23  ASP A C   1 
ATOM   164  O O   . ASP A 1 23  ? 10.866  -7.834  1.064   1.00 30.60 ? 23  ASP A O   1 
ATOM   165  C CB  . ASP A 1 23  ? 13.130  -8.707  3.244   1.00 35.04 ? 23  ASP A CB  1 
ATOM   166  C CG  . ASP A 1 23  ? 14.474  -8.211  3.758   1.00 40.05 ? 23  ASP A CG  1 
ATOM   167  O OD1 . ASP A 1 23  ? 14.997  -7.208  3.212   1.00 41.64 ? 23  ASP A OD1 1 
ATOM   168  O OD2 . ASP A 1 23  ? 15.011  -8.831  4.705   1.00 44.29 ? 23  ASP A OD2 1 
ATOM   169  N N   . GLU A 1 24  ? 9.965   -8.696  2.937   1.00 30.01 ? 24  GLU A N   1 
ATOM   170  C CA  . GLU A 1 24  ? 8.761   -9.170  2.263   1.00 30.90 ? 24  GLU A CA  1 
ATOM   171  C C   . GLU A 1 24  ? 7.953   -7.976  1.769   1.00 29.51 ? 24  GLU A C   1 
ATOM   172  O O   . GLU A 1 24  ? 7.391   -7.996  0.671   1.00 28.79 ? 24  GLU A O   1 
ATOM   173  C CB  . GLU A 1 24  ? 7.907   -9.995  3.220   1.00 32.25 ? 24  GLU A CB  1 
ATOM   174  C CG  . GLU A 1 24  ? 8.474   -11.358 3.479   1.00 36.52 ? 24  GLU A CG  1 
ATOM   175  C CD  . GLU A 1 24  ? 8.798   -12.091 2.189   1.00 40.16 ? 24  GLU A CD  1 
ATOM   176  O OE1 . GLU A 1 24  ? 7.977   -12.048 1.247   1.00 39.79 ? 24  GLU A OE1 1 
ATOM   177  O OE2 . GLU A 1 24  ? 9.875   -12.718 2.119   1.00 42.94 ? 24  GLU A OE2 1 
ATOM   178  N N   . ILE A 1 25  ? 7.899   -6.945  2.604   1.00 27.36 ? 25  ILE A N   1 
ATOM   179  C CA  . ILE A 1 25  ? 7.191   -5.715  2.288   1.00 26.19 ? 25  ILE A CA  1 
ATOM   180  C C   . ILE A 1 25  ? 7.817   -5.068  1.044   1.00 25.55 ? 25  ILE A C   1 
ATOM   181  O O   . ILE A 1 25  ? 7.104   -4.603  0.147   1.00 25.80 ? 25  ILE A O   1 
ATOM   182  C CB  . ILE A 1 25  ? 7.244   -4.737  3.498   1.00 25.20 ? 25  ILE A CB  1 
ATOM   183  C CG1 . ILE A 1 25  ? 6.349   -5.261  4.623   1.00 24.97 ? 25  ILE A CG1 1 
ATOM   184  C CG2 . ILE A 1 25  ? 6.848   -3.339  3.078   1.00 25.01 ? 25  ILE A CG2 1 
ATOM   185  C CD1 . ILE A 1 25  ? 4.869   -5.331  4.274   1.00 22.90 ? 25  ILE A CD1 1 
ATOM   186  N N   . ILE A 1 26  ? 9.146   -5.053  0.988   1.00 24.64 ? 26  ILE A N   1 
ATOM   187  C CA  . ILE A 1 26  ? 9.852   -4.470  -0.148  1.00 26.09 ? 26  ILE A CA  1 
ATOM   188  C C   . ILE A 1 26  ? 9.563   -5.230  -1.447  1.00 26.97 ? 26  ILE A C   1 
ATOM   189  O O   . ILE A 1 26  ? 9.371   -4.619  -2.505  1.00 26.07 ? 26  ILE A O   1 
ATOM   190  C CB  . ILE A 1 26  ? 11.373  -4.435  0.115   1.00 26.09 ? 26  ILE A CB  1 
ATOM   191  C CG1 . ILE A 1 26  ? 11.664  -3.453  1.248   1.00 25.69 ? 26  ILE A CG1 1 
ATOM   192  C CG2 . ILE A 1 26  ? 12.120  -4.026  -1.142  1.00 27.45 ? 26  ILE A CG2 1 
ATOM   193  C CD1 . ILE A 1 26  ? 13.100  -3.452  1.711   1.00 24.99 ? 26  ILE A CD1 1 
ATOM   194  N N   . ARG A 1 27  ? 9.528   -6.558  -1.367  1.00 26.16 ? 27  ARG A N   1 
ATOM   195  C CA  . ARG A 1 27  ? 9.236   -7.369  -2.543  1.00 26.33 ? 27  ARG A CA  1 
ATOM   196  C C   . ARG A 1 27  ? 7.842   -7.061  -3.093  1.00 25.85 ? 27  ARG A C   1 
ATOM   197  O O   . ARG A 1 27  ? 7.656   -6.940  -4.302  1.00 25.97 ? 27  ARG A O   1 
ATOM   198  C CB  . ARG A 1 27  ? 9.332   -8.859  -2.216  1.00 24.67 ? 27  ARG A CB  1 
ATOM   199  C CG  . ARG A 1 27  ? 8.912   -9.749  -3.381  1.00 24.38 ? 27  ARG A CG  1 
ATOM   200  C CD  . ARG A 1 27  ? 9.203   -11.206 -3.093  1.00 25.46 ? 27  ARG A CD  1 
ATOM   201  N NE  . ARG A 1 27  ? 8.969   -12.083 -4.241  1.00 24.40 ? 27  ARG A NE  1 
ATOM   202  C CZ  . ARG A 1 27  ? 7.802   -12.642 -4.545  1.00 23.60 ? 27  ARG A CZ  1 
ATOM   203  N NH1 . ARG A 1 27  ? 6.734   -12.424 -3.793  1.00 22.93 ? 27  ARG A NH1 1 
ATOM   204  N NH2 . ARG A 1 27  ? 7.711   -13.445 -5.595  1.00 24.63 ? 27  ARG A NH2 1 
ATOM   205  N N   . PHE A 1 28  ? 6.865   -6.933  -2.201  1.00 25.22 ? 28  PHE A N   1 
ATOM   206  C CA  . PHE A 1 28  ? 5.494   -6.647  -2.612  1.00 24.11 ? 28  PHE A CA  1 
ATOM   207  C C   . PHE A 1 28  ? 5.353   -5.257  -3.225  1.00 25.34 ? 28  PHE A C   1 
ATOM   208  O O   . PHE A 1 28  ? 4.826   -5.103  -4.334  1.00 23.98 ? 28  PHE A O   1 
ATOM   209  C CB  . PHE A 1 28  ? 4.545   -6.749  -1.411  1.00 24.06 ? 28  PHE A CB  1 
ATOM   210  C CG  . PHE A 1 28  ? 3.103   -6.420  -1.739  1.00 23.14 ? 28  PHE A CG  1 
ATOM   211  C CD1 . PHE A 1 28  ? 2.260   -7.378  -2.301  1.00 22.33 ? 28  PHE A CD1 1 
ATOM   212  C CD2 . PHE A 1 28  ? 2.593   -5.145  -1.501  1.00 21.35 ? 28  PHE A CD2 1 
ATOM   213  C CE1 . PHE A 1 28  ? 0.929   -7.071  -2.620  1.00 20.85 ? 28  PHE A CE1 1 
ATOM   214  C CE2 . PHE A 1 28  ? 1.271   -4.828  -1.816  1.00 21.00 ? 28  PHE A CE2 1 
ATOM   215  C CZ  . PHE A 1 28  ? 0.437   -5.795  -2.377  1.00 20.04 ? 28  PHE A CZ  1 
ATOM   216  N N   . TYR A 1 29  ? 5.822   -4.245  -2.497  1.00 24.72 ? 29  TYR A N   1 
ATOM   217  C CA  . TYR A 1 29  ? 5.706   -2.857  -2.941  1.00 25.82 ? 29  TYR A CA  1 
ATOM   218  C C   . TYR A 1 29  ? 6.655   -2.397  -4.028  1.00 26.05 ? 29  TYR A C   1 
ATOM   219  O O   . TYR A 1 29  ? 6.256   -1.654  -4.927  1.00 26.26 ? 29  TYR A O   1 
ATOM   220  C CB  . TYR A 1 29  ? 5.806   -1.918  -1.732  1.00 22.78 ? 29  TYR A CB  1 
ATOM   221  C CG  . TYR A 1 29  ? 4.579   -1.999  -0.873  1.00 22.82 ? 29  TYR A CG  1 
ATOM   222  C CD1 . TYR A 1 29  ? 3.410   -1.337  -1.236  1.00 21.52 ? 29  TYR A CD1 1 
ATOM   223  C CD2 . TYR A 1 29  ? 4.547   -2.827  0.253   1.00 22.91 ? 29  TYR A CD2 1 
ATOM   224  C CE1 . TYR A 1 29  ? 2.226   -1.502  -0.497  1.00 23.63 ? 29  TYR A CE1 1 
ATOM   225  C CE2 . TYR A 1 29  ? 3.371   -3.003  0.999   1.00 21.98 ? 29  TYR A CE2 1 
ATOM   226  C CZ  . TYR A 1 29  ? 2.216   -2.341  0.618   1.00 22.66 ? 29  TYR A CZ  1 
ATOM   227  O OH  . TYR A 1 29  ? 1.055   -2.530  1.329   1.00 21.03 ? 29  TYR A OH  1 
ATOM   228  N N   . GLU A 1 30  ? 7.904   -2.831  -3.963  1.00 26.57 ? 30  GLU A N   1 
ATOM   229  C CA  . GLU A 1 30  ? 8.853   -2.403  -4.964  1.00 28.81 ? 30  GLU A CA  1 
ATOM   230  C C   . GLU A 1 30  ? 8.854   -3.337  -6.167  1.00 29.48 ? 30  GLU A C   1 
ATOM   231  O O   . GLU A 1 30  ? 8.759   -2.885  -7.307  1.00 29.37 ? 30  GLU A O   1 
ATOM   232  C CB  . GLU A 1 30  ? 10.247  -2.307  -4.357  1.00 29.38 ? 30  GLU A CB  1 
ATOM   233  C CG  . GLU A 1 30  ? 11.017  -1.120  -4.872  1.00 32.55 ? 30  GLU A CG  1 
ATOM   234  C CD  . GLU A 1 30  ? 12.405  -1.020  -4.283  1.00 36.07 ? 30  GLU A CD  1 
ATOM   235  O OE1 . GLU A 1 30  ? 12.561  -1.266  -3.063  1.00 37.81 ? 30  GLU A OE1 1 
ATOM   236  O OE2 . GLU A 1 30  ? 13.337  -0.678  -5.040  1.00 37.33 ? 30  GLU A OE2 1 
ATOM   237  N N   . GLU A 1 31  ? 8.951   -4.636  -5.917  1.00 30.16 ? 31  GLU A N   1 
ATOM   238  C CA  . GLU A 1 31  ? 8.946   -5.602  -7.006  1.00 31.79 ? 31  GLU A CA  1 
ATOM   239  C C   . GLU A 1 31  ? 7.538   -5.855  -7.527  1.00 31.18 ? 31  GLU A C   1 
ATOM   240  O O   . GLU A 1 31  ? 7.338   -6.045  -8.725  1.00 33.55 ? 31  GLU A O   1 
ATOM   241  C CB  . GLU A 1 31  ? 9.533   -6.935  -6.560  1.00 33.56 ? 31  GLU A CB  1 
ATOM   242  C CG  . GLU A 1 31  ? 10.971  -6.888  -6.112  1.00 38.83 ? 31  GLU A CG  1 
ATOM   243  C CD  . GLU A 1 31  ? 11.572  -8.284  -6.014  1.00 43.53 ? 31  GLU A CD  1 
ATOM   244  O OE1 . GLU A 1 31  ? 12.496  -8.483  -5.187  1.00 45.96 ? 31  GLU A OE1 1 
ATOM   245  O OE2 . GLU A 1 31  ? 11.126  -9.183  -6.773  1.00 44.97 ? 31  GLU A OE2 1 
ATOM   246  N N   . GLY A 1 32  ? 6.566   -5.865  -6.627  1.00 29.53 ? 32  GLY A N   1 
ATOM   247  C CA  . GLY A 1 32  ? 5.201   -6.120  -7.033  1.00 29.21 ? 32  GLY A CA  1 
ATOM   248  C C   . GLY A 1 32  ? 4.505   -4.934  -7.652  1.00 30.36 ? 32  GLY A C   1 
ATOM   249  O O   . GLY A 1 32  ? 4.174   -4.952  -8.838  1.00 31.58 ? 32  GLY A O   1 
ATOM   250  N N   . LEU A 1 33  ? 4.271   -3.902  -6.849  1.00 30.61 ? 33  LEU A N   1 
ATOM   251  C CA  . LEU A 1 33  ? 3.599   -2.701  -7.330  1.00 31.43 ? 33  LEU A CA  1 
ATOM   252  C C   . LEU A 1 33  ? 4.496   -1.814  -8.164  1.00 31.08 ? 33  LEU A C   1 
ATOM   253  O O   . LEU A 1 33  ? 4.013   -1.000  -8.946  1.00 31.62 ? 33  LEU A O   1 
ATOM   254  C CB  . LEU A 1 33  ? 3.067   -1.879  -6.161  1.00 31.16 ? 33  LEU A CB  1 
ATOM   255  C CG  . LEU A 1 33  ? 1.830   -2.444  -5.479  1.00 33.67 ? 33  LEU A CG  1 
ATOM   256  C CD1 . LEU A 1 33  ? 1.370   -1.488  -4.382  1.00 34.34 ? 33  LEU A CD1 1 
ATOM   257  C CD2 . LEU A 1 33  ? 0.739   -2.639  -6.524  1.00 33.21 ? 33  LEU A CD2 1 
ATOM   258  N N   . CYS A 1 34  ? 5.803   -1.971  -7.994  1.00 30.21 ? 34  CYS A N   1 
ATOM   259  C CA  . CYS A 1 34  ? 6.761   -1.148  -8.713  1.00 30.51 ? 34  CYS A CA  1 
ATOM   260  C C   . CYS A 1 34  ? 6.644   0.305   -8.274  1.00 29.15 ? 34  CYS A C   1 
ATOM   261  O O   . CYS A 1 34  ? 6.632   1.226   -9.094  1.00 28.93 ? 34  CYS A O   1 
ATOM   262  C CB  . CYS A 1 34  ? 6.556   -1.264  -10.225 1.00 32.37 ? 34  CYS A CB  1 
ATOM   263  S SG  . CYS A 1 34  ? 7.148   -2.831  -10.905 1.00 35.79 ? 34  CYS A SG  1 
ATOM   264  N N   . LEU A 1 35  ? 6.520   0.499   -6.967  1.00 27.97 ? 35  LEU A N   1 
ATOM   265  C CA  . LEU A 1 35  ? 6.472   1.836   -6.402  1.00 26.78 ? 35  LEU A CA  1 
ATOM   266  C C   . LEU A 1 35  ? 7.944   2.210   -6.302  1.00 26.03 ? 35  LEU A C   1 
ATOM   267  O O   . LEU A 1 35  ? 8.794   1.356   -6.037  1.00 25.47 ? 35  LEU A O   1 
ATOM   268  C CB  . LEU A 1 35  ? 5.839   1.830   -5.005  1.00 25.16 ? 35  LEU A CB  1 
ATOM   269  C CG  . LEU A 1 35  ? 4.382   1.372   -4.891  1.00 23.58 ? 35  LEU A CG  1 
ATOM   270  C CD1 . LEU A 1 35  ? 3.859   1.733   -3.510  1.00 21.95 ? 35  LEU A CD1 1 
ATOM   271  C CD2 . LEU A 1 35  ? 3.537   2.046   -5.956  1.00 21.93 ? 35  LEU A CD2 1 
ATOM   272  N N   . LYS A 1 36  ? 8.252   3.478   -6.528  1.00 26.97 ? 36  LYS A N   1 
ATOM   273  C CA  . LYS A 1 36  ? 9.634   3.923   -6.467  1.00 28.50 ? 36  LYS A CA  1 
ATOM   274  C C   . LYS A 1 36  ? 10.110  4.108   -5.030  1.00 28.15 ? 36  LYS A C   1 
ATOM   275  O O   . LYS A 1 36  ? 9.409   4.709   -4.210  1.00 27.88 ? 36  LYS A O   1 
ATOM   276  C CB  . LYS A 1 36  ? 9.789   5.239   -7.249  1.00 30.32 ? 36  LYS A CB  1 
ATOM   277  C CG  . LYS A 1 36  ? 11.068  6.027   -6.952  1.00 36.09 ? 36  LYS A CG  1 
ATOM   278  C CD  . LYS A 1 36  ? 11.181  7.274   -7.833  1.00 40.35 ? 36  LYS A CD  1 
ATOM   279  C CE  . LYS A 1 36  ? 11.920  8.432   -7.139  1.00 43.76 ? 36  LYS A CE  1 
ATOM   280  N NZ  . LYS A 1 36  ? 13.308  8.117   -6.675  1.00 44.85 ? 36  LYS A NZ  1 
ATOM   281  N N   . ARG A 1 37  ? 11.293  3.579   -4.723  1.00 27.76 ? 37  ARG A N   1 
ATOM   282  C CA  . ARG A 1 37  ? 11.863  3.749   -3.390  1.00 27.80 ? 37  ARG A CA  1 
ATOM   283  C C   . ARG A 1 37  ? 12.430  5.172   -3.330  1.00 27.86 ? 37  ARG A C   1 
ATOM   284  O O   . ARG A 1 37  ? 13.423  5.485   -3.991  1.00 28.56 ? 37  ARG A O   1 
ATOM   285  C CB  . ARG A 1 37  ? 12.981  2.740   -3.126  1.00 26.29 ? 37  ARG A CB  1 
ATOM   286  C CG  . ARG A 1 37  ? 13.608  2.935   -1.753  1.00 27.31 ? 37  ARG A CG  1 
ATOM   287  C CD  . ARG A 1 37  ? 14.754  1.981   -1.490  1.00 27.20 ? 37  ARG A CD  1 
ATOM   288  N NE  . ARG A 1 37  ? 14.350  0.592   -1.667  1.00 29.11 ? 37  ARG A NE  1 
ATOM   289  C CZ  . ARG A 1 37  ? 15.013  -0.441  -1.161  1.00 29.55 ? 37  ARG A CZ  1 
ATOM   290  N NH1 . ARG A 1 37  ? 16.109  -0.236  -0.439  1.00 27.78 ? 37  ARG A NH1 1 
ATOM   291  N NH2 . ARG A 1 37  ? 14.591  -1.678  -1.391  1.00 28.49 ? 37  ARG A NH2 1 
ATOM   292  N N   . ILE A 1 38  ? 11.793  6.032   -2.544  1.00 26.83 ? 38  ILE A N   1 
ATOM   293  C CA  . ILE A 1 38  ? 12.220  7.422   -2.444  1.00 25.87 ? 38  ILE A CA  1 
ATOM   294  C C   . ILE A 1 38  ? 13.002  7.731   -1.180  1.00 26.05 ? 38  ILE A C   1 
ATOM   295  O O   . ILE A 1 38  ? 13.342  8.883   -0.925  1.00 26.12 ? 38  ILE A O   1 
ATOM   296  C CB  . ILE A 1 38  ? 11.004  8.380   -2.521  1.00 24.84 ? 38  ILE A CB  1 
ATOM   297  C CG1 . ILE A 1 38  ? 10.075  8.157   -1.324  1.00 23.40 ? 38  ILE A CG1 1 
ATOM   298  C CG2 . ILE A 1 38  ? 10.255  8.150   -3.828  1.00 22.35 ? 38  ILE A CG2 1 
ATOM   299  C CD1 . ILE A 1 38  ? 8.923   9.124   -1.244  1.00 21.89 ? 38  ILE A CD1 1 
ATOM   300  N N   . GLY A 1 39  ? 13.285  6.698   -0.394  1.00 26.54 ? 39  GLY A N   1 
ATOM   301  C CA  . GLY A 1 39  ? 14.030  6.889   0.834   1.00 25.37 ? 39  GLY A CA  1 
ATOM   302  C C   . GLY A 1 39  ? 14.191  5.587   1.588   1.00 26.84 ? 39  GLY A C   1 
ATOM   303  O O   . GLY A 1 39  ? 13.473  4.619   1.338   1.00 27.67 ? 39  GLY A O   1 
ATOM   304  N N   . GLU A 1 40  ? 15.151  5.559   2.506   1.00 26.74 ? 40  GLU A N   1 
ATOM   305  C CA  . GLU A 1 40  ? 15.417  4.378   3.324   1.00 26.43 ? 40  GLU A CA  1 
ATOM   306  C C   . GLU A 1 40  ? 16.396  4.791   4.408   1.00 25.35 ? 40  GLU A C   1 
ATOM   307  O O   . GLU A 1 40  ? 17.069  5.815   4.294   1.00 25.75 ? 40  GLU A O   1 
ATOM   308  C CB  . GLU A 1 40  ? 16.048  3.260   2.489   1.00 26.33 ? 40  GLU A CB  1 
ATOM   309  C CG  . GLU A 1 40  ? 17.524  3.498   2.196   1.00 30.98 ? 40  GLU A CG  1 
ATOM   310  C CD  . GLU A 1 40  ? 18.155  2.403   1.359   1.00 35.11 ? 40  GLU A CD  1 
ATOM   311  O OE1 . GLU A 1 40  ? 17.772  2.257   0.175   1.00 36.89 ? 40  GLU A OE1 1 
ATOM   312  O OE2 . GLU A 1 40  ? 19.038  1.687   1.884   1.00 36.65 ? 40  GLU A OE2 1 
ATOM   313  N N   . PHE A 1 41  ? 16.467  3.997   5.464   1.00 26.17 ? 41  PHE A N   1 
ATOM   314  C CA  . PHE A 1 41  ? 17.385  4.275   6.555   1.00 27.46 ? 41  PHE A CA  1 
ATOM   315  C C   . PHE A 1 41  ? 17.680  2.984   7.305   1.00 29.17 ? 41  PHE A C   1 
ATOM   316  O O   . PHE A 1 41  ? 16.793  2.148   7.525   1.00 28.63 ? 41  PHE A O   1 
ATOM   317  C CB  . PHE A 1 41  ? 16.805  5.346   7.492   1.00 26.34 ? 41  PHE A CB  1 
ATOM   318  C CG  . PHE A 1 41  ? 15.550  4.929   8.212   1.00 25.94 ? 41  PHE A CG  1 
ATOM   319  C CD1 . PHE A 1 41  ? 15.617  4.309   9.456   1.00 25.18 ? 41  PHE A CD1 1 
ATOM   320  C CD2 . PHE A 1 41  ? 14.295  5.194   7.661   1.00 26.77 ? 41  PHE A CD2 1 
ATOM   321  C CE1 . PHE A 1 41  ? 14.452  3.963   10.148  1.00 25.46 ? 41  PHE A CE1 1 
ATOM   322  C CE2 . PHE A 1 41  ? 13.122  4.851   8.344   1.00 25.35 ? 41  PHE A CE2 1 
ATOM   323  C CZ  . PHE A 1 41  ? 13.204  4.235   9.593   1.00 25.23 ? 41  PHE A CZ  1 
ATOM   324  N N   . SER A 1 42  ? 18.941  2.818   7.674   1.00 29.53 ? 42  SER A N   1 
ATOM   325  C CA  . SER A 1 42  ? 19.370  1.633   8.381   1.00 31.53 ? 42  SER A CA  1 
ATOM   326  C C   . SER A 1 42  ? 19.833  2.022   9.773   1.00 32.68 ? 42  SER A C   1 
ATOM   327  O O   . SER A 1 42  ? 20.525  3.026   9.947   1.00 33.18 ? 42  SER A O   1 
ATOM   328  C CB  . SER A 1 42  ? 20.512  0.970   7.616   1.00 32.93 ? 42  SER A CB  1 
ATOM   329  O OG  . SER A 1 42  ? 20.834  -0.293  8.164   1.00 38.86 ? 42  SER A OG  1 
ATOM   330  N N   . GLN A 1 43  ? 19.432  1.226   10.758  1.00 33.35 ? 43  GLN A N   1 
ATOM   331  C CA  . GLN A 1 43  ? 19.806  1.442   12.151  1.00 34.28 ? 43  GLN A CA  1 
ATOM   332  C C   . GLN A 1 43  ? 19.690  2.860   12.686  1.00 34.00 ? 43  GLN A C   1 
ATOM   333  O O   . GLN A 1 43  ? 20.700  3.489   13.012  1.00 33.20 ? 43  GLN A O   1 
ATOM   334  C CB  . GLN A 1 43  ? 21.232  0.956   12.387  1.00 35.32 ? 43  GLN A CB  1 
ATOM   335  C CG  . GLN A 1 43  ? 21.403  -0.541  12.263  1.00 40.50 ? 43  GLN A CG  1 
ATOM   336  C CD  . GLN A 1 43  ? 22.863  -0.943  12.246  1.00 43.82 ? 43  GLN A CD  1 
ATOM   337  O OE1 . GLN A 1 43  ? 23.593  -0.638  11.298  1.00 43.58 ? 43  GLN A OE1 1 
ATOM   338  N NE2 . GLN A 1 43  ? 23.304  -1.625  13.303  1.00 46.67 ? 43  GLN A NE2 1 
ATOM   339  N N   . HIS A 1 44  ? 18.470  3.376   12.765  1.00 33.68 ? 44  HIS A N   1 
ATOM   340  C CA  . HIS A 1 44  ? 18.272  4.700   13.336  1.00 33.88 ? 44  HIS A CA  1 
ATOM   341  C C   . HIS A 1 44  ? 17.372  4.506   14.551  1.00 33.54 ? 44  HIS A C   1 
ATOM   342  O O   . HIS A 1 44  ? 16.180  4.247   14.412  1.00 33.80 ? 44  HIS A O   1 
ATOM   343  C CB  . HIS A 1 44  ? 17.627  5.675   12.341  1.00 32.84 ? 44  HIS A CB  1 
ATOM   344  C CG  . HIS A 1 44  ? 17.441  7.054   12.900  1.00 34.79 ? 44  HIS A CG  1 
ATOM   345  N ND1 . HIS A 1 44  ? 18.483  7.789   13.426  1.00 35.70 ? 44  HIS A ND1 1 
ATOM   346  C CD2 . HIS A 1 44  ? 16.328  7.804   13.080  1.00 36.97 ? 44  HIS A CD2 1 
ATOM   347  C CE1 . HIS A 1 44  ? 18.020  8.927   13.910  1.00 35.78 ? 44  HIS A CE1 1 
ATOM   348  N NE2 . HIS A 1 44  ? 16.714  8.962   13.714  1.00 37.03 ? 44  HIS A NE2 1 
ATOM   349  N N   . ASN A 1 45  ? 17.959  4.621   15.738  1.00 34.19 ? 45  ASN A N   1 
ATOM   350  C CA  . ASN A 1 45  ? 17.234  4.428   16.988  1.00 35.16 ? 45  ASN A CA  1 
ATOM   351  C C   . ASN A 1 45  ? 16.703  2.997   17.057  1.00 34.61 ? 45  ASN A C   1 
ATOM   352  O O   . ASN A 1 45  ? 15.634  2.741   17.621  1.00 35.57 ? 45  ASN A O   1 
ATOM   353  C CB  . ASN A 1 45  ? 16.076  5.430   17.123  1.00 37.15 ? 45  ASN A CB  1 
ATOM   354  C CG  . ASN A 1 45  ? 16.557  6.872   17.226  1.00 40.89 ? 45  ASN A CG  1 
ATOM   355  O OD1 . ASN A 1 45  ? 17.598  7.151   17.827  1.00 41.41 ? 45  ASN A OD1 1 
ATOM   356  N ND2 . ASN A 1 45  ? 15.789  7.798   16.653  1.00 42.67 ? 45  ASN A ND2 1 
ATOM   357  N N   . GLY A 1 46  ? 17.460  2.071   16.474  1.00 33.82 ? 46  GLY A N   1 
ATOM   358  C CA  . GLY A 1 46  ? 17.070  0.672   16.485  1.00 33.94 ? 46  GLY A CA  1 
ATOM   359  C C   . GLY A 1 46  ? 16.078  0.290   15.403  1.00 34.46 ? 46  GLY A C   1 
ATOM   360  O O   . GLY A 1 46  ? 15.603  -0.851  15.354  1.00 35.62 ? 46  GLY A O   1 
ATOM   361  N N   . TYR A 1 47  ? 15.769  1.239   14.528  1.00 32.61 ? 47  TYR A N   1 
ATOM   362  C CA  . TYR A 1 47  ? 14.825  1.003   13.445  1.00 31.23 ? 47  TYR A CA  1 
ATOM   363  C C   . TYR A 1 47  ? 15.458  1.006   12.060  1.00 30.28 ? 47  TYR A C   1 
ATOM   364  O O   . TYR A 1 47  ? 16.485  1.640   11.813  1.00 28.26 ? 47  TYR A O   1 
ATOM   365  C CB  . TYR A 1 47  ? 13.733  2.069   13.448  1.00 32.20 ? 47  TYR A CB  1 
ATOM   366  C CG  . TYR A 1 47  ? 12.701  1.968   14.546  1.00 33.99 ? 47  TYR A CG  1 
ATOM   367  C CD1 . TYR A 1 47  ? 11.590  1.133   14.414  1.00 34.74 ? 47  TYR A CD1 1 
ATOM   368  C CD2 . TYR A 1 47  ? 12.782  2.782   15.673  1.00 34.59 ? 47  TYR A CD2 1 
ATOM   369  C CE1 . TYR A 1 47  ? 10.576  1.124   15.372  1.00 36.46 ? 47  TYR A CE1 1 
ATOM   370  C CE2 . TYR A 1 47  ? 11.779  2.781   16.636  1.00 37.26 ? 47  TYR A CE2 1 
ATOM   371  C CZ  . TYR A 1 47  ? 10.677  1.955   16.480  1.00 37.98 ? 47  TYR A CZ  1 
ATOM   372  O OH  . TYR A 1 47  ? 9.667   1.995   17.418  1.00 41.03 ? 47  TYR A OH  1 
ATOM   373  N N   . ASP A 1 48  ? 14.806  0.284   11.163  1.00 29.60 ? 48  ASP A N   1 
ATOM   374  C CA  . ASP A 1 48  ? 15.194  0.197   9.769   1.00 29.75 ? 48  ASP A CA  1 
ATOM   375  C C   . ASP A 1 48  ? 13.900  0.549   9.052   1.00 28.53 ? 48  ASP A C   1 
ATOM   376  O O   . ASP A 1 48  ? 12.820  0.250   9.556   1.00 28.51 ? 48  ASP A O   1 
ATOM   377  C CB  . ASP A 1 48  ? 15.625  -1.224  9.417   1.00 32.32 ? 48  ASP A CB  1 
ATOM   378  C CG  . ASP A 1 48  ? 17.084  -1.485  9.735   1.00 34.95 ? 48  ASP A CG  1 
ATOM   379  O OD1 . ASP A 1 48  ? 17.582  -0.999  10.774  1.00 36.65 ? 48  ASP A OD1 1 
ATOM   380  O OD2 . ASP A 1 48  ? 17.736  -2.191  8.940   1.00 38.58 ? 48  ASP A OD2 1 
ATOM   381  N N   . GLY A 1 49  ? 13.996  1.199   7.898   1.00 26.56 ? 49  GLY A N   1 
ATOM   382  C CA  . GLY A 1 49  ? 12.784  1.561   7.188   1.00 24.95 ? 49  GLY A CA  1 
ATOM   383  C C   . GLY A 1 49  ? 12.996  1.896   5.733   1.00 24.45 ? 49  GLY A C   1 
ATOM   384  O O   . GLY A 1 49  ? 14.125  2.091   5.282   1.00 24.50 ? 49  GLY A O   1 
ATOM   385  N N   . VAL A 1 50  ? 11.896  1.967   4.997   1.00 24.07 ? 50  VAL A N   1 
ATOM   386  C CA  . VAL A 1 50  ? 11.945  2.268   3.577   1.00 23.17 ? 50  VAL A CA  1 
ATOM   387  C C   . VAL A 1 50  ? 10.713  3.087   3.208   1.00 23.85 ? 50  VAL A C   1 
ATOM   388  O O   . VAL A 1 50  ? 9.641   2.897   3.773   1.00 24.25 ? 50  VAL A O   1 
ATOM   389  C CB  . VAL A 1 50  ? 11.996  0.955   2.749   1.00 24.24 ? 50  VAL A CB  1 
ATOM   390  C CG1 . VAL A 1 50  ? 10.706  0.165   2.932   1.00 22.12 ? 50  VAL A CG1 1 
ATOM   391  C CG2 . VAL A 1 50  ? 12.250  1.267   1.292   1.00 25.25 ? 50  VAL A CG2 1 
ATOM   392  N N   . MET A 1 51  ? 10.879  4.019   2.276   1.00 23.59 ? 51  MET A N   1 
ATOM   393  C CA  . MET A 1 51  ? 9.778   4.866   1.845   1.00 22.27 ? 51  MET A CA  1 
ATOM   394  C C   . MET A 1 51  ? 9.474   4.626   0.366   1.00 23.13 ? 51  MET A C   1 
ATOM   395  O O   . MET A 1 51  ? 10.386  4.575   -0.455  1.00 22.49 ? 51  MET A O   1 
ATOM   396  C CB  . MET A 1 51  ? 10.130  6.342   2.090   1.00 21.52 ? 51  MET A CB  1 
ATOM   397  C CG  . MET A 1 51  ? 10.380  6.714   3.568   1.00 21.43 ? 51  MET A CG  1 
ATOM   398  S SD  . MET A 1 51  ? 11.958  6.171   4.278   1.00 13.32 ? 51  MET A SD  1 
ATOM   399  C CE  . MET A 1 51  ? 12.127  7.384   5.489   1.00 17.51 ? 51  MET A CE  1 
ATOM   400  N N   . PHE A 1 52  ? 8.191   4.462   0.039   1.00 24.12 ? 52  PHE A N   1 
ATOM   401  C CA  . PHE A 1 52  ? 7.748   4.227   -1.340  1.00 24.16 ? 52  PHE A CA  1 
ATOM   402  C C   . PHE A 1 52  ? 6.851   5.357   -1.830  1.00 24.26 ? 52  PHE A C   1 
ATOM   403  O O   . PHE A 1 52  ? 5.909   5.753   -1.144  1.00 25.16 ? 52  PHE A O   1 
ATOM   404  C CB  . PHE A 1 52  ? 6.981   2.902   -1.448  1.00 23.35 ? 52  PHE A CB  1 
ATOM   405  C CG  . PHE A 1 52  ? 7.806   1.704   -1.121  1.00 26.41 ? 52  PHE A CG  1 
ATOM   406  C CD1 . PHE A 1 52  ? 8.962   1.424   -1.847  1.00 27.88 ? 52  PHE A CD1 1 
ATOM   407  C CD2 . PHE A 1 52  ? 7.456   0.871   -0.065  1.00 27.19 ? 52  PHE A CD2 1 
ATOM   408  C CE1 . PHE A 1 52  ? 9.764   0.331   -1.522  1.00 28.78 ? 52  PHE A CE1 1 
ATOM   409  C CE2 . PHE A 1 52  ? 8.251   -0.226  0.268   1.00 27.92 ? 52  PHE A CE2 1 
ATOM   410  C CZ  . PHE A 1 52  ? 9.408   -0.493  -0.463  1.00 27.14 ? 52  PHE A CZ  1 
ATOM   411  N N   . GLY A 1 53  ? 7.145   5.864   -3.022  1.00 23.33 ? 53  GLY A N   1 
ATOM   412  C CA  . GLY A 1 53  ? 6.355   6.948   -3.575  1.00 23.29 ? 53  GLY A CA  1 
ATOM   413  C C   . GLY A 1 53  ? 4.948   6.505   -3.906  1.00 23.47 ? 53  GLY A C   1 
ATOM   414  O O   . GLY A 1 53  ? 4.717   5.346   -4.244  1.00 23.51 ? 53  GLY A O   1 
ATOM   415  N N   . LEU A 1 54  ? 4.001   7.430   -3.825  1.00 24.20 ? 54  LEU A N   1 
ATOM   416  C CA  . LEU A 1 54  ? 2.618   7.095   -4.106  1.00 26.26 ? 54  LEU A CA  1 
ATOM   417  C C   . LEU A 1 54  ? 1.929   8.145   -4.984  1.00 27.66 ? 54  LEU A C   1 
ATOM   418  O O   . LEU A 1 54  ? 0.914   8.722   -4.594  1.00 28.93 ? 54  LEU A O   1 
ATOM   419  C CB  . LEU A 1 54  ? 1.871   6.938   -2.785  1.00 26.12 ? 54  LEU A CB  1 
ATOM   420  C CG  . LEU A 1 54  ? 0.747   5.915   -2.721  1.00 27.01 ? 54  LEU A CG  1 
ATOM   421  C CD1 . LEU A 1 54  ? 1.289   4.506   -2.939  1.00 25.83 ? 54  LEU A CD1 1 
ATOM   422  C CD2 . LEU A 1 54  ? 0.085   6.038   -1.370  1.00 26.24 ? 54  LEU A CD2 1 
ATOM   423  N N   . PRO A 1 55  ? 2.465   8.397   -6.191  1.00 29.09 ? 55  PRO A N   1 
ATOM   424  C CA  . PRO A 1 55  ? 3.657   7.764   -6.766  1.00 29.19 ? 55  PRO A CA  1 
ATOM   425  C C   . PRO A 1 55  ? 4.965   8.483   -6.427  1.00 29.81 ? 55  PRO A C   1 
ATOM   426  O O   . PRO A 1 55  ? 6.046   7.939   -6.647  1.00 29.55 ? 55  PRO A O   1 
ATOM   427  C CB  . PRO A 1 55  ? 3.362   7.800   -8.259  1.00 29.10 ? 55  PRO A CB  1 
ATOM   428  C CG  . PRO A 1 55  ? 2.702   9.136   -8.398  1.00 28.94 ? 55  PRO A CG  1 
ATOM   429  C CD  . PRO A 1 55  ? 1.741   9.164   -7.223  1.00 28.36 ? 55  PRO A CD  1 
ATOM   430  N N   . HIS A 1 56  ? 4.859   9.698   -5.889  1.00 31.18 ? 56  HIS A N   1 
ATOM   431  C CA  . HIS A 1 56  ? 6.034   10.494  -5.542  1.00 33.39 ? 56  HIS A CA  1 
ATOM   432  C C   . HIS A 1 56  ? 6.204   10.718  -4.043  1.00 32.03 ? 56  HIS A C   1 
ATOM   433  O O   . HIS A 1 56  ? 5.719   9.936   -3.228  1.00 32.72 ? 56  HIS A O   1 
ATOM   434  C CB  . HIS A 1 56  ? 5.963   11.848  -6.244  1.00 38.28 ? 56  HIS A CB  1 
ATOM   435  C CG  . HIS A 1 56  ? 5.564   11.751  -7.681  1.00 44.31 ? 56  HIS A CG  1 
ATOM   436  N ND1 . HIS A 1 56  ? 6.234   10.956  -8.587  1.00 47.19 ? 56  HIS A ND1 1 
ATOM   437  C CD2 . HIS A 1 56  ? 4.538   12.318  -8.362  1.00 47.30 ? 56  HIS A CD2 1 
ATOM   438  C CE1 . HIS A 1 56  ? 5.637   11.032  -9.763  1.00 48.50 ? 56  HIS A CE1 1 
ATOM   439  N NE2 . HIS A 1 56  ? 4.604   11.851  -9.654  1.00 49.88 ? 56  HIS A NE2 1 
ATOM   440  N N   . ALA A 1 57  ? 6.894   11.797  -3.690  1.00 30.09 ? 57  ALA A N   1 
ATOM   441  C CA  . ALA A 1 57  ? 7.142   12.121  -2.294  1.00 30.52 ? 57  ALA A CA  1 
ATOM   442  C C   . ALA A 1 57  ? 5.999   12.873  -1.615  1.00 30.79 ? 57  ALA A C   1 
ATOM   443  O O   . ALA A 1 57  ? 5.812   12.740  -0.403  1.00 31.40 ? 57  ALA A O   1 
ATOM   444  C CB  . ALA A 1 57  ? 8.429   12.919  -2.172  1.00 29.98 ? 57  ALA A CB  1 
ATOM   445  N N   . ASP A 1 58  ? 5.235   13.655  -2.377  1.00 31.00 ? 58  ASP A N   1 
ATOM   446  C CA  . ASP A 1 58  ? 4.124   14.415  -1.802  1.00 31.73 ? 58  ASP A CA  1 
ATOM   447  C C   . ASP A 1 58  ? 3.250   13.521  -0.939  1.00 30.57 ? 58  ASP A C   1 
ATOM   448  O O   . ASP A 1 58  ? 2.842   13.902  0.155   1.00 30.96 ? 58  ASP A O   1 
ATOM   449  C CB  . ASP A 1 58  ? 3.272   15.051  -2.900  1.00 34.78 ? 58  ASP A CB  1 
ATOM   450  C CG  . ASP A 1 58  ? 4.013   16.145  -3.648  1.00 40.63 ? 58  ASP A CG  1 
ATOM   451  O OD1 . ASP A 1 58  ? 4.929   16.760  -3.056  1.00 42.51 ? 58  ASP A OD1 1 
ATOM   452  O OD2 . ASP A 1 58  ? 3.670   16.402  -4.822  1.00 44.47 ? 58  ASP A OD2 1 
ATOM   453  N N   . TYR A 1 59  ? 2.956   12.337  -1.461  1.00 29.64 ? 59  TYR A N   1 
ATOM   454  C CA  . TYR A 1 59  ? 2.160   11.337  -0.769  1.00 27.03 ? 59  TYR A CA  1 
ATOM   455  C C   . TYR A 1 59  ? 2.950   10.049  -0.901  1.00 27.00 ? 59  TYR A C   1 
ATOM   456  O O   . TYR A 1 59  ? 3.150   9.554   -2.010  1.00 26.31 ? 59  TYR A O   1 
ATOM   457  C CB  . TYR A 1 59  ? 0.790   11.151  -1.430  1.00 26.47 ? 59  TYR A CB  1 
ATOM   458  C CG  . TYR A 1 59  ? -0.118  12.357  -1.345  1.00 25.90 ? 59  TYR A CG  1 
ATOM   459  C CD1 . TYR A 1 59  ? -0.052  13.378  -2.296  1.00 25.13 ? 59  TYR A CD1 1 
ATOM   460  C CD2 . TYR A 1 59  ? -1.039  12.486  -0.299  1.00 25.24 ? 59  TYR A CD2 1 
ATOM   461  C CE1 . TYR A 1 59  ? -0.881  14.495  -2.206  1.00 25.26 ? 59  TYR A CE1 1 
ATOM   462  C CE2 . TYR A 1 59  ? -1.871  13.596  -0.200  1.00 26.18 ? 59  TYR A CE2 1 
ATOM   463  C CZ  . TYR A 1 59  ? -1.787  14.597  -1.154  1.00 27.12 ? 59  TYR A CZ  1 
ATOM   464  O OH  . TYR A 1 59  ? -2.604  15.707  -1.044  1.00 29.00 ? 59  TYR A OH  1 
ATOM   465  N N   . HIS A 1 60  ? 3.420   9.514   0.220   1.00 25.96 ? 60  HIS A N   1 
ATOM   466  C CA  . HIS A 1 60  ? 4.181   8.278   0.174   1.00 25.61 ? 60  HIS A CA  1 
ATOM   467  C C   . HIS A 1 60  ? 3.909   7.379   1.370   1.00 25.28 ? 60  HIS A C   1 
ATOM   468  O O   . HIS A 1 60  ? 3.250   7.775   2.339   1.00 23.59 ? 60  HIS A O   1 
ATOM   469  C CB  . HIS A 1 60  ? 5.689   8.565   0.080   1.00 25.21 ? 60  HIS A CB  1 
ATOM   470  C CG  . HIS A 1 60  ? 6.254   9.278   1.271   1.00 24.78 ? 60  HIS A CG  1 
ATOM   471  N ND1 . HIS A 1 60  ? 6.311   10.653  1.361   1.00 25.00 ? 60  HIS A ND1 1 
ATOM   472  C CD2 . HIS A 1 60  ? 6.768   8.805   2.432   1.00 23.81 ? 60  HIS A CD2 1 
ATOM   473  C CE1 . HIS A 1 60  ? 6.834   10.995  2.525   1.00 24.48 ? 60  HIS A CE1 1 
ATOM   474  N NE2 . HIS A 1 60  ? 7.120   9.892   3.194   1.00 23.59 ? 60  HIS A NE2 1 
ATOM   475  N N   . LEU A 1 61  ? 4.421   6.156   1.278   1.00 23.96 ? 61  LEU A N   1 
ATOM   476  C CA  . LEU A 1 61  ? 4.273   5.162   2.328   1.00 23.09 ? 61  LEU A CA  1 
ATOM   477  C C   . LEU A 1 61  ? 5.625   4.969   2.990   1.00 23.55 ? 61  LEU A C   1 
ATOM   478  O O   . LEU A 1 61  ? 6.663   5.176   2.359   1.00 24.16 ? 61  LEU A O   1 
ATOM   479  C CB  . LEU A 1 61  ? 3.843   3.814   1.736   1.00 21.63 ? 61  LEU A CB  1 
ATOM   480  C CG  . LEU A 1 61  ? 2.542   3.675   0.943   1.00 23.03 ? 61  LEU A CG  1 
ATOM   481  C CD1 . LEU A 1 61  ? 2.399   2.241   0.430   1.00 21.64 ? 61  LEU A CD1 1 
ATOM   482  C CD2 . LEU A 1 61  ? 1.368   4.038   1.836   1.00 23.10 ? 61  LEU A CD2 1 
ATOM   483  N N   . GLU A 1 62  ? 5.612   4.599   4.266   1.00 22.08 ? 62  GLU A N   1 
ATOM   484  C CA  . GLU A 1 62  ? 6.842   4.285   4.980   1.00 22.42 ? 62  GLU A CA  1 
ATOM   485  C C   . GLU A 1 62  ? 6.599   3.010   5.778   1.00 21.84 ? 62  GLU A C   1 
ATOM   486  O O   . GLU A 1 62  ? 5.550   2.838   6.394   1.00 21.76 ? 62  GLU A O   1 
ATOM   487  C CB  . GLU A 1 62  ? 7.273   5.388   5.948   1.00 23.32 ? 62  GLU A CB  1 
ATOM   488  C CG  . GLU A 1 62  ? 8.476   4.934   6.775   1.00 25.63 ? 62  GLU A CG  1 
ATOM   489  C CD  . GLU A 1 62  ? 8.854   5.875   7.902   1.00 27.59 ? 62  GLU A CD  1 
ATOM   490  O OE1 . GLU A 1 62  ? 7.949   6.496   8.498   1.00 28.64 ? 62  GLU A OE1 1 
ATOM   491  O OE2 . GLU A 1 62  ? 10.063  5.973   8.207   1.00 28.75 ? 62  GLU A OE2 1 
ATOM   492  N N   . PHE A 1 63  ? 7.562   2.102   5.748   1.00 22.37 ? 63  PHE A N   1 
ATOM   493  C CA  . PHE A 1 63  ? 7.454   0.858   6.505   1.00 23.80 ? 63  PHE A CA  1 
ATOM   494  C C   . PHE A 1 63  ? 8.681   0.773   7.396   1.00 25.09 ? 63  PHE A C   1 
ATOM   495  O O   . PHE A 1 63  ? 9.812   0.987   6.941   1.00 25.07 ? 63  PHE A O   1 
ATOM   496  C CB  . PHE A 1 63  ? 7.381   -0.349  5.564   1.00 23.59 ? 63  PHE A CB  1 
ATOM   497  C CG  . PHE A 1 63  ? 6.064   -0.472  4.846   1.00 24.41 ? 63  PHE A CG  1 
ATOM   498  C CD1 . PHE A 1 63  ? 4.984   -1.118  5.449   1.00 24.01 ? 63  PHE A CD1 1 
ATOM   499  C CD2 . PHE A 1 63  ? 5.892   0.086   3.579   1.00 23.33 ? 63  PHE A CD2 1 
ATOM   500  C CE1 . PHE A 1 63  ? 3.753   -1.207  4.803   1.00 24.22 ? 63  PHE A CE1 1 
ATOM   501  C CE2 . PHE A 1 63  ? 4.662   0.004   2.921   1.00 23.60 ? 63  PHE A CE2 1 
ATOM   502  C CZ  . PHE A 1 63  ? 3.590   -0.644  3.532   1.00 24.31 ? 63  PHE A CZ  1 
ATOM   503  N N   . THR A 1 64  ? 8.448   0.484   8.670   1.00 26.15 ? 64  THR A N   1 
ATOM   504  C CA  . THR A 1 64  ? 9.526   0.388   9.639   1.00 28.04 ? 64  THR A CA  1 
ATOM   505  C C   . THR A 1 64  ? 9.519   -0.934  10.407  1.00 29.22 ? 64  THR A C   1 
ATOM   506  O O   . THR A 1 64  ? 8.468   -1.530  10.646  1.00 28.38 ? 64  THR A O   1 
ATOM   507  C CB  . THR A 1 64  ? 9.456   1.558   10.649  1.00 28.11 ? 64  THR A CB  1 
ATOM   508  O OG1 . THR A 1 64  ? 8.169   1.575   11.287  1.00 28.08 ? 64  THR A OG1 1 
ATOM   509  C CG2 . THR A 1 64  ? 9.678   2.883   9.932   1.00 27.92 ? 64  THR A CG2 1 
ATOM   510  N N   . GLN A 1 65  ? 10.715  -1.378  10.783  1.00 31.09 ? 65  GLN A N   1 
ATOM   511  C CA  . GLN A 1 65  ? 10.901  -2.609  11.538  1.00 32.68 ? 65  GLN A CA  1 
ATOM   512  C C   . GLN A 1 65  ? 11.884  -2.339  12.669  1.00 33.62 ? 65  GLN A C   1 
ATOM   513  O O   . GLN A 1 65  ? 12.951  -1.769  12.446  1.00 33.31 ? 65  GLN A O   1 
ATOM   514  C CB  . GLN A 1 65  ? 11.443  -3.700  10.614  1.00 32.40 ? 65  GLN A CB  1 
ATOM   515  C CG  . GLN A 1 65  ? 11.705  -5.029  11.291  1.00 32.45 ? 65  GLN A CG  1 
ATOM   516  C CD  . GLN A 1 65  ? 12.072  -6.111  10.299  1.00 33.55 ? 65  GLN A CD  1 
ATOM   517  O OE1 . GLN A 1 65  ? 12.640  -7.138  10.664  1.00 38.12 ? 65  GLN A OE1 1 
ATOM   518  N NE2 . GLN A 1 65  ? 11.737  -5.895  9.040   1.00 33.71 ? 65  GLN A NE2 1 
ATOM   519  N N   . TYR A 1 66  ? 11.525  -2.742  13.884  1.00 35.70 ? 66  TYR A N   1 
ATOM   520  C CA  . TYR A 1 66  ? 12.399  -2.529  15.031  1.00 37.81 ? 66  TYR A CA  1 
ATOM   521  C C   . TYR A 1 66  ? 13.376  -3.687  15.234  1.00 39.17 ? 66  TYR A C   1 
ATOM   522  O O   . TYR A 1 66  ? 13.004  -4.852  15.107  1.00 39.16 ? 66  TYR A O   1 
ATOM   523  C CB  . TYR A 1 66  ? 11.569  -2.321  16.292  1.00 39.07 ? 66  TYR A CB  1 
ATOM   524  C CG  . TYR A 1 66  ? 12.400  -1.902  17.480  1.00 42.37 ? 66  TYR A CG  1 
ATOM   525  C CD1 . TYR A 1 66  ? 13.168  -0.738  17.444  1.00 42.79 ? 66  TYR A CD1 1 
ATOM   526  C CD2 . TYR A 1 66  ? 12.441  -2.684  18.632  1.00 43.62 ? 66  TYR A CD2 1 
ATOM   527  C CE1 . TYR A 1 66  ? 13.962  -0.365  18.527  1.00 44.60 ? 66  TYR A CE1 1 
ATOM   528  C CE2 . TYR A 1 66  ? 13.231  -2.323  19.720  1.00 44.92 ? 66  TYR A CE2 1 
ATOM   529  C CZ  . TYR A 1 66  ? 13.990  -1.166  19.664  1.00 45.23 ? 66  TYR A CZ  1 
ATOM   530  O OH  . TYR A 1 66  ? 14.788  -0.828  20.740  1.00 47.25 ? 66  TYR A OH  1 
ATOM   531  N N   . GLU A 1 67  ? 14.627  -3.352  15.541  1.00 40.97 ? 67  GLU A N   1 
ATOM   532  C CA  . GLU A 1 67  ? 15.675  -4.348  15.747  1.00 43.23 ? 67  GLU A CA  1 
ATOM   533  C C   . GLU A 1 67  ? 15.284  -5.383  16.791  1.00 45.15 ? 67  GLU A C   1 
ATOM   534  O O   . GLU A 1 67  ? 15.562  -6.573  16.632  1.00 46.52 ? 67  GLU A O   1 
ATOM   535  C CB  . GLU A 1 67  ? 16.977  -3.677  16.182  1.00 43.96 ? 67  GLU A CB  1 
ATOM   536  C CG  . GLU A 1 67  ? 16.842  -2.804  17.423  1.00 47.94 ? 67  GLU A CG  1 
ATOM   537  C CD  . GLU A 1 67  ? 18.176  -2.541  18.122  1.00 51.55 ? 67  GLU A CD  1 
ATOM   538  O OE1 . GLU A 1 67  ? 19.222  -2.500  17.433  1.00 52.78 ? 67  GLU A OE1 1 
ATOM   539  O OE2 . GLU A 1 67  ? 18.177  -2.363  19.363  1.00 52.18 ? 67  GLU A OE2 1 
ATOM   540  N N   . GLY A 1 68  ? 14.648  -4.924  17.863  1.00 45.49 ? 68  GLY A N   1 
ATOM   541  C CA  . GLY A 1 68  ? 14.232  -5.832  18.913  1.00 46.52 ? 68  GLY A CA  1 
ATOM   542  C C   . GLY A 1 68  ? 12.859  -6.427  18.651  1.00 46.88 ? 68  GLY A C   1 
ATOM   543  O O   . GLY A 1 68  ? 12.012  -6.477  19.543  1.00 48.23 ? 68  GLY A O   1 
ATOM   544  N N   . GLY A 1 69  ? 12.635  -6.874  17.421  1.00 46.27 ? 69  GLY A N   1 
ATOM   545  C CA  . GLY A 1 69  ? 11.354  -7.462  17.079  1.00 45.02 ? 69  GLY A CA  1 
ATOM   546  C C   . GLY A 1 69  ? 10.259  -6.426  16.923  1.00 43.72 ? 69  GLY A C   1 
ATOM   547  O O   . GLY A 1 69  ? 10.107  -5.527  17.752  1.00 43.12 ? 69  GLY A O   1 
ATOM   548  N N   . SER A 1 70  ? 9.491   -6.558  15.849  1.00 42.49 ? 70  SER A N   1 
ATOM   549  C CA  . SER A 1 70  ? 8.407   -5.634  15.572  1.00 41.01 ? 70  SER A CA  1 
ATOM   550  C C   . SER A 1 70  ? 7.260   -6.412  14.937  1.00 39.12 ? 70  SER A C   1 
ATOM   551  O O   . SER A 1 70  ? 7.482   -7.423  14.274  1.00 40.02 ? 70  SER A O   1 
ATOM   552  C CB  . SER A 1 70  ? 8.897   -4.542  14.616  1.00 42.28 ? 70  SER A CB  1 
ATOM   553  O OG  . SER A 1 70  ? 7.954   -3.491  14.507  1.00 46.57 ? 70  SER A OG  1 
ATOM   554  N N   . THR A 1 71  ? 6.036   -5.953  15.150  1.00 36.86 ? 71  THR A N   1 
ATOM   555  C CA  . THR A 1 71  ? 4.883   -6.623  14.562  1.00 36.00 ? 71  THR A CA  1 
ATOM   556  C C   . THR A 1 71  ? 4.153   -5.625  13.678  1.00 35.31 ? 71  THR A C   1 
ATOM   557  O O   . THR A 1 71  ? 4.261   -4.416  13.878  1.00 35.05 ? 71  THR A O   1 
ATOM   558  C CB  . THR A 1 71  ? 3.895   -7.133  15.640  1.00 36.41 ? 71  THR A CB  1 
ATOM   559  O OG1 . THR A 1 71  ? 3.276   -6.016  16.289  1.00 35.85 ? 71  THR A OG1 1 
ATOM   560  C CG2 . THR A 1 71  ? 4.620   -7.976  16.684  1.00 36.28 ? 71  THR A CG2 1 
ATOM   561  N N   . ALA A 1 72  ? 3.417   -6.135  12.697  1.00 33.65 ? 72  ALA A N   1 
ATOM   562  C CA  . ALA A 1 72  ? 2.653   -5.285  11.796  1.00 33.13 ? 72  ALA A CA  1 
ATOM   563  C C   . ALA A 1 72  ? 1.298   -5.039  12.454  1.00 32.04 ? 72  ALA A C   1 
ATOM   564  O O   . ALA A 1 72  ? 0.938   -5.733  13.401  1.00 34.04 ? 72  ALA A O   1 
ATOM   565  C CB  . ALA A 1 72  ? 2.473   -5.983  10.463  1.00 30.97 ? 72  ALA A CB  1 
ATOM   566  N N   . PRO A 1 73  ? 0.532   -4.040  11.977  1.00 30.89 ? 73  PRO A N   1 
ATOM   567  C CA  . PRO A 1 73  ? -0.772  -3.803  12.603  1.00 28.63 ? 73  PRO A CA  1 
ATOM   568  C C   . PRO A 1 73  ? -1.625  -5.066  12.532  1.00 27.87 ? 73  PRO A C   1 
ATOM   569  O O   . PRO A 1 73  ? -1.441  -5.896  11.640  1.00 26.37 ? 73  PRO A O   1 
ATOM   570  C CB  . PRO A 1 73  ? -1.364  -2.673  11.754  1.00 27.83 ? 73  PRO A CB  1 
ATOM   571  C CG  . PRO A 1 73  ? -0.161  -1.937  11.274  1.00 28.78 ? 73  PRO A CG  1 
ATOM   572  C CD  . PRO A 1 73  ? 0.791   -3.055  10.910  1.00 29.46 ? 73  PRO A CD  1 
ATOM   573  N N   . VAL A 1 74  ? -2.540  -5.225  13.479  1.00 27.68 ? 74  VAL A N   1 
ATOM   574  C CA  . VAL A 1 74  ? -3.424  -6.380  13.453  1.00 27.80 ? 74  VAL A CA  1 
ATOM   575  C C   . VAL A 1 74  ? -4.311  -6.163  12.229  1.00 28.57 ? 74  VAL A C   1 
ATOM   576  O O   . VAL A 1 74  ? -5.015  -5.155  12.134  1.00 28.21 ? 74  VAL A O   1 
ATOM   577  C CB  . VAL A 1 74  ? -4.302  -6.453  14.717  1.00 26.62 ? 74  VAL A CB  1 
ATOM   578  C CG1 . VAL A 1 74  ? -5.283  -7.604  14.600  1.00 23.95 ? 74  VAL A CG1 1 
ATOM   579  C CG2 . VAL A 1 74  ? -3.423  -6.626  15.946  1.00 24.24 ? 74  VAL A CG2 1 
ATOM   580  N N   . PRO A 1 75  ? -4.284  -7.103  11.273  1.00 29.66 ? 75  PRO A N   1 
ATOM   581  C CA  . PRO A 1 75  ? -5.090  -6.983  10.056  1.00 30.57 ? 75  PRO A CA  1 
ATOM   582  C C   . PRO A 1 75  ? -6.579  -6.855  10.325  1.00 32.18 ? 75  PRO A C   1 
ATOM   583  O O   . PRO A 1 75  ? -7.139  -7.577  11.148  1.00 35.13 ? 75  PRO A O   1 
ATOM   584  C CB  . PRO A 1 75  ? -4.775  -8.268  9.293   1.00 29.41 ? 75  PRO A CB  1 
ATOM   585  C CG  . PRO A 1 75  ? -3.430  -8.658  9.802   1.00 30.28 ? 75  PRO A CG  1 
ATOM   586  C CD  . PRO A 1 75  ? -3.530  -8.368  11.270  1.00 29.90 ? 75  PRO A CD  1 
ATOM   587  N N   . HIS A 1 76  ? -7.212  -5.917  9.634   1.00 31.39 ? 76  HIS A N   1 
ATOM   588  C CA  . HIS A 1 76  ? -8.644  -5.727  9.741   1.00 30.45 ? 76  HIS A CA  1 
ATOM   589  C C   . HIS A 1 76  ? -9.097  -5.809  8.288   1.00 30.88 ? 76  HIS A C   1 
ATOM   590  O O   . HIS A 1 76  ? -8.532  -5.144  7.417   1.00 31.81 ? 76  HIS A O   1 
ATOM   591  C CB  . HIS A 1 76  ? -8.978  -4.363  10.339  1.00 28.14 ? 76  HIS A CB  1 
ATOM   592  C CG  . HIS A 1 76  ? -10.401 -4.234  10.788  1.00 27.66 ? 76  HIS A CG  1 
ATOM   593  N ND1 . HIS A 1 76  ? -11.469 -4.395  9.932   1.00 26.50 ? 76  HIS A ND1 1 
ATOM   594  C CD2 . HIS A 1 76  ? -10.931 -3.960  12.004  1.00 27.47 ? 76  HIS A CD2 1 
ATOM   595  C CE1 . HIS A 1 76  ? -12.597 -4.224  10.600  1.00 26.00 ? 76  HIS A CE1 1 
ATOM   596  N NE2 . HIS A 1 76  ? -12.298 -3.960  11.859  1.00 27.16 ? 76  HIS A NE2 1 
ATOM   597  N N   . PRO A 1 77  ? -10.103 -6.647  7.999   1.00 30.14 ? 77  PRO A N   1 
ATOM   598  C CA  . PRO A 1 77  ? -10.613 -6.809  6.636   1.00 29.12 ? 77  PRO A CA  1 
ATOM   599  C C   . PRO A 1 77  ? -11.221 -5.554  6.024   1.00 28.92 ? 77  PRO A C   1 
ATOM   600  O O   . PRO A 1 77  ? -11.435 -5.498  4.817   1.00 30.44 ? 77  PRO A O   1 
ATOM   601  C CB  . PRO A 1 77  ? -11.623 -7.940  6.786   1.00 28.05 ? 77  PRO A CB  1 
ATOM   602  C CG  . PRO A 1 77  ? -12.135 -7.748  8.174   1.00 28.16 ? 77  PRO A CG  1 
ATOM   603  C CD  . PRO A 1 77  ? -10.872 -7.472  8.948   1.00 28.53 ? 77  PRO A CD  1 
ATOM   604  N N   . ASP A 1 78  ? -11.501 -4.557  6.859   1.00 28.34 ? 78  ASP A N   1 
ATOM   605  C CA  . ASP A 1 78  ? -12.075 -3.299  6.394   1.00 28.21 ? 78  ASP A CA  1 
ATOM   606  C C   . ASP A 1 78  ? -11.045 -2.169  6.325   1.00 27.35 ? 78  ASP A C   1 
ATOM   607  O O   . ASP A 1 78  ? -11.387 -1.020  6.037   1.00 26.10 ? 78  ASP A O   1 
ATOM   608  C CB  . ASP A 1 78  ? -13.232 -2.864  7.298   1.00 32.37 ? 78  ASP A CB  1 
ATOM   609  C CG  . ASP A 1 78  ? -14.464 -3.734  7.138   1.00 34.91 ? 78  ASP A CG  1 
ATOM   610  O OD1 . ASP A 1 78  ? -14.629 -4.343  6.061   1.00 38.22 ? 78  ASP A OD1 1 
ATOM   611  O OD2 . ASP A 1 78  ? -15.281 -3.787  8.083   1.00 38.93 ? 78  ASP A OD2 1 
ATOM   612  N N   . SER A 1 79  ? -9.789  -2.492  6.610   1.00 26.95 ? 79  SER A N   1 
ATOM   613  C CA  . SER A 1 79  ? -8.717  -1.504  6.556   1.00 27.66 ? 79  SER A CA  1 
ATOM   614  C C   . SER A 1 79  ? -8.094  -1.656  5.163   1.00 27.47 ? 79  SER A C   1 
ATOM   615  O O   . SER A 1 79  ? -7.375  -2.625  4.888   1.00 26.59 ? 79  SER A O   1 
ATOM   616  C CB  . SER A 1 79  ? -7.695  -1.781  7.653   1.00 27.47 ? 79  SER A CB  1 
ATOM   617  O OG  . SER A 1 79  ? -6.858  -0.659  7.820   1.00 32.03 ? 79  SER A OG  1 
ATOM   618  N N   . LEU A 1 80  ? -8.388  -0.688  4.294   1.00 25.47 ? 80  LEU A N   1 
ATOM   619  C CA  . LEU A 1 80  ? -7.950  -0.719  2.903   1.00 23.75 ? 80  LEU A CA  1 
ATOM   620  C C   . LEU A 1 80  ? -7.040  0.406   2.400   1.00 24.51 ? 80  LEU A C   1 
ATOM   621  O O   . LEU A 1 80  ? -6.920  1.475   3.007   1.00 24.35 ? 80  LEU A O   1 
ATOM   622  C CB  . LEU A 1 80  ? -9.184  -0.713  1.990   1.00 20.99 ? 80  LEU A CB  1 
ATOM   623  C CG  . LEU A 1 80  ? -10.323 -1.742  1.940   1.00 23.05 ? 80  LEU A CG  1 
ATOM   624  C CD1 . LEU A 1 80  ? -10.195 -2.797  3.014   1.00 19.95 ? 80  LEU A CD1 1 
ATOM   625  C CD2 . LEU A 1 80  ? -11.650 -0.988  2.037   1.00 19.21 ? 80  LEU A CD2 1 
ATOM   626  N N   . LEU A 1 81  ? -6.410  0.123   1.264   1.00 24.46 ? 81  LEU A N   1 
ATOM   627  C CA  . LEU A 1 81  ? -5.587  1.074   0.522   1.00 23.33 ? 81  LEU A CA  1 
ATOM   628  C C   . LEU A 1 81  ? -6.181  0.856   -0.867  1.00 23.27 ? 81  LEU A C   1 
ATOM   629  O O   . LEU A 1 81  ? -5.961  -0.184  -1.483  1.00 23.12 ? 81  LEU A O   1 
ATOM   630  C CB  . LEU A 1 81  ? -4.098  0.709   0.515   1.00 21.66 ? 81  LEU A CB  1 
ATOM   631  C CG  . LEU A 1 81  ? -3.286  1.580   -0.464  1.00 22.41 ? 81  LEU A CG  1 
ATOM   632  C CD1 . LEU A 1 81  ? -3.494  3.051   -0.143  1.00 21.02 ? 81  LEU A CD1 1 
ATOM   633  C CD2 . LEU A 1 81  ? -1.806  1.237   -0.396  1.00 22.18 ? 81  LEU A CD2 1 
ATOM   634  N N   . VAL A 1 82  ? -6.960  1.819   -1.341  1.00 23.31 ? 82  VAL A N   1 
ATOM   635  C CA  . VAL A 1 82  ? -7.610  1.678   -2.632  1.00 23.42 ? 82  VAL A CA  1 
ATOM   636  C C   . VAL A 1 82  ? -6.979  2.451   -3.787  1.00 25.01 ? 82  VAL A C   1 
ATOM   637  O O   . VAL A 1 82  ? -6.762  3.663   -3.710  1.00 24.43 ? 82  VAL A O   1 
ATOM   638  C CB  . VAL A 1 82  ? -9.099  2.085   -2.548  1.00 22.68 ? 82  VAL A CB  1 
ATOM   639  C CG1 . VAL A 1 82  ? -9.813  1.699   -3.838  1.00 20.87 ? 82  VAL A CG1 1 
ATOM   640  C CG2 . VAL A 1 82  ? -9.761  1.423   -1.352  1.00 23.54 ? 82  VAL A CG2 1 
ATOM   641  N N   . PHE A 1 83  ? -6.682  1.726   -4.862  1.00 26.23 ? 83  PHE A N   1 
ATOM   642  C CA  . PHE A 1 83  ? -6.120  2.314   -6.068  1.00 26.74 ? 83  PHE A CA  1 
ATOM   643  C C   . PHE A 1 83  ? -7.237  2.306   -7.104  1.00 27.98 ? 83  PHE A C   1 
ATOM   644  O O   . PHE A 1 83  ? -7.722  1.238   -7.473  1.00 28.84 ? 83  PHE A O   1 
ATOM   645  C CB  . PHE A 1 83  ? -4.961  1.467   -6.589  1.00 27.51 ? 83  PHE A CB  1 
ATOM   646  C CG  . PHE A 1 83  ? -3.677  1.633   -5.820  1.00 29.02 ? 83  PHE A CG  1 
ATOM   647  C CD1 . PHE A 1 83  ? -2.937  2.811   -5.917  1.00 27.42 ? 83  PHE A CD1 1 
ATOM   648  C CD2 . PHE A 1 83  ? -3.192  0.599   -5.019  1.00 28.33 ? 83  PHE A CD2 1 
ATOM   649  C CE1 . PHE A 1 83  ? -1.731  2.953   -5.235  1.00 27.29 ? 83  PHE A CE1 1 
ATOM   650  C CE2 . PHE A 1 83  ? -1.987  0.732   -4.330  1.00 28.48 ? 83  PHE A CE2 1 
ATOM   651  C CZ  . PHE A 1 83  ? -1.254  1.912   -4.439  1.00 27.83 ? 83  PHE A CZ  1 
ATOM   652  N N   . TYR A 1 84  ? -7.662  3.484   -7.553  1.00 29.03 ? 84  TYR A N   1 
ATOM   653  C CA  . TYR A 1 84  ? -8.708  3.588   -8.575  1.00 30.12 ? 84  TYR A CA  1 
ATOM   654  C C   . TYR A 1 84  ? -8.031  3.517   -9.940  1.00 31.04 ? 84  TYR A C   1 
ATOM   655  O O   . TYR A 1 84  ? -7.411  4.481   -10.384 1.00 31.90 ? 84  TYR A O   1 
ATOM   656  C CB  . TYR A 1 84  ? -9.475  4.905   -8.420  1.00 28.74 ? 84  TYR A CB  1 
ATOM   657  C CG  . TYR A 1 84  ? -10.421 4.880   -7.245  1.00 29.90 ? 84  TYR A CG  1 
ATOM   658  C CD1 . TYR A 1 84  ? -11.649 4.228   -7.334  1.00 28.27 ? 84  TYR A CD1 1 
ATOM   659  C CD2 . TYR A 1 84  ? -10.053 5.427   -6.015  1.00 30.43 ? 84  TYR A CD2 1 
ATOM   660  C CE1 . TYR A 1 84  ? -12.489 4.114   -6.228  1.00 30.48 ? 84  TYR A CE1 1 
ATOM   661  C CE2 . TYR A 1 84  ? -10.883 5.316   -4.897  1.00 30.79 ? 84  TYR A CE2 1 
ATOM   662  C CZ  . TYR A 1 84  ? -12.098 4.658   -5.010  1.00 31.12 ? 84  TYR A CZ  1 
ATOM   663  O OH  . TYR A 1 84  ? -12.918 4.529   -3.911  1.00 30.56 ? 84  TYR A OH  1 
ATOM   664  N N   . VAL A 1 85  ? -8.127  2.360   -10.588 1.00 31.45 ? 85  VAL A N   1 
ATOM   665  C CA  . VAL A 1 85  ? -7.498  2.169   -11.887 1.00 33.09 ? 85  VAL A CA  1 
ATOM   666  C C   . VAL A 1 85  ? -8.557  2.032   -12.966 1.00 33.86 ? 85  VAL A C   1 
ATOM   667  O O   . VAL A 1 85  ? -9.007  0.930   -13.270 1.00 35.16 ? 85  VAL A O   1 
ATOM   668  C CB  . VAL A 1 85  ? -6.625  0.908   -11.908 1.00 32.21 ? 85  VAL A CB  1 
ATOM   669  C CG1 . VAL A 1 85  ? -5.779  0.896   -13.169 1.00 33.33 ? 85  VAL A CG1 1 
ATOM   670  C CG2 . VAL A 1 85  ? -5.753  0.856   -10.673 1.00 30.30 ? 85  VAL A CG2 1 
ATOM   671  N N   . PRO A 1 86  ? -8.966  3.159   -13.565 1.00 34.31 ? 86  PRO A N   1 
ATOM   672  C CA  . PRO A 1 86  ? -9.985  3.173   -14.619 1.00 35.20 ? 86  PRO A CA  1 
ATOM   673  C C   . PRO A 1 86  ? -9.709  2.283   -15.847 1.00 35.83 ? 86  PRO A C   1 
ATOM   674  O O   . PRO A 1 86  ? -10.645 1.790   -16.476 1.00 36.01 ? 86  PRO A O   1 
ATOM   675  C CB  . PRO A 1 86  ? -10.106 4.663   -14.957 1.00 34.86 ? 86  PRO A CB  1 
ATOM   676  C CG  . PRO A 1 86  ? -8.754  5.221   -14.589 1.00 34.74 ? 86  PRO A CG  1 
ATOM   677  C CD  . PRO A 1 86  ? -8.443  4.514   -13.309 1.00 33.87 ? 86  PRO A CD  1 
ATOM   678  N N   . ASN A 1 87  ? -8.437  2.070   -16.177 1.00 36.80 ? 87  ASN A N   1 
ATOM   679  C CA  . ASN A 1 87  ? -8.067  1.231   -17.314 1.00 36.50 ? 87  ASN A CA  1 
ATOM   680  C C   . ASN A 1 87  ? -8.055  -0.234  -16.888 1.00 36.64 ? 87  ASN A C   1 
ATOM   681  O O   . ASN A 1 87  ? -7.083  -0.703  -16.298 1.00 36.38 ? 87  ASN A O   1 
ATOM   682  C CB  . ASN A 1 87  ? -6.680  1.608   -17.827 1.00 37.95 ? 87  ASN A CB  1 
ATOM   683  C CG  . ASN A 1 87  ? -6.322  0.892   -19.125 1.00 40.88 ? 87  ASN A CG  1 
ATOM   684  O OD1 . ASN A 1 87  ? -6.656  -0.279  -19.323 1.00 40.01 ? 87  ASN A OD1 1 
ATOM   685  N ND2 . ASN A 1 87  ? -5.623  1.595   -20.009 1.00 42.57 ? 87  ASN A ND2 1 
ATOM   686  N N   . ALA A 1 88  ? -9.131  -0.949  -17.209 1.00 36.55 ? 88  ALA A N   1 
ATOM   687  C CA  . ALA A 1 88  ? -9.284  -2.356  -16.848 1.00 36.57 ? 88  ALA A CA  1 
ATOM   688  C C   . ALA A 1 88  ? -8.140  -3.275  -17.268 1.00 37.08 ? 88  ALA A C   1 
ATOM   689  O O   . ALA A 1 88  ? -7.890  -4.288  -16.611 1.00 37.62 ? 88  ALA A O   1 
ATOM   690  C CB  . ALA A 1 88  ? -10.594 -2.887  -17.398 1.00 36.10 ? 88  ALA A CB  1 
ATOM   691  N N   . VAL A 1 89  ? -7.453  -2.933  -18.356 1.00 37.16 ? 89  VAL A N   1 
ATOM   692  C CA  . VAL A 1 89  ? -6.333  -3.745  -18.828 1.00 36.25 ? 89  VAL A CA  1 
ATOM   693  C C   . VAL A 1 89  ? -5.149  -3.624  -17.874 1.00 36.14 ? 89  VAL A C   1 
ATOM   694  O O   . VAL A 1 89  ? -4.496  -4.619  -17.567 1.00 35.98 ? 89  VAL A O   1 
ATOM   695  C CB  . VAL A 1 89  ? -5.885  -3.330  -20.255 1.00 36.74 ? 89  VAL A CB  1 
ATOM   696  C CG1 . VAL A 1 89  ? -4.574  -4.026  -20.630 1.00 33.45 ? 89  VAL A CG1 1 
ATOM   697  C CG2 . VAL A 1 89  ? -6.976  -3.689  -21.257 1.00 35.57 ? 89  VAL A CG2 1 
ATOM   698  N N   . GLU A 1 90  ? -4.870  -2.408  -17.410 1.00 35.30 ? 90  GLU A N   1 
ATOM   699  C CA  . GLU A 1 90  ? -3.770  -2.202  -16.473 1.00 35.10 ? 90  GLU A CA  1 
ATOM   700  C C   . GLU A 1 90  ? -4.125  -2.849  -15.141 1.00 34.05 ? 90  GLU A C   1 
ATOM   701  O O   . GLU A 1 90  ? -3.281  -3.458  -14.487 1.00 34.51 ? 90  GLU A O   1 
ATOM   702  C CB  . GLU A 1 90  ? -3.519  -0.718  -16.244 1.00 36.15 ? 90  GLU A CB  1 
ATOM   703  C CG  . GLU A 1 90  ? -3.167  0.046   -17.481 1.00 38.29 ? 90  GLU A CG  1 
ATOM   704  C CD  . GLU A 1 90  ? -2.888  1.487   -17.171 1.00 40.71 ? 90  GLU A CD  1 
ATOM   705  O OE1 . GLU A 1 90  ? -3.591  2.046   -16.299 1.00 43.27 ? 90  GLU A OE1 1 
ATOM   706  O OE2 . GLU A 1 90  ? -1.977  2.063   -17.798 1.00 42.62 ? 90  GLU A OE2 1 
ATOM   707  N N   . LEU A 1 91  ? -5.382  -2.707  -14.736 1.00 32.48 ? 91  LEU A N   1 
ATOM   708  C CA  . LEU A 1 91  ? -5.835  -3.296  -13.485 1.00 31.61 ? 91  LEU A CA  1 
ATOM   709  C C   . LEU A 1 91  ? -5.574  -4.804  -13.544 1.00 31.91 ? 91  LEU A C   1 
ATOM   710  O O   . LEU A 1 91  ? -4.913  -5.361  -12.670 1.00 32.77 ? 91  LEU A O   1 
ATOM   711  C CB  . LEU A 1 91  ? -7.327  -3.002  -13.279 1.00 29.35 ? 91  LEU A CB  1 
ATOM   712  C CG  . LEU A 1 91  ? -7.941  -3.232  -11.894 1.00 28.52 ? 91  LEU A CG  1 
ATOM   713  C CD1 . LEU A 1 91  ? -9.246  -2.462  -11.795 1.00 28.07 ? 91  LEU A CD1 1 
ATOM   714  C CD2 . LEU A 1 91  ? -8.167  -4.712  -11.639 1.00 27.35 ? 91  LEU A CD2 1 
ATOM   715  N N   . ALA A 1 92  ? -6.069  -5.457  -14.592 1.00 32.11 ? 92  ALA A N   1 
ATOM   716  C CA  . ALA A 1 92  ? -5.883  -6.897  -14.755 1.00 32.02 ? 92  ALA A CA  1 
ATOM   717  C C   . ALA A 1 92  ? -4.408  -7.292  -14.734 1.00 32.49 ? 92  ALA A C   1 
ATOM   718  O O   . ALA A 1 92  ? -4.036  -8.309  -14.143 1.00 32.55 ? 92  ALA A O   1 
ATOM   719  C CB  . ALA A 1 92  ? -6.522  -7.363  -16.059 1.00 31.10 ? 92  ALA A CB  1 
ATOM   720  N N   . ALA A 1 93  ? -3.573  -6.483  -15.379 1.00 31.01 ? 93  ALA A N   1 
ATOM   721  C CA  . ALA A 1 93  ? -2.142  -6.749  -15.452 1.00 30.79 ? 93  ALA A CA  1 
ATOM   722  C C   . ALA A 1 93  ? -1.436  -6.707  -14.104 1.00 30.63 ? 93  ALA A C   1 
ATOM   723  O O   . ALA A 1 93  ? -0.660  -7.603  -13.779 1.00 31.08 ? 93  ALA A O   1 
ATOM   724  C CB  . ALA A 1 93  ? -1.480  -5.764  -16.396 1.00 30.28 ? 93  ALA A CB  1 
ATOM   725  N N   . ILE A 1 94  ? -1.695  -5.667  -13.319 1.00 29.55 ? 94  ILE A N   1 
ATOM   726  C CA  . ILE A 1 94  ? -1.034  -5.552  -12.029 1.00 29.69 ? 94  ILE A CA  1 
ATOM   727  C C   . ILE A 1 94  ? -1.491  -6.628  -11.043 1.00 30.45 ? 94  ILE A C   1 
ATOM   728  O O   . ILE A 1 94  ? -0.661  -7.281  -10.400 1.00 30.23 ? 94  ILE A O   1 
ATOM   729  C CB  . ILE A 1 94  ? -1.221  -4.131  -11.406 1.00 28.99 ? 94  ILE A CB  1 
ATOM   730  C CG1 . ILE A 1 94  ? -0.395  -4.024  -10.120 1.00 30.59 ? 94  ILE A CG1 1 
ATOM   731  C CG2 . ILE A 1 94  ? -2.689  -3.856  -11.105 1.00 26.36 ? 94  ILE A CG2 1 
ATOM   732  C CD1 . ILE A 1 94  ? 1.077   -4.371  -10.303 1.00 32.40 ? 94  ILE A CD1 1 
ATOM   733  N N   . THR A 1 95  ? -2.799  -6.833  -10.936 1.00 30.15 ? 95  THR A N   1 
ATOM   734  C CA  . THR A 1 95  ? -3.319  -7.839  -10.017 1.00 31.37 ? 95  THR A CA  1 
ATOM   735  C C   . THR A 1 95  ? -2.846  -9.242  -10.408 1.00 32.01 ? 95  THR A C   1 
ATOM   736  O O   . THR A 1 95  ? -2.643  -10.100 -9.549  1.00 32.79 ? 95  THR A O   1 
ATOM   737  C CB  . THR A 1 95  ? -4.865  -7.821  -9.974  1.00 30.59 ? 95  THR A CB  1 
ATOM   738  O OG1 . THR A 1 95  ? -5.380  -8.019  -11.294 1.00 30.20 ? 95  THR A OG1 1 
ATOM   739  C CG2 . THR A 1 95  ? -5.372  -6.494  -9.419  1.00 29.78 ? 95  THR A CG2 1 
ATOM   740  N N   . SER A 1 96  ? -2.664  -9.463  -11.707 1.00 32.32 ? 96  SER A N   1 
ATOM   741  C CA  . SER A 1 96  ? -2.214  -10.752 -12.216 1.00 31.42 ? 96  SER A CA  1 
ATOM   742  C C   . SER A 1 96  ? -0.754  -10.994 -11.866 1.00 30.53 ? 96  SER A C   1 
ATOM   743  O O   . SER A 1 96  ? -0.357  -12.111 -11.537 1.00 29.83 ? 96  SER A O   1 
ATOM   744  C CB  . SER A 1 96  ? -2.387  -10.808 -13.728 1.00 31.93 ? 96  SER A CB  1 
ATOM   745  O OG  . SER A 1 96  ? -1.912  -12.040 -14.230 1.00 36.85 ? 96  SER A OG  1 
ATOM   746  N N   . LYS A 1 97  ? 0.043   -9.938  -11.947 1.00 30.29 ? 97  LYS A N   1 
ATOM   747  C CA  . LYS A 1 97  ? 1.461   -10.019 -11.625 1.00 28.90 ? 97  LYS A CA  1 
ATOM   748  C C   . LYS A 1 97  ? 1.650   -10.350 -10.140 1.00 28.34 ? 97  LYS A C   1 
ATOM   749  O O   . LYS A 1 97  ? 2.504   -11.156 -9.776  1.00 28.17 ? 97  LYS A O   1 
ATOM   750  C CB  . LYS A 1 97  ? 2.138   -8.682  -11.953 1.00 27.82 ? 97  LYS A CB  1 
ATOM   751  C CG  . LYS A 1 97  ? 3.608   -8.615  -11.561 1.00 28.81 ? 97  LYS A CG  1 
ATOM   752  C CD  . LYS A 1 97  ? 4.194   -7.239  -11.828 1.00 28.30 ? 97  LYS A CD  1 
ATOM   753  C CE  . LYS A 1 97  ? 5.636   -7.159  -11.358 1.00 29.40 ? 97  LYS A CE  1 
ATOM   754  N NZ  . LYS A 1 97  ? 6.240   -5.815  -11.591 1.00 31.53 ? 97  LYS A NZ  1 
ATOM   755  N N   . LEU A 1 98  ? 0.842   -9.724  -9.287  1.00 27.92 ? 98  LEU A N   1 
ATOM   756  C CA  . LEU A 1 98  ? 0.923   -9.944  -7.846  1.00 27.01 ? 98  LEU A CA  1 
ATOM   757  C C   . LEU A 1 98  ? 0.530   -11.367 -7.452  1.00 26.97 ? 98  LEU A C   1 
ATOM   758  O O   . LEU A 1 98  ? 1.154   -11.969 -6.580  1.00 27.44 ? 98  LEU A O   1 
ATOM   759  C CB  . LEU A 1 98  ? 0.040   -8.925  -7.105  1.00 24.91 ? 98  LEU A CB  1 
ATOM   760  C CG  . LEU A 1 98  ? 0.470   -7.453  -7.225  1.00 23.34 ? 98  LEU A CG  1 
ATOM   761  C CD1 . LEU A 1 98  ? -0.547  -6.578  -6.521  1.00 20.13 ? 98  LEU A CD1 1 
ATOM   762  C CD2 . LEU A 1 98  ? 1.861   -7.249  -6.637  1.00 20.87 ? 98  LEU A CD2 1 
ATOM   763  N N   . LYS A 1 99  ? -0.506  -11.905 -8.090  1.00 26.58 ? 99  LYS A N   1 
ATOM   764  C CA  . LYS A 1 99  ? -0.948  -13.265 -7.791  1.00 26.35 ? 99  LYS A CA  1 
ATOM   765  C C   . LYS A 1 99  ? 0.094   -14.277 -8.274  1.00 27.64 ? 99  LYS A C   1 
ATOM   766  O O   . LYS A 1 99  ? 0.328   -15.300 -7.626  1.00 28.37 ? 99  LYS A O   1 
ATOM   767  C CB  . LYS A 1 99  ? -2.307  -13.545 -8.452  1.00 25.25 ? 99  LYS A CB  1 
ATOM   768  C CG  . LYS A 1 99  ? -3.419  -12.612 -7.989  1.00 24.54 ? 99  LYS A CG  1 
ATOM   769  C CD  . LYS A 1 99  ? -4.756  -12.971 -8.595  1.00 23.19 ? 99  LYS A CD  1 
ATOM   770  C CE  . LYS A 1 99  ? -5.279  -14.273 -8.035  1.00 25.25 ? 99  LYS A CE  1 
ATOM   771  N NZ  . LYS A 1 99  ? -6.668  -14.565 -8.501  1.00 24.34 ? 99  LYS A NZ  1 
ATOM   772  N N   . HIS A 1 100 ? 0.728   -13.985 -9.406  1.00 29.51 ? 100 HIS A N   1 
ATOM   773  C CA  . HIS A 1 100 ? 1.748   -14.874 -9.944  1.00 31.60 ? 100 HIS A CA  1 
ATOM   774  C C   . HIS A 1 100 ? 3.025   -14.795 -9.117  1.00 31.00 ? 100 HIS A C   1 
ATOM   775  O O   . HIS A 1 100 ? 3.862   -15.705 -9.160  1.00 30.34 ? 100 HIS A O   1 
ATOM   776  C CB  . HIS A 1 100 ? 2.021   -14.541 -11.410 1.00 37.65 ? 100 HIS A CB  1 
ATOM   777  C CG  . HIS A 1 100 ? 0.880   -14.890 -12.317 1.00 46.01 ? 100 HIS A CG  1 
ATOM   778  N ND1 . HIS A 1 100 ? 0.976   -14.853 -13.692 1.00 49.41 ? 100 HIS A ND1 1 
ATOM   779  C CD2 . HIS A 1 100 ? -0.386  -15.291 -12.042 1.00 48.94 ? 100 HIS A CD2 1 
ATOM   780  C CE1 . HIS A 1 100 ? -0.178  -15.217 -14.224 1.00 51.03 ? 100 HIS A CE1 1 
ATOM   781  N NE2 . HIS A 1 100 ? -1.023  -15.488 -13.243 1.00 50.49 ? 100 HIS A NE2 1 
ATOM   782  N N   . MET A 1 101 ? 3.166   -13.709 -8.358  1.00 29.49 ? 101 MET A N   1 
ATOM   783  C CA  . MET A 1 101 ? 4.318   -13.538 -7.480  1.00 27.24 ? 101 MET A CA  1 
ATOM   784  C C   . MET A 1 101 ? 4.036   -14.283 -6.172  1.00 27.32 ? 101 MET A C   1 
ATOM   785  O O   . MET A 1 101 ? 4.930   -14.468 -5.353  1.00 27.32 ? 101 MET A O   1 
ATOM   786  C CB  . MET A 1 101 ? 4.589   -12.051 -7.204  1.00 25.79 ? 101 MET A CB  1 
ATOM   787  C CG  . MET A 1 101 ? 5.302   -11.331 -8.347  1.00 22.22 ? 101 MET A CG  1 
ATOM   788  S SD  . MET A 1 101 ? 5.541   -9.593  -8.027  1.00 16.32 ? 101 MET A SD  1 
ATOM   789  C CE  . MET A 1 101 ? 6.937   -9.671  -7.016  1.00 18.70 ? 101 MET A CE  1 
ATOM   790  N N   . GLY A 1 102 ? 2.787   -14.709 -5.986  1.00 27.16 ? 102 GLY A N   1 
ATOM   791  C CA  . GLY A 1 102 ? 2.431   -15.455 -4.788  1.00 27.47 ? 102 GLY A CA  1 
ATOM   792  C C   . GLY A 1 102 ? 1.444   -14.819 -3.821  1.00 28.60 ? 102 GLY A C   1 
ATOM   793  O O   . GLY A 1 102 ? 1.070   -15.445 -2.829  1.00 29.21 ? 102 GLY A O   1 
ATOM   794  N N   . TYR A 1 103 ? 1.009   -13.595 -4.101  1.00 27.32 ? 103 TYR A N   1 
ATOM   795  C CA  . TYR A 1 103 ? 0.075   -12.907 -3.218  1.00 26.56 ? 103 TYR A CA  1 
ATOM   796  C C   . TYR A 1 103 ? -1.375  -13.321 -3.454  1.00 27.05 ? 103 TYR A C   1 
ATOM   797  O O   . TYR A 1 103 ? -1.807  -13.479 -4.588  1.00 26.85 ? 103 TYR A O   1 
ATOM   798  C CB  . TYR A 1 103 ? 0.269   -11.396 -3.364  1.00 25.84 ? 103 TYR A CB  1 
ATOM   799  C CG  . TYR A 1 103 ? 1.700   -10.998 -3.061  1.00 25.06 ? 103 TYR A CG  1 
ATOM   800  C CD1 . TYR A 1 103 ? 2.208   -11.105 -1.763  1.00 24.33 ? 103 TYR A CD1 1 
ATOM   801  C CD2 . TYR A 1 103 ? 2.572   -10.606 -4.083  1.00 23.10 ? 103 TYR A CD2 1 
ATOM   802  C CE1 . TYR A 1 103 ? 3.546   -10.842 -1.485  1.00 24.87 ? 103 TYR A CE1 1 
ATOM   803  C CE2 . TYR A 1 103 ? 3.917   -10.340 -3.820  1.00 24.56 ? 103 TYR A CE2 1 
ATOM   804  C CZ  . TYR A 1 103 ? 4.398   -10.465 -2.516  1.00 25.94 ? 103 TYR A CZ  1 
ATOM   805  O OH  . TYR A 1 103 ? 5.730   -10.251 -2.238  1.00 24.33 ? 103 TYR A OH  1 
ATOM   806  N N   . GLN A 1 104 ? -2.107  -13.491 -2.356  1.00 28.49 ? 104 GLN A N   1 
ATOM   807  C CA  . GLN A 1 104 ? -3.499  -13.933 -2.361  1.00 30.21 ? 104 GLN A CA  1 
ATOM   808  C C   . GLN A 1 104 ? -4.536  -12.888 -2.694  1.00 31.41 ? 104 GLN A C   1 
ATOM   809  O O   . GLN A 1 104 ? -4.486  -11.770 -2.183  1.00 30.92 ? 104 GLN A O   1 
ATOM   810  C CB  . GLN A 1 104 ? -3.880  -14.486 -0.987  1.00 30.01 ? 104 GLN A CB  1 
ATOM   811  C CG  . GLN A 1 104 ? -2.972  -15.550 -0.477  1.00 35.60 ? 104 GLN A CG  1 
ATOM   812  C CD  . GLN A 1 104 ? -3.061  -16.811 -1.299  1.00 39.83 ? 104 GLN A CD  1 
ATOM   813  O OE1 . GLN A 1 104 ? -2.043  -17.429 -1.621  1.00 43.77 ? 104 GLN A OE1 1 
ATOM   814  N NE2 . GLN A 1 104 ? -4.283  -17.212 -1.640  1.00 40.22 ? 104 GLN A NE2 1 
ATOM   815  N N   . GLU A 1 105 ? -5.489  -13.261 -3.543  1.00 31.82 ? 105 GLU A N   1 
ATOM   816  C CA  . GLU A 1 105 ? -6.587  -12.365 -3.847  1.00 32.97 ? 105 GLU A CA  1 
ATOM   817  C C   . GLU A 1 105 ? -7.625  -12.813 -2.821  1.00 34.59 ? 105 GLU A C   1 
ATOM   818  O O   . GLU A 1 105 ? -7.832  -14.015 -2.626  1.00 34.03 ? 105 GLU A O   1 
ATOM   819  C CB  . GLU A 1 105 ? -7.149  -12.581 -5.254  1.00 34.18 ? 105 GLU A CB  1 
ATOM   820  C CG  . GLU A 1 105 ? -8.210  -11.532 -5.606  1.00 35.65 ? 105 GLU A CG  1 
ATOM   821  C CD  . GLU A 1 105 ? -8.988  -11.836 -6.875  1.00 34.92 ? 105 GLU A CD  1 
ATOM   822  O OE1 . GLU A 1 105 ? -8.373  -12.252 -7.879  1.00 34.58 ? 105 GLU A OE1 1 
ATOM   823  O OE2 . GLU A 1 105 ? -10.222 -11.637 -6.868  1.00 34.90 ? 105 GLU A OE2 1 
ATOM   824  N N   . VAL A 1 106 ? -8.262  -11.865 -2.148  1.00 34.61 ? 106 VAL A N   1 
ATOM   825  C CA  . VAL A 1 106 ? -9.252  -12.228 -1.152  1.00 35.58 ? 106 VAL A CA  1 
ATOM   826  C C   . VAL A 1 106 ? -10.610 -11.624 -1.458  1.00 38.22 ? 106 VAL A C   1 
ATOM   827  O O   . VAL A 1 106 ? -10.734 -10.710 -2.281  1.00 36.89 ? 106 VAL A O   1 
ATOM   828  C CB  . VAL A 1 106 ? -8.805  -11.802 0.274   1.00 34.96 ? 106 VAL A CB  1 
ATOM   829  C CG1 . VAL A 1 106 ? -7.536  -12.553 0.660   1.00 33.30 ? 106 VAL A CG1 1 
ATOM   830  C CG2 . VAL A 1 106 ? -8.566  -10.302 0.328   1.00 31.97 ? 106 VAL A CG2 1 
ATOM   831  N N   . GLU A 1 107 ? -11.628 -12.160 -0.795  1.00 41.69 ? 107 GLU A N   1 
ATOM   832  C CA  . GLU A 1 107 ? -12.994 -11.702 -0.964  1.00 46.13 ? 107 GLU A CA  1 
ATOM   833  C C   . GLU A 1 107 ? -13.206 -10.515 -0.035  1.00 47.34 ? 107 GLU A C   1 
ATOM   834  O O   . GLU A 1 107 ? -13.131 -10.650 1.186   1.00 47.10 ? 107 GLU A O   1 
ATOM   835  C CB  . GLU A 1 107 ? -13.959 -12.825 -0.598  1.00 49.45 ? 107 GLU A CB  1 
ATOM   836  C CG  . GLU A 1 107 ? -15.231 -12.805 -1.407  1.00 55.65 ? 107 GLU A CG  1 
ATOM   837  C CD  . GLU A 1 107 ? -14.952 -13.000 -2.882  1.00 59.86 ? 107 GLU A CD  1 
ATOM   838  O OE1 . GLU A 1 107 ? -14.711 -14.159 -3.304  1.00 62.06 ? 107 GLU A OE1 1 
ATOM   839  O OE2 . GLU A 1 107 ? -14.958 -11.984 -3.614  1.00 62.66 ? 107 GLU A OE2 1 
ATOM   840  N N   . SER A 1 108 ? -13.459 -9.348  -0.614  1.00 49.72 ? 108 SER A N   1 
ATOM   841  C CA  . SER A 1 108 ? -13.668 -8.147  0.179   1.00 52.42 ? 108 SER A CA  1 
ATOM   842  C C   . SER A 1 108 ? -14.811 -8.337  1.163   1.00 53.77 ? 108 SER A C   1 
ATOM   843  O O   . SER A 1 108 ? -15.746 -9.104  0.905   1.00 52.91 ? 108 SER A O   1 
ATOM   844  C CB  . SER A 1 108 ? -13.965 -6.958  -0.735  1.00 52.92 ? 108 SER A CB  1 
ATOM   845  O OG  . SER A 1 108 ? -15.038 -7.251  -1.612  1.00 56.21 ? 108 SER A OG  1 
ATOM   846  N N   . GLU A 1 109 ? -14.722 -7.649  2.297   1.00 55.94 ? 109 GLU A N   1 
ATOM   847  C CA  . GLU A 1 109 ? -15.763 -7.728  3.313   1.00 58.84 ? 109 GLU A CA  1 
ATOM   848  C C   . GLU A 1 109 ? -17.039 -7.154  2.730   1.00 59.86 ? 109 GLU A C   1 
ATOM   849  O O   . GLU A 1 109 ? -18.094 -7.802  2.727   1.00 60.92 ? 109 GLU A O   1 
ATOM   850  C CB  . GLU A 1 109 ? -15.359 -6.930  4.550   1.00 59.67 ? 109 GLU A CB  1 
ATOM   851  C CG  . GLU A 1 109 ? -14.473 -7.701  5.492   1.00 62.75 ? 109 GLU A CG  1 
ATOM   852  C CD  . GLU A 1 109 ? -15.195 -8.874  6.129   1.00 63.69 ? 109 GLU A CD  1 
ATOM   853  O OE1 . GLU A 1 109 ? -16.084 -8.637  6.978   1.00 64.15 ? 109 GLU A OE1 1 
ATOM   854  O OE2 . GLU A 1 109 ? -14.874 -10.028 5.774   1.00 64.17 ? 109 GLU A OE2 1 
ATOM   855  N N   . ASN A 1 110 ? -16.925 -5.927  2.234   1.00 60.56 ? 110 ASN A N   1 
ATOM   856  C CA  . ASN A 1 110 ? -18.044 -5.226  1.623   1.00 60.35 ? 110 ASN A CA  1 
ATOM   857  C C   . ASN A 1 110 ? -18.183 -5.738  0.189   1.00 59.17 ? 110 ASN A C   1 
ATOM   858  O O   . ASN A 1 110 ? -17.278 -5.560  -0.632  1.00 59.67 ? 110 ASN A O   1 
ATOM   859  C CB  . ASN A 1 110 ? -17.765 -3.724  1.607   1.00 62.06 ? 110 ASN A CB  1 
ATOM   860  C CG  . ASN A 1 110 ? -19.020 -2.905  1.439   1.00 63.26 ? 110 ASN A CG  1 
ATOM   861  O OD1 . ASN A 1 110 ? -19.889 -3.230  0.626   1.00 64.00 ? 110 ASN A OD1 1 
ATOM   862  N ND2 . ASN A 1 110 ? -19.121 -1.825  2.207   1.00 64.68 ? 110 ASN A ND2 1 
ATOM   863  N N   . PRO A 1 111 ? -19.315 -6.384  -0.131  1.00 57.16 ? 111 PRO A N   1 
ATOM   864  C CA  . PRO A 1 111 ? -19.531 -6.909  -1.484  1.00 55.75 ? 111 PRO A CA  1 
ATOM   865  C C   . PRO A 1 111 ? -19.393 -5.812  -2.541  1.00 54.69 ? 111 PRO A C   1 
ATOM   866  O O   . PRO A 1 111 ? -19.287 -6.086  -3.738  1.00 53.50 ? 111 PRO A O   1 
ATOM   867  C CB  . PRO A 1 111 ? -20.943 -7.484  -1.406  1.00 55.07 ? 111 PRO A CB  1 
ATOM   868  C CG  . PRO A 1 111 ? -21.604 -6.592  -0.402  1.00 56.14 ? 111 PRO A CG  1 
ATOM   869  C CD  . PRO A 1 111 ? -20.549 -6.473  0.668   1.00 56.47 ? 111 PRO A CD  1 
ATOM   870  N N   . TYR A 1 112 ? -19.390 -4.568  -2.070  1.00 53.78 ? 112 TYR A N   1 
ATOM   871  C CA  . TYR A 1 112 ? -19.258 -3.400  -2.929  1.00 51.56 ? 112 TYR A CA  1 
ATOM   872  C C   . TYR A 1 112 ? -17.942 -3.424  -3.702  1.00 51.75 ? 112 TYR A C   1 
ATOM   873  O O   . TYR A 1 112 ? -17.935 -3.308  -4.929  1.00 52.57 ? 112 TYR A O   1 
ATOM   874  C CB  . TYR A 1 112 ? -19.330 -2.121  -2.088  1.00 49.84 ? 112 TYR A CB  1 
ATOM   875  C CG  . TYR A 1 112 ? -18.961 -0.877  -2.857  1.00 47.81 ? 112 TYR A CG  1 
ATOM   876  C CD1 . TYR A 1 112 ? -19.838 -0.319  -3.787  1.00 46.98 ? 112 TYR A CD1 1 
ATOM   877  C CD2 . TYR A 1 112 ? -17.710 -0.288  -2.694  1.00 47.39 ? 112 TYR A CD2 1 
ATOM   878  C CE1 . TYR A 1 112 ? -19.475 0.797   -4.540  1.00 47.45 ? 112 TYR A CE1 1 
ATOM   879  C CE2 . TYR A 1 112 ? -17.333 0.825   -3.442  1.00 48.47 ? 112 TYR A CE2 1 
ATOM   880  C CZ  . TYR A 1 112 ? -18.217 1.361   -4.364  1.00 48.73 ? 112 TYR A CZ  1 
ATOM   881  O OH  . TYR A 1 112 ? -17.833 2.453   -5.108  1.00 49.87 ? 112 TYR A OH  1 
ATOM   882  N N   . TRP A 1 113 ? -16.828 -3.567  -2.986  1.00 51.28 ? 113 TRP A N   1 
ATOM   883  C CA  . TRP A 1 113 ? -15.520 -3.593  -3.630  1.00 50.79 ? 113 TRP A CA  1 
ATOM   884  C C   . TRP A 1 113 ? -15.372 -4.828  -4.506  1.00 50.89 ? 113 TRP A C   1 
ATOM   885  O O   . TRP A 1 113 ? -14.411 -4.958  -5.269  1.00 50.10 ? 113 TRP A O   1 
ATOM   886  C CB  . TRP A 1 113 ? -14.410 -3.561  -2.581  1.00 49.95 ? 113 TRP A CB  1 
ATOM   887  C CG  . TRP A 1 113 ? -14.443 -2.334  -1.740  1.00 48.39 ? 113 TRP A CG  1 
ATOM   888  C CD1 . TRP A 1 113 ? -14.898 -2.233  -0.460  1.00 48.79 ? 113 TRP A CD1 1 
ATOM   889  C CD2 . TRP A 1 113 ? -14.041 -1.017  -2.131  1.00 47.51 ? 113 TRP A CD2 1 
ATOM   890  N NE1 . TRP A 1 113 ? -14.803 -0.931  -0.025  1.00 48.12 ? 113 TRP A NE1 1 
ATOM   891  C CE2 . TRP A 1 113 ? -14.282 -0.163  -1.032  1.00 47.45 ? 113 TRP A CE2 1 
ATOM   892  C CE3 . TRP A 1 113 ? -13.502 -0.473  -3.304  1.00 47.73 ? 113 TRP A CE3 1 
ATOM   893  C CZ2 . TRP A 1 113 ? -14.002 1.207   -1.071  1.00 46.06 ? 113 TRP A CZ2 1 
ATOM   894  C CZ3 . TRP A 1 113 ? -13.224 0.890   -3.343  1.00 47.56 ? 113 TRP A CZ3 1 
ATOM   895  C CH2 . TRP A 1 113 ? -13.476 1.714   -2.229  1.00 46.76 ? 113 TRP A CH2 1 
ATOM   896  N N   . SER A 1 114 ? -16.335 -5.734  -4.388  1.00 50.94 ? 114 SER A N   1 
ATOM   897  C CA  . SER A 1 114 ? -16.336 -6.956  -5.168  1.00 51.49 ? 114 SER A CA  1 
ATOM   898  C C   . SER A 1 114 ? -16.892 -6.675  -6.562  1.00 51.32 ? 114 SER A C   1 
ATOM   899  O O   . SER A 1 114 ? -16.647 -7.430  -7.504  1.00 51.79 ? 114 SER A O   1 
ATOM   900  C CB  . SER A 1 114 ? -17.182 -8.013  -4.466  1.00 52.16 ? 114 SER A CB  1 
ATOM   901  O OG  . SER A 1 114 ? -17.156 -9.222  -5.193  1.00 56.66 ? 114 SER A OG  1 
ATOM   902  N N   . ASN A 1 115 ? -17.645 -5.584  -6.684  1.00 51.15 ? 115 ASN A N   1 
ATOM   903  C CA  . ASN A 1 115 ? -18.219 -5.188  -7.966  1.00 50.52 ? 115 ASN A CA  1 
ATOM   904  C C   . ASN A 1 115 ? -17.204 -4.362  -8.741  1.00 48.71 ? 115 ASN A C   1 
ATOM   905  O O   . ASN A 1 115 ? -17.121 -3.146  -8.565  1.00 49.54 ? 115 ASN A O   1 
ATOM   906  C CB  . ASN A 1 115 ? -19.492 -4.347  -7.780  1.00 52.59 ? 115 ASN A CB  1 
ATOM   907  C CG  . ASN A 1 115 ? -20.704 -5.180  -7.375  1.00 55.59 ? 115 ASN A CG  1 
ATOM   908  O OD1 . ASN A 1 115 ? -20.845 -6.340  -7.780  1.00 57.85 ? 115 ASN A OD1 1 
ATOM   909  N ND2 . ASN A 1 115 ? -21.600 -4.580  -6.590  1.00 55.33 ? 115 ASN A ND2 1 
ATOM   910  N N   . GLY A 1 116 ? -16.429 -5.022  -9.594  1.00 46.28 ? 116 GLY A N   1 
ATOM   911  C CA  . GLY A 1 116 ? -15.443 -4.306  -10.381 1.00 43.54 ? 116 GLY A CA  1 
ATOM   912  C C   . GLY A 1 116 ? -14.182 -3.942  -9.624  1.00 41.79 ? 116 GLY A C   1 
ATOM   913  O O   . GLY A 1 116 ? -13.497 -2.976  -9.974  1.00 42.11 ? 116 GLY A O   1 
ATOM   914  N N   . GLY A 1 117 ? -13.873 -4.716  -8.586  1.00 38.76 ? 117 GLY A N   1 
ATOM   915  C CA  . GLY A 1 117 ? -12.681 -4.460  -7.806  1.00 36.76 ? 117 GLY A CA  1 
ATOM   916  C C   . GLY A 1 117 ? -11.982 -5.750  -7.428  1.00 35.79 ? 117 GLY A C   1 
ATOM   917  O O   . GLY A 1 117 ? -12.632 -6.791  -7.294  1.00 36.42 ? 117 GLY A O   1 
ATOM   918  N N   . VAL A 1 118 ? -10.660 -5.690  -7.274  1.00 32.93 ? 118 VAL A N   1 
ATOM   919  C CA  . VAL A 1 118 ? -9.861  -6.853  -6.894  1.00 30.01 ? 118 VAL A CA  1 
ATOM   920  C C   . VAL A 1 118 ? -9.054  -6.516  -5.645  1.00 28.95 ? 118 VAL A C   1 
ATOM   921  O O   . VAL A 1 118 ? -8.345  -5.512  -5.615  1.00 29.39 ? 118 VAL A O   1 
ATOM   922  C CB  . VAL A 1 118 ? -8.874  -7.261  -8.010  1.00 29.32 ? 118 VAL A CB  1 
ATOM   923  C CG1 . VAL A 1 118 ? -7.987  -8.407  -7.530  1.00 27.93 ? 118 VAL A CG1 1 
ATOM   924  C CG2 . VAL A 1 118 ? -9.638  -7.671  -9.259  1.00 28.64 ? 118 VAL A CG2 1 
ATOM   925  N N   . THR A 1 119 ? -9.161  -7.357  -4.621  1.00 26.98 ? 119 THR A N   1 
ATOM   926  C CA  . THR A 1 119 ? -8.440  -7.142  -3.371  1.00 25.29 ? 119 THR A CA  1 
ATOM   927  C C   . THR A 1 119 ? -7.322  -8.164  -3.190  1.00 25.61 ? 119 THR A C   1 
ATOM   928  O O   . THR A 1 119 ? -7.554  -9.371  -3.223  1.00 24.33 ? 119 THR A O   1 
ATOM   929  C CB  . THR A 1 119 ? -9.384  -7.232  -2.154  1.00 24.21 ? 119 THR A CB  1 
ATOM   930  O OG1 . THR A 1 119 ? -10.442 -6.278  -2.302  1.00 22.94 ? 119 THR A OG1 1 
ATOM   931  C CG2 . THR A 1 119 ? -8.620  -6.939  -0.864  1.00 23.18 ? 119 THR A CG2 1 
ATOM   932  N N   . ILE A 1 120 ? -6.102  -7.663  -3.012  1.00 26.44 ? 120 ILE A N   1 
ATOM   933  C CA  . ILE A 1 120 ? -4.926  -8.509  -2.817  1.00 26.14 ? 120 ILE A CA  1 
ATOM   934  C C   . ILE A 1 120 ? -4.350  -8.145  -1.457  1.00 26.75 ? 120 ILE A C   1 
ATOM   935  O O   . ILE A 1 120 ? -4.235  -6.963  -1.138  1.00 26.52 ? 120 ILE A O   1 
ATOM   936  C CB  . ILE A 1 120 ? -3.830  -8.222  -3.881  1.00 25.93 ? 120 ILE A CB  1 
ATOM   937  C CG1 . ILE A 1 120 ? -4.407  -8.337  -5.305  1.00 28.10 ? 120 ILE A CG1 1 
ATOM   938  C CG2 . ILE A 1 120 ? -2.658  -9.160  -3.674  1.00 25.59 ? 120 ILE A CG2 1 
ATOM   939  C CD1 . ILE A 1 120 ? -5.017  -9.682  -5.655  1.00 26.81 ? 120 ILE A CD1 1 
ATOM   940  N N   . GLU A 1 121 ? -4.000  -9.137  -0.647  1.00 27.58 ? 121 GLU A N   1 
ATOM   941  C CA  . GLU A 1 121 ? -3.414  -8.831  0.660   1.00 28.93 ? 121 GLU A CA  1 
ATOM   942  C C   . GLU A 1 121 ? -1.911  -8.650  0.533   1.00 27.76 ? 121 GLU A C   1 
ATOM   943  O O   . GLU A 1 121 ? -1.251  -9.395  -0.194  1.00 26.50 ? 121 GLU A O   1 
ATOM   944  C CB  . GLU A 1 121 ? -3.671  -9.945  1.665   1.00 30.86 ? 121 GLU A CB  1 
ATOM   945  C CG  . GLU A 1 121 ? -5.110  -10.169 2.018   1.00 35.73 ? 121 GLU A CG  1 
ATOM   946  C CD  . GLU A 1 121 ? -5.245  -11.100 3.207   1.00 38.49 ? 121 GLU A CD  1 
ATOM   947  O OE1 . GLU A 1 121 ? -4.583  -12.162 3.206   1.00 38.22 ? 121 GLU A OE1 1 
ATOM   948  O OE2 . GLU A 1 121 ? -6.011  -10.768 4.138   1.00 41.45 ? 121 GLU A OE2 1 
ATOM   949  N N   . ASP A 1 122 ? -1.364  -7.662  1.235   1.00 27.46 ? 122 ASP A N   1 
ATOM   950  C CA  . ASP A 1 122 ? 0.074   -7.446  1.182   1.00 26.47 ? 122 ASP A CA  1 
ATOM   951  C C   . ASP A 1 122 ? 0.667   -8.435  2.190   1.00 25.18 ? 122 ASP A C   1 
ATOM   952  O O   . ASP A 1 122 ? -0.081  -9.129  2.878   1.00 24.01 ? 122 ASP A O   1 
ATOM   953  C CB  . ASP A 1 122 ? 0.407   -5.962  1.470   1.00 25.61 ? 122 ASP A CB  1 
ATOM   954  C CG  . ASP A 1 122 ? 0.504   -5.622  2.954   1.00 28.20 ? 122 ASP A CG  1 
ATOM   955  O OD1 . ASP A 1 122 ? 0.017   -6.382  3.821   1.00 29.62 ? 122 ASP A OD1 1 
ATOM   956  O OD2 . ASP A 1 122 ? 1.071   -4.548  3.251   1.00 26.87 ? 122 ASP A OD2 1 
ATOM   957  N N   . PRO A 1 123 ? 2.003   -8.536  2.276   1.00 24.65 ? 123 PRO A N   1 
ATOM   958  C CA  . PRO A 1 123 ? 2.622   -9.477  3.218   1.00 24.33 ? 123 PRO A CA  1 
ATOM   959  C C   . PRO A 1 123 ? 2.082   -9.478  4.657   1.00 24.89 ? 123 PRO A C   1 
ATOM   960  O O   . PRO A 1 123 ? 2.109   -10.515 5.330   1.00 24.47 ? 123 PRO A O   1 
ATOM   961  C CB  . PRO A 1 123 ? 4.101   -9.099  3.154   1.00 23.95 ? 123 PRO A CB  1 
ATOM   962  C CG  . PRO A 1 123 ? 4.256   -8.623  1.753   1.00 24.25 ? 123 PRO A CG  1 
ATOM   963  C CD  . PRO A 1 123 ? 3.034   -7.768  1.559   1.00 24.05 ? 123 PRO A CD  1 
ATOM   964  N N   . ASP A 1 124 ? 1.588   -8.334  5.128   1.00 23.41 ? 124 ASP A N   1 
ATOM   965  C CA  . ASP A 1 124 ? 1.080   -8.253  6.491   1.00 23.56 ? 124 ASP A CA  1 
ATOM   966  C C   . ASP A 1 124 ? -0.428  -8.156  6.627   1.00 23.91 ? 124 ASP A C   1 
ATOM   967  O O   . ASP A 1 124 ? -0.933  -7.743  7.671   1.00 23.74 ? 124 ASP A O   1 
ATOM   968  C CB  . ASP A 1 124 ? 1.741   -7.095  7.244   1.00 24.69 ? 124 ASP A CB  1 
ATOM   969  C CG  . ASP A 1 124 ? 3.223   -7.334  7.493   1.00 26.76 ? 124 ASP A CG  1 
ATOM   970  O OD1 . ASP A 1 124 ? 3.583   -8.471  7.879   1.00 25.81 ? 124 ASP A OD1 1 
ATOM   971  O OD2 . ASP A 1 124 ? 4.023   -6.389  7.314   1.00 26.65 ? 124 ASP A OD2 1 
ATOM   972  N N   . GLY A 1 125 ? -1.145  -8.527  5.570   1.00 23.94 ? 125 GLY A N   1 
ATOM   973  C CA  . GLY A 1 125 ? -2.595  -8.529  5.627   1.00 23.31 ? 125 GLY A CA  1 
ATOM   974  C C   . GLY A 1 125 ? -3.332  -7.240  5.353   1.00 24.45 ? 125 GLY A C   1 
ATOM   975  O O   . GLY A 1 125 ? -4.540  -7.167  5.581   1.00 24.23 ? 125 GLY A O   1 
ATOM   976  N N   . TRP A 1 126 ? -2.625  -6.212  4.899   1.00 24.08 ? 126 TRP A N   1 
ATOM   977  C CA  . TRP A 1 126 ? -3.291  -4.959  4.581   1.00 23.40 ? 126 TRP A CA  1 
ATOM   978  C C   . TRP A 1 126 ? -4.019  -5.252  3.271   1.00 23.55 ? 126 TRP A C   1 
ATOM   979  O O   . TRP A 1 126 ? -3.459  -5.905  2.392   1.00 23.29 ? 126 TRP A O   1 
ATOM   980  C CB  . TRP A 1 126 ? -2.269  -3.830  4.399   1.00 21.75 ? 126 TRP A CB  1 
ATOM   981  C CG  . TRP A 1 126 ? -2.881  -2.449  4.470   1.00 21.53 ? 126 TRP A CG  1 
ATOM   982  C CD1 . TRP A 1 126 ? -4.109  -2.113  4.989   1.00 21.13 ? 126 TRP A CD1 1 
ATOM   983  C CD2 . TRP A 1 126 ? -2.277  -1.217  4.051   1.00 20.94 ? 126 TRP A CD2 1 
ATOM   984  N NE1 . TRP A 1 126 ? -4.299  -0.755  4.917   1.00 20.35 ? 126 TRP A NE1 1 
ATOM   985  C CE2 . TRP A 1 126 ? -3.193  -0.181  4.346   1.00 20.71 ? 126 TRP A CE2 1 
ATOM   986  C CE3 . TRP A 1 126 ? -1.049  -0.888  3.459   1.00 18.85 ? 126 TRP A CE3 1 
ATOM   987  C CZ2 . TRP A 1 126 ? -2.916  1.163   4.069   1.00 19.83 ? 126 TRP A CZ2 1 
ATOM   988  C CZ3 . TRP A 1 126 ? -0.774  0.448   3.187   1.00 17.48 ? 126 TRP A CZ3 1 
ATOM   989  C CH2 . TRP A 1 126 ? -1.705  1.455   3.492   1.00 17.72 ? 126 TRP A CH2 1 
ATOM   990  N N   . ARG A 1 127 ? -5.267  -4.803  3.157   1.00 23.58 ? 127 ARG A N   1 
ATOM   991  C CA  . ARG A 1 127 ? -6.069  -5.042  1.957   1.00 24.72 ? 127 ARG A CA  1 
ATOM   992  C C   . ARG A 1 127 ? -5.793  -4.004  0.862   1.00 24.99 ? 127 ARG A C   1 
ATOM   993  O O   . ARG A 1 127 ? -6.167  -2.836  0.981   1.00 23.51 ? 127 ARG A O   1 
ATOM   994  C CB  . ARG A 1 127 ? -7.567  -5.033  2.307   1.00 26.62 ? 127 ARG A CB  1 
ATOM   995  C CG  . ARG A 1 127 ? -8.038  -6.141  3.260   1.00 29.25 ? 127 ARG A CG  1 
ATOM   996  C CD  . ARG A 1 127 ? -7.959  -7.507  2.613   1.00 30.92 ? 127 ARG A CD  1 
ATOM   997  N NE  . ARG A 1 127 ? -8.287  -8.603  3.527   1.00 34.17 ? 127 ARG A NE  1 
ATOM   998  C CZ  . ARG A 1 127 ? -9.500  -9.130  3.690   1.00 35.14 ? 127 ARG A CZ  1 
ATOM   999  N NH1 . ARG A 1 127 ? -10.539 -8.671  3.008   1.00 35.61 ? 127 ARG A NH1 1 
ATOM   1000 N NH2 . ARG A 1 127 ? -9.666  -10.149 4.518   1.00 36.05 ? 127 ARG A NH2 1 
ATOM   1001 N N   . ILE A 1 128 ? -5.131  -4.440  -0.203  1.00 23.39 ? 128 ILE A N   1 
ATOM   1002 C CA  . ILE A 1 128 ? -4.823  -3.553  -1.317  1.00 23.44 ? 128 ILE A CA  1 
ATOM   1003 C C   . ILE A 1 128 ? -5.906  -3.765  -2.386  1.00 23.97 ? 128 ILE A C   1 
ATOM   1004 O O   . ILE A 1 128 ? -6.003  -4.830  -3.008  1.00 22.45 ? 128 ILE A O   1 
ATOM   1005 C CB  . ILE A 1 128 ? -3.413  -3.852  -1.904  1.00 22.06 ? 128 ILE A CB  1 
ATOM   1006 C CG1 . ILE A 1 128 ? -2.393  -4.004  -0.769  1.00 21.30 ? 128 ILE A CG1 1 
ATOM   1007 C CG2 . ILE A 1 128 ? -2.976  -2.718  -2.831  1.00 22.31 ? 128 ILE A CG2 1 
ATOM   1008 C CD1 . ILE A 1 128 ? -2.338  -2.825  0.177   1.00 20.56 ? 128 ILE A CD1 1 
ATOM   1009 N N   . VAL A 1 129 ? -6.727  -2.744  -2.591  1.00 24.38 ? 129 VAL A N   1 
ATOM   1010 C CA  . VAL A 1 129 ? -7.812  -2.835  -3.553  1.00 24.15 ? 129 VAL A CA  1 
ATOM   1011 C C   . VAL A 1 129 ? -7.550  -2.069  -4.842  1.00 25.32 ? 129 VAL A C   1 
ATOM   1012 O O   . VAL A 1 129 ? -7.019  -0.959  -4.839  1.00 24.46 ? 129 VAL A O   1 
ATOM   1013 C CB  . VAL A 1 129 ? -9.140  -2.329  -2.925  1.00 23.04 ? 129 VAL A CB  1 
ATOM   1014 C CG1 . VAL A 1 129 ? -10.322 -2.621  -3.854  1.00 21.38 ? 129 VAL A CG1 1 
ATOM   1015 C CG2 . VAL A 1 129 ? -9.343  -2.985  -1.573  1.00 23.65 ? 129 VAL A CG2 1 
ATOM   1016 N N   . PHE A 1 130 ? -7.918  -2.693  -5.950  1.00 26.52 ? 130 PHE A N   1 
ATOM   1017 C CA  . PHE A 1 130 ? -7.785  -2.088  -7.266  1.00 28.21 ? 130 PHE A CA  1 
ATOM   1018 C C   . PHE A 1 130 ? -9.216  -2.007  -7.805  1.00 28.99 ? 130 PHE A C   1 
ATOM   1019 O O   . PHE A 1 130 ? -9.814  -3.019  -8.180  1.00 28.44 ? 130 PHE A O   1 
ATOM   1020 C CB  . PHE A 1 130 ? -6.890  -2.968  -8.139  1.00 28.51 ? 130 PHE A CB  1 
ATOM   1021 C CG  . PHE A 1 130 ? -5.501  -3.126  -7.591  1.00 29.15 ? 130 PHE A CG  1 
ATOM   1022 C CD1 . PHE A 1 130 ? -4.496  -2.222  -7.930  1.00 30.51 ? 130 PHE A CD1 1 
ATOM   1023 C CD2 . PHE A 1 130 ? -5.211  -4.140  -6.683  1.00 28.23 ? 130 PHE A CD2 1 
ATOM   1024 C CE1 . PHE A 1 130 ? -3.217  -2.323  -7.371  1.00 30.40 ? 130 PHE A CE1 1 
ATOM   1025 C CE2 . PHE A 1 130 ? -3.943  -4.252  -6.118  1.00 28.93 ? 130 PHE A CE2 1 
ATOM   1026 C CZ  . PHE A 1 130 ? -2.942  -3.340  -6.462  1.00 29.57 ? 130 PHE A CZ  1 
ATOM   1027 N N   . MET A 1 131 ? -9.771  -0.798  -7.799  1.00 30.67 ? 131 MET A N   1 
ATOM   1028 C CA  . MET A 1 131 ? -11.138 -0.571  -8.253  1.00 32.40 ? 131 MET A CA  1 
ATOM   1029 C C   . MET A 1 131 ? -11.176 0.020   -9.662  1.00 34.24 ? 131 MET A C   1 
ATOM   1030 O O   . MET A 1 131 ? -10.501 1.014   -9.963  1.00 33.27 ? 131 MET A O   1 
ATOM   1031 C CB  . MET A 1 131 ? -11.866 0.347   -7.259  1.00 33.00 ? 131 MET A CB  1 
ATOM   1032 C CG  . MET A 1 131 ? -13.347 0.609   -7.559  1.00 34.73 ? 131 MET A CG  1 
ATOM   1033 S SD  . MET A 1 131 ? -14.400 -0.861  -7.700  1.00 35.34 ? 131 MET A SD  1 
ATOM   1034 C CE  . MET A 1 131 ? -14.189 -1.594  -6.120  1.00 33.90 ? 131 MET A CE  1 
ATOM   1035 N N   . ASN A 1 132 ? -11.968 -0.608  -10.526 1.00 35.96 ? 132 ASN A N   1 
ATOM   1036 C CA  . ASN A 1 132 ? -12.093 -0.162  -11.905 1.00 37.70 ? 132 ASN A CA  1 
ATOM   1037 C C   . ASN A 1 132 ? -13.014 1.040   -12.014 1.00 37.84 ? 132 ASN A C   1 
ATOM   1038 O O   . ASN A 1 132 ? -14.140 0.921   -12.487 1.00 39.69 ? 132 ASN A O   1 
ATOM   1039 C CB  . ASN A 1 132 ? -12.638 -1.288  -12.783 1.00 38.54 ? 132 ASN A CB  1 
ATOM   1040 C CG  . ASN A 1 132 ? -12.488 -0.994  -14.264 1.00 39.54 ? 132 ASN A CG  1 
ATOM   1041 O OD1 . ASN A 1 132 ? -13.192 -1.565  -15.096 1.00 41.78 ? 132 ASN A OD1 1 
ATOM   1042 N ND2 . ASN A 1 132 ? -11.554 -0.110  -14.602 1.00 39.63 ? 132 ASN A ND2 1 
ATOM   1043 N N   . SER A 1 133 ? -12.547 2.194   -11.563 1.00 37.88 ? 133 SER A N   1 
ATOM   1044 C CA  . SER A 1 133 ? -13.348 3.405   -11.652 1.00 39.50 ? 133 SER A CA  1 
ATOM   1045 C C   . SER A 1 133 ? -12.445 4.617   -11.529 1.00 39.76 ? 133 SER A C   1 
ATOM   1046 O O   . SER A 1 133 ? -11.226 4.488   -11.517 1.00 40.72 ? 133 SER A O   1 
ATOM   1047 C CB  . SER A 1 133 ? -14.436 3.431   -10.567 1.00 39.36 ? 133 SER A CB  1 
ATOM   1048 O OG  . SER A 1 133 ? -13.900 3.646   -9.278  1.00 40.07 ? 133 SER A OG  1 
ATOM   1049 N N   . LYS A 1 134 ? -13.041 5.796   -11.449 1.00 40.33 ? 134 LYS A N   1 
ATOM   1050 C CA  . LYS A 1 134 ? -12.262 7.014   -11.334 1.00 41.57 ? 134 LYS A CA  1 
ATOM   1051 C C   . LYS A 1 134 ? -12.341 7.592   -9.924  1.00 40.59 ? 134 LYS A C   1 
ATOM   1052 O O   . LYS A 1 134 ? -11.738 8.627   -9.635  1.00 40.83 ? 134 LYS A O   1 
ATOM   1053 C CB  . LYS A 1 134 ? -12.750 8.043   -12.361 1.00 44.96 ? 134 LYS A CB  1 
ATOM   1054 C CG  . LYS A 1 134 ? -12.580 7.605   -13.816 1.00 48.34 ? 134 LYS A CG  1 
ATOM   1055 C CD  . LYS A 1 134 ? -12.868 8.745   -14.794 1.00 51.29 ? 134 LYS A CD  1 
ATOM   1056 C CE  . LYS A 1 134 ? -14.348 9.123   -14.836 1.00 54.56 ? 134 LYS A CE  1 
ATOM   1057 N NZ  . LYS A 1 134 ? -15.203 8.062   -15.463 1.00 58.53 ? 134 LYS A NZ  1 
ATOM   1058 N N   . GLY A 1 135 ? -13.084 6.916   -9.051  1.00 38.99 ? 135 GLY A N   1 
ATOM   1059 C CA  . GLY A 1 135 ? -13.222 7.371   -7.677  1.00 39.06 ? 135 GLY A CA  1 
ATOM   1060 C C   . GLY A 1 135 ? -14.472 8.193   -7.433  1.00 38.51 ? 135 GLY A C   1 
ATOM   1061 O O   . GLY A 1 135 ? -15.499 7.979   -8.078  1.00 38.40 ? 135 GLY A O   1 
ATOM   1062 N N   . ILE A 1 136 ? -14.401 9.123   -6.486  1.00 38.14 ? 136 ILE A N   1 
ATOM   1063 C CA  . ILE A 1 136 ? -15.544 9.980   -6.194  1.00 38.28 ? 136 ILE A CA  1 
ATOM   1064 C C   . ILE A 1 136 ? -15.267 11.370  -6.756  1.00 37.71 ? 136 ILE A C   1 
ATOM   1065 O O   . ILE A 1 136 ? -14.114 11.797  -6.825  1.00 36.14 ? 136 ILE A O   1 
ATOM   1066 C CB  . ILE A 1 136 ? -15.833 10.074  -4.664  1.00 38.55 ? 136 ILE A CB  1 
ATOM   1067 C CG1 . ILE A 1 136 ? -14.625 10.630  -3.917  1.00 37.19 ? 136 ILE A CG1 1 
ATOM   1068 C CG2 . ILE A 1 136 ? -16.197 8.700   -4.114  1.00 38.67 ? 136 ILE A CG2 1 
ATOM   1069 C CD1 . ILE A 1 136 ? -14.828 10.661  -2.413  1.00 38.15 ? 136 ILE A CD1 1 
ATOM   1070 N N   . SER A 1 137 ? -16.324 12.060  -7.174  1.00 36.75 ? 137 SER A N   1 
ATOM   1071 C CA  . SER A 1 137 ? -16.199 13.397  -7.746  1.00 35.86 ? 137 SER A CA  1 
ATOM   1072 C C   . SER A 1 137 ? -15.852 14.428  -6.680  1.00 37.51 ? 137 SER A C   1 
ATOM   1073 O O   . SER A 1 137 ? -15.077 15.360  -6.921  1.00 36.66 ? 137 SER A O   1 
ATOM   1074 C CB  . SER A 1 137 ? -17.509 13.804  -8.421  1.00 34.91 ? 137 SER A CB  1 
ATOM   1075 O OG  . SER A 1 137 ? -18.539 13.973  -7.462  1.00 32.26 ? 137 SER A OG  1 
ATOM   1076 N N   . GLY A 1 138 ? -16.439 14.248  -5.500  1.00 38.95 ? 138 GLY A N   1 
ATOM   1077 C CA  . GLY A 1 138 ? -16.205 15.168  -4.406  1.00 40.31 ? 138 GLY A CA  1 
ATOM   1078 C C   . GLY A 1 138 ? -17.090 16.399  -4.502  1.00 42.41 ? 138 GLY A C   1 
ATOM   1079 O O   . GLY A 1 138 ? -17.038 17.264  -3.626  1.00 43.74 ? 138 GLY A O   1 
ATOM   1080 N N   . LYS A 1 139 ? -17.904 16.490  -5.555  1.00 43.56 ? 139 LYS A N   1 
ATOM   1081 C CA  . LYS A 1 139 ? -18.782 17.651  -5.722  1.00 45.01 ? 139 LYS A CA  1 
ATOM   1082 C C   . LYS A 1 139 ? -20.229 17.379  -5.312  1.00 45.88 ? 139 LYS A C   1 
ATOM   1083 O O   . LYS A 1 139 ? -20.562 16.212  -5.015  1.00 47.02 ? 139 LYS A O   1 
ATOM   1084 C CB  . LYS A 1 139 ? -18.747 18.163  -7.171  1.00 44.87 ? 139 LYS A CB  1 
ATOM   1085 C CG  . LYS A 1 139 ? -19.677 17.454  -8.146  1.00 45.48 ? 139 LYS A CG  1 
ATOM   1086 C CD  . LYS A 1 139 ? -19.891 18.307  -9.397  1.00 44.62 ? 139 LYS A CD  1 
ATOM   1087 C CE  . LYS A 1 139 ? -20.555 19.632  -9.041  1.00 45.29 ? 139 LYS A CE  1 
ATOM   1088 N NZ  . LYS A 1 139 ? -20.714 20.549  -10.202 1.00 43.47 ? 139 LYS A NZ  1 
ATOM   1089 O OXT . LYS A 1 139 ? -21.015 18.348  -5.294  1.00 48.00 ? 139 LYS A OXT 1 
HETATM 1090 O O   . HOH B 2 .   ? 1.008   -3.455  5.816   1.00 19.86 ? 301 HOH A O   1 
HETATM 1091 O O   . HOH B 2 .   ? -10.962 -9.807  -4.717  1.00 18.25 ? 302 HOH A O   1 
HETATM 1092 O O   . HOH B 2 .   ? -7.248  -4.503  13.559  1.00 28.33 ? 303 HOH A O   1 
HETATM 1093 O O   . HOH B 2 .   ? 3.145   11.340  -4.411  1.00 24.98 ? 304 HOH A O   1 
HETATM 1094 O O   . HOH B 2 .   ? -1.018  -12.018 -0.020  1.00 18.14 ? 305 HOH A O   1 
HETATM 1095 O O   . HOH B 2 .   ? 5.134   -8.435  10.041  1.00 25.79 ? 306 HOH A O   1 
HETATM 1096 O O   . HOH B 2 .   ? -6.267  1.523   5.818   1.00 27.02 ? 307 HOH A O   1 
HETATM 1097 O O   . HOH B 2 .   ? 3.118   -3.709  7.339   1.00 27.53 ? 308 HOH A O   1 
HETATM 1098 O O   . HOH B 2 .   ? -13.436 0.386   5.143   1.00 27.05 ? 309 HOH A O   1 
HETATM 1099 O O   . HOH B 2 .   ? -1.628  -5.401  8.809   1.00 28.40 ? 310 HOH A O   1 
HETATM 1100 O O   . HOH B 2 .   ? 2.990   24.933  6.873   1.00 39.01 ? 311 HOH A O   1 
HETATM 1101 O O   . HOH B 2 .   ? 14.712  10.810  0.199   1.00 29.17 ? 312 HOH A O   1 
HETATM 1102 O O   . HOH B 2 .   ? -11.771 -5.081  -0.199  1.00 32.66 ? 313 HOH A O   1 
HETATM 1103 O O   . HOH B 2 .   ? 6.081   -3.870  17.011  1.00 40.74 ? 314 HOH A O   1 
HETATM 1104 O O   . HOH B 2 .   ? 5.984   5.138   -7.057  1.00 29.75 ? 315 HOH A O   1 
HETATM 1105 O O   . HOH B 2 .   ? -11.730 -6.313  2.211   1.00 29.90 ? 316 HOH A O   1 
HETATM 1106 O O   . HOH B 2 .   ? -20.658 13.666  -5.308  1.00 32.53 ? 317 HOH A O   1 
HETATM 1107 O O   . HOH B 2 .   ? 12.579  1.804   -6.449  1.00 35.40 ? 318 HOH A O   1 
HETATM 1108 O O   . HOH B 2 .   ? 7.649   6.149   11.598  1.00 29.79 ? 319 HOH A O   1 
HETATM 1109 O O   . HOH B 2 .   ? -16.412 -0.768  8.737   1.00 34.30 ? 320 HOH A O   1 
HETATM 1110 O O   . HOH B 2 .   ? 1.943   -10.368 9.508   1.00 45.13 ? 321 HOH A O   1 
HETATM 1111 O O   . HOH B 2 .   ? -2.337  2.371   7.842   1.00 30.64 ? 322 HOH A O   1 
HETATM 1112 O O   . HOH B 2 .   ? -1.034  -17.166 -5.968  1.00 33.61 ? 323 HOH A O   1 
HETATM 1113 O O   . HOH B 2 .   ? -12.717 -7.351  -4.267  1.00 35.50 ? 324 HOH A O   1 
HETATM 1114 O O   . HOH B 2 .   ? 14.102  5.974   13.582  1.00 30.05 ? 325 HOH A O   1 
HETATM 1115 O O   . HOH B 2 .   ? -4.476  -0.465  9.054   1.00 41.39 ? 326 HOH A O   1 
HETATM 1116 O O   . HOH B 2 .   ? -2.878  25.746  11.755  1.00 49.16 ? 327 HOH A O   1 
HETATM 1117 O O   . HOH B 2 .   ? -6.461  -8.963  5.866   1.00 37.07 ? 328 HOH A O   1 
HETATM 1118 O O   . HOH B 2 .   ? 20.620  5.347   15.743  1.00 43.18 ? 329 HOH A O   1 
HETATM 1119 O O   . HOH B 2 .   ? 5.888   14.618  -5.182  1.00 49.53 ? 330 HOH A O   1 
HETATM 1120 O O   . HOH B 2 .   ? -6.003  -5.017  6.884   1.00 32.13 ? 331 HOH A O   1 
HETATM 1121 O O   . HOH B 2 .   ? -0.781  -18.652 -4.007  1.00 32.94 ? 332 HOH A O   1 
HETATM 1122 O O   . HOH B 2 .   ? 13.115  -7.139  13.952  1.00 39.87 ? 333 HOH A O   1 
HETATM 1123 O O   . HOH B 2 .   ? 0.677   -9.242  -15.378 1.00 43.44 ? 334 HOH A O   1 
HETATM 1124 O O   . HOH B 2 .   ? -2.255  -13.116 2.149   1.00 36.88 ? 335 HOH A O   1 
HETATM 1125 O O   . HOH B 2 .   ? 11.124  -11.981 -6.025  1.00 41.29 ? 336 HOH A O   1 
HETATM 1126 O O   . HOH B 2 .   ? 2.095   -13.154 3.990   1.00 54.31 ? 337 HOH A O   1 
HETATM 1127 O O   . HOH B 2 .   ? -4.137  16.021  -3.535  1.00 44.55 ? 338 HOH A O   1 
HETATM 1128 O O   . HOH B 2 .   ? 5.435   3.786   -9.258  1.00 33.15 ? 339 HOH A O   1 
HETATM 1129 O O   . HOH B 2 .   ? 12.470  -6.724  -3.158  1.00 44.33 ? 340 HOH A O   1 
HETATM 1130 O O   . HOH B 2 .   ? -7.279  21.266  6.923   1.00 37.68 ? 341 HOH A O   1 
HETATM 1131 O O   . HOH B 2 .   ? -10.701 0.069   -19.387 1.00 48.92 ? 342 HOH A O   1 
HETATM 1132 O O   . HOH B 2 .   ? 12.764  -8.345  6.842   1.00 53.11 ? 343 HOH A O   1 
HETATM 1133 O O   . HOH B 2 .   ? -15.686 4.222   -4.974  1.00 40.71 ? 344 HOH A O   1 
HETATM 1134 O O   . HOH B 2 .   ? -3.932  -3.898  8.303   1.00 29.46 ? 345 HOH A O   1 
HETATM 1135 O O   . HOH B 2 .   ? 3.163   -8.815  12.368  1.00 51.91 ? 346 HOH A O   1 
HETATM 1136 O O   . HOH B 2 .   ? -0.012  -8.493  12.604  1.00 47.36 ? 347 HOH A O   1 
HETATM 1137 O O   . HOH B 2 .   ? 12.799  -7.666  -0.754  1.00 38.70 ? 348 HOH A O   1 
HETATM 1138 O O   . HOH B 2 .   ? -0.965  -11.541 4.056   1.00 52.31 ? 349 HOH A O   1 
HETATM 1139 O O   . HOH B 2 .   ? 10.266  0.317   -7.930  1.00 39.81 ? 350 HOH A O   1 
HETATM 1140 O O   . HOH B 2 .   ? 15.144  -6.722  0.488   1.00 43.51 ? 351 HOH A O   1 
HETATM 1141 O O   . HOH B 2 .   ? -13.887 -9.450  -7.895  1.00 43.46 ? 352 HOH A O   1 
HETATM 1142 O O   . HOH B 2 .   ? -5.453  -2.800  10.060  1.00 42.36 ? 353 HOH A O   1 
HETATM 1143 O O   . HOH B 2 .   ? 11.248  7.609   10.233  1.00 43.48 ? 354 HOH A O   1 
HETATM 1144 O O   . HOH B 2 .   ? -17.216 -9.809  -1.545  1.00 50.13 ? 355 HOH A O   1 
HETATM 1145 O O   . HOH B 2 .   ? 6.549   -10.748 0.007   1.00 27.66 ? 356 HOH A O   1 
HETATM 1146 O O   . HOH B 2 .   ? 11.419  -10.156 5.367   1.00 43.17 ? 357 HOH A O   1 
HETATM 1147 O O   . HOH B 2 .   ? 13.798  -4.731  -4.339  1.00 43.82 ? 358 HOH A O   1 
HETATM 1148 O O   . HOH B 2 .   ? 11.516  -1.962  -9.815  1.00 43.80 ? 359 HOH A O   1 
HETATM 1149 O O   . HOH B 2 .   ? 16.685  7.998   -3.069  1.00 37.42 ? 360 HOH A O   1 
HETATM 1150 O O   . HOH B 2 .   ? 16.434  -1.179  4.202   1.00 33.59 ? 361 HOH A O   1 
HETATM 1151 O O   . HOH B 2 .   ? 0.777   -5.875  16.256  1.00 29.00 ? 362 HOH A O   1 
HETATM 1152 O O   . HOH B 2 .   ? -0.828  -4.285  17.851  1.00 39.35 ? 363 HOH A O   1 
HETATM 1153 O O   . HOH B 2 .   ? -0.336  -9.178  10.088  1.00 39.81 ? 364 HOH A O   1 
HETATM 1154 O O   . HOH B 2 .   ? -17.353 4.892   -2.630  1.00 41.58 ? 365 HOH A O   1 
HETATM 1155 O O   . HOH B 2 .   ? -7.913  -9.777  7.950   1.00 42.63 ? 366 HOH A O   1 
HETATM 1156 O O   . HOH B 2 .   ? 16.389  -3.796  -0.676  1.00 42.34 ? 367 HOH A O   1 
HETATM 1157 O O   . HOH B 2 .   ? -0.782  -9.448  -17.740 1.00 48.85 ? 368 HOH A O   1 
HETATM 1158 O O   . HOH B 2 .   ? -2.571  -11.920 6.723   1.00 46.14 ? 369 HOH A O   1 
HETATM 1159 O O   . HOH B 2 .   ? -11.284 -14.348 1.000   1.00 49.10 ? 370 HOH A O   1 
HETATM 1160 O O   . HOH B 2 .   ? 23.515  2.585   9.768   1.00 51.80 ? 371 HOH A O   1 
HETATM 1161 O O   . HOH B 2 .   ? 8.785   13.575  -5.673  1.00 50.51 ? 372 HOH A O   1 
HETATM 1162 O O   . HOH B 2 .   ? 17.543  6.685   -0.929  1.00 57.92 ? 373 HOH A O   1 
HETATM 1163 O O   . HOH B 2 .   ? 19.584  -0.860  0.971   1.00 49.09 ? 374 HOH A O   1 
HETATM 1164 O O   . HOH B 2 .   ? 6.549   -9.808  13.566  1.00 51.84 ? 375 HOH A O   1 
HETATM 1165 O O   . HOH B 2 .   ? -7.025  -9.958  12.418  1.00 52.67 ? 376 HOH A O   1 
HETATM 1166 O O   . HOH B 2 .   ? 2.341   -11.617 -14.646 1.00 56.97 ? 377 HOH A O   1 
HETATM 1167 O O   . HOH B 2 .   ? -3.538  -6.733  -18.942 1.00 55.63 ? 378 HOH A O   1 
HETATM 1168 O O   . HOH B 2 .   ? 12.351  -10.057 9.197   1.00 51.74 ? 379 HOH A O   1 
# 
